data_1D4H
# 
_entry.id   1D4H 
# 
_audit_conform.dict_name       mmcif_pdbx.dic 
_audit_conform.dict_version    5.385 
_audit_conform.dict_location   http://mmcif.pdb.org/dictionaries/ascii/mmcif_pdbx.dic 
# 
loop_
_database_2.database_id 
_database_2.database_code 
_database_2.pdbx_database_accession 
_database_2.pdbx_DOI 
PDB   1D4H         pdb_00001d4h 10.2210/pdb1d4h/pdb 
RCSB  RCSB009781   ?            ?                   
WWPDB D_1000009781 ?            ?                   
# 
loop_
_pdbx_audit_revision_history.ordinal 
_pdbx_audit_revision_history.data_content_type 
_pdbx_audit_revision_history.major_revision 
_pdbx_audit_revision_history.minor_revision 
_pdbx_audit_revision_history.revision_date 
1 'Structure model' 1 0 2002-06-26 
2 'Structure model' 1 1 2008-04-27 
3 'Structure model' 1 2 2011-07-13 
4 'Structure model' 1 3 2024-02-07 
# 
_pdbx_audit_revision_details.ordinal             1 
_pdbx_audit_revision_details.revision_ordinal    1 
_pdbx_audit_revision_details.data_content_type   'Structure model' 
_pdbx_audit_revision_details.provider            repository 
_pdbx_audit_revision_details.type                'Initial release' 
_pdbx_audit_revision_details.description         ? 
_pdbx_audit_revision_details.details             ? 
# 
loop_
_pdbx_audit_revision_group.ordinal 
_pdbx_audit_revision_group.revision_ordinal 
_pdbx_audit_revision_group.data_content_type 
_pdbx_audit_revision_group.group 
1 2 'Structure model' 'Version format compliance' 
2 3 'Structure model' 'Version format compliance' 
3 4 'Structure model' 'Data collection'           
4 4 'Structure model' 'Database references'       
5 4 'Structure model' 'Derived calculations'      
# 
loop_
_pdbx_audit_revision_category.ordinal 
_pdbx_audit_revision_category.revision_ordinal 
_pdbx_audit_revision_category.data_content_type 
_pdbx_audit_revision_category.category 
1 4 'Structure model' chem_comp_atom 
2 4 'Structure model' chem_comp_bond 
3 4 'Structure model' database_2     
4 4 'Structure model' struct_site    
# 
loop_
_pdbx_audit_revision_item.ordinal 
_pdbx_audit_revision_item.revision_ordinal 
_pdbx_audit_revision_item.data_content_type 
_pdbx_audit_revision_item.item 
1 4 'Structure model' '_database_2.pdbx_DOI'                
2 4 'Structure model' '_database_2.pdbx_database_accession' 
3 4 'Structure model' '_struct_site.pdbx_auth_asym_id'      
4 4 'Structure model' '_struct_site.pdbx_auth_comp_id'      
5 4 'Structure model' '_struct_site.pdbx_auth_seq_id'       
# 
_pdbx_database_status.status_code                     REL 
_pdbx_database_status.entry_id                        1D4H 
_pdbx_database_status.recvd_initial_deposition_date   1999-10-04 
_pdbx_database_status.deposit_site                    RCSB 
_pdbx_database_status.process_site                    RCSB 
_pdbx_database_status.status_code_sf                  REL 
_pdbx_database_status.status_code_mr                  ? 
_pdbx_database_status.SG_entry                        ? 
_pdbx_database_status.pdb_format_compatible           Y 
_pdbx_database_status.status_code_cs                  ? 
_pdbx_database_status.status_code_nmr_data            ? 
_pdbx_database_status.methods_development_category    ? 
# 
loop_
_pdbx_database_related.db_name 
_pdbx_database_related.db_id 
_pdbx_database_related.details 
_pdbx_database_related.content_type 
PDB 1AJV 'same protein complexed with the cyclic sulfamide inhibitor aha006' unspecified 
PDB 1AJX 'same protein complexed with the cyclic urea inhibitor aha001'      unspecified 
PDB 1D4H 'same protein complexed with BEA435'                                unspecified 
PDB 1D4I 'same protein complexed with BEA425'                                unspecified 
PDB 1D4J 'same protein complexed with MSL370'                                unspecified 
# 
_audit_author.name           'Unge, T.' 
_audit_author.pdbx_ordinal   1 
# 
_citation.id                        primary 
_citation.title                     'Optimization of P1-P3 groups in symmetric and asymmetric HIV-1 protease inhibitors.' 
_citation.journal_abbrev            Eur.J.Biochem. 
_citation.journal_volume            270 
_citation.page_first                1746 
_citation.page_last                 1758 
_citation.year                      2003 
_citation.journal_id_ASTM           EJBCAI 
_citation.country                   IX 
_citation.journal_id_ISSN           0014-2956 
_citation.journal_id_CSD            0262 
_citation.book_publisher            ? 
_citation.pdbx_database_id_PubMed   12694187 
_citation.pdbx_database_id_DOI      10.1046/j.1432-1033.2003.03533.x 
# 
loop_
_citation_author.citation_id 
_citation_author.name 
_citation_author.ordinal 
_citation_author.identifier_ORCID 
primary 'Andersson, H.O.'  1  ? 
primary 'Fridborg, K.'     2  ? 
primary 'Lowgren, S.'      3  ? 
primary 'Alterman, M.'     4  ? 
primary 'Muhlman, A.'      5  ? 
primary 'Bjorsne, M.'      6  ? 
primary 'Garg, N.'         7  ? 
primary 'Kvarnstrom, I.'   8  ? 
primary 'Schaal, W.'       9  ? 
primary 'Classon, B.'      10 ? 
primary 'Danielsson, U.H.' 11 ? 
primary 'Ahlsen, G.'       12 ? 
primary 'Nillroth, U.'     13 ? 
primary 'Vrang, L.'        14 ? 
primary 'Oberg, B.'        15 ? 
primary 'Samuelsson, B.'   16 ? 
primary 'Hallberg, A.'     17 ? 
primary 'Unge, T.'         18 ? 
# 
loop_
_entity.id 
_entity.type 
_entity.src_method 
_entity.pdbx_description 
_entity.formula_weight 
_entity.pdbx_number_of_molecules 
_entity.pdbx_ec 
_entity.pdbx_mutation 
_entity.pdbx_fragment 
_entity.details 
1 polymer     man 'HIV-1 PROTEASE'                                                                          10803.756 2   
3.4.23.16 ? ? ? 
2 non-polymer syn '2,5-DIBENZYLOXY-3,4-DIHYDROXY-HEXANEDIOIC ACID BENZYLAMIDE (2-HYDROXY-INDAN-1-YL)-AMIDE' 610.696   1   ? ? ? ? 
3 water       nat water                                                                                     18.015    129 ? ? ? ? 
# 
_entity_poly.entity_id                      1 
_entity_poly.type                           'polypeptide(L)' 
_entity_poly.nstd_linkage                   no 
_entity_poly.nstd_monomer                   no 
_entity_poly.pdbx_seq_one_letter_code       
;PQITLWQRPLVTIKIGGQLKEALLDTGADDTVLEEMSLPGRWKPKMIGGIGGFIKVRQYDQILIEICGHKAIGTVLVGPT
PVNIIGRNLLTQIGCTLNF
;
_entity_poly.pdbx_seq_one_letter_code_can   
;PQITLWQRPLVTIKIGGQLKEALLDTGADDTVLEEMSLPGRWKPKMIGGIGGFIKVRQYDQILIEICGHKAIGTVLVGPT
PVNIIGRNLLTQIGCTLNF
;
_entity_poly.pdbx_strand_id                 A,B 
_entity_poly.pdbx_target_identifier         ? 
# 
loop_
_pdbx_entity_nonpoly.entity_id 
_pdbx_entity_nonpoly.name 
_pdbx_entity_nonpoly.comp_id 
2 '2,5-DIBENZYLOXY-3,4-DIHYDROXY-HEXANEDIOIC ACID BENZYLAMIDE (2-HYDROXY-INDAN-1-YL)-AMIDE' BEH 
3 water                                                                                     HOH 
# 
loop_
_entity_poly_seq.entity_id 
_entity_poly_seq.num 
_entity_poly_seq.mon_id 
_entity_poly_seq.hetero 
1 1  PRO n 
1 2  GLN n 
1 3  ILE n 
1 4  THR n 
1 5  LEU n 
1 6  TRP n 
1 7  GLN n 
1 8  ARG n 
1 9  PRO n 
1 10 LEU n 
1 11 VAL n 
1 12 THR n 
1 13 ILE n 
1 14 LYS n 
1 15 ILE n 
1 16 GLY n 
1 17 GLY n 
1 18 GLN n 
1 19 LEU n 
1 20 LYS n 
1 21 GLU n 
1 22 ALA n 
1 23 LEU n 
1 24 LEU n 
1 25 ASP n 
1 26 THR n 
1 27 GLY n 
1 28 ALA n 
1 29 ASP n 
1 30 ASP n 
1 31 THR n 
1 32 VAL n 
1 33 LEU n 
1 34 GLU n 
1 35 GLU n 
1 36 MET n 
1 37 SER n 
1 38 LEU n 
1 39 PRO n 
1 40 GLY n 
1 41 ARG n 
1 42 TRP n 
1 43 LYS n 
1 44 PRO n 
1 45 LYS n 
1 46 MET n 
1 47 ILE n 
1 48 GLY n 
1 49 GLY n 
1 50 ILE n 
1 51 GLY n 
1 52 GLY n 
1 53 PHE n 
1 54 ILE n 
1 55 LYS n 
1 56 VAL n 
1 57 ARG n 
1 58 GLN n 
1 59 TYR n 
1 60 ASP n 
1 61 GLN n 
1 62 ILE n 
1 63 LEU n 
1 64 ILE n 
1 65 GLU n 
1 66 ILE n 
1 67 CYS n 
1 68 GLY n 
1 69 HIS n 
1 70 LYS n 
1 71 ALA n 
1 72 ILE n 
1 73 GLY n 
1 74 THR n 
1 75 VAL n 
1 76 LEU n 
1 77 VAL n 
1 78 GLY n 
1 79 PRO n 
1 80 THR n 
1 81 PRO n 
1 82 VAL n 
1 83 ASN n 
1 84 ILE n 
1 85 ILE n 
1 86 GLY n 
1 87 ARG n 
1 88 ASN n 
1 89 LEU n 
1 90 LEU n 
1 91 THR n 
1 92 GLN n 
1 93 ILE n 
1 94 GLY n 
1 95 CYS n 
1 96 THR n 
1 97 LEU n 
1 98 ASN n 
1 99 PHE n 
# 
_entity_src_gen.entity_id                          1 
_entity_src_gen.pdbx_src_id                        1 
_entity_src_gen.pdbx_alt_source_flag               sample 
_entity_src_gen.pdbx_seq_type                      ? 
_entity_src_gen.pdbx_beg_seq_num                   ? 
_entity_src_gen.pdbx_end_seq_num                   ? 
_entity_src_gen.gene_src_common_name               ? 
_entity_src_gen.gene_src_genus                     Lentivirus 
_entity_src_gen.pdbx_gene_src_gene                 ? 
_entity_src_gen.gene_src_species                   ? 
_entity_src_gen.gene_src_strain                    BH10 
_entity_src_gen.gene_src_tissue                    ? 
_entity_src_gen.gene_src_tissue_fraction           ? 
_entity_src_gen.gene_src_details                   ? 
_entity_src_gen.pdbx_gene_src_fragment             ? 
_entity_src_gen.pdbx_gene_src_scientific_name      'Human immunodeficiency virus' 
_entity_src_gen.pdbx_gene_src_ncbi_taxonomy_id     12721 
_entity_src_gen.pdbx_gene_src_variant              ? 
_entity_src_gen.pdbx_gene_src_cell_line            ? 
_entity_src_gen.pdbx_gene_src_atcc                 ? 
_entity_src_gen.pdbx_gene_src_organ                ? 
_entity_src_gen.pdbx_gene_src_organelle            ? 
_entity_src_gen.pdbx_gene_src_cell                 ? 
_entity_src_gen.pdbx_gene_src_cellular_location    ? 
_entity_src_gen.host_org_common_name               ? 
_entity_src_gen.pdbx_host_org_scientific_name      'Escherichia coli' 
_entity_src_gen.pdbx_host_org_ncbi_taxonomy_id     562 
_entity_src_gen.host_org_genus                     Escherichia 
_entity_src_gen.pdbx_host_org_gene                 ? 
_entity_src_gen.pdbx_host_org_organ                ? 
_entity_src_gen.host_org_species                   ? 
_entity_src_gen.pdbx_host_org_tissue               ? 
_entity_src_gen.pdbx_host_org_tissue_fraction      ? 
_entity_src_gen.pdbx_host_org_strain               ? 
_entity_src_gen.pdbx_host_org_variant              ? 
_entity_src_gen.pdbx_host_org_cell_line            ? 
_entity_src_gen.pdbx_host_org_atcc                 ? 
_entity_src_gen.pdbx_host_org_culture_collection   ? 
_entity_src_gen.pdbx_host_org_cell                 ? 
_entity_src_gen.pdbx_host_org_organelle            ? 
_entity_src_gen.pdbx_host_org_cellular_location    ? 
_entity_src_gen.pdbx_host_org_vector_type          ? 
_entity_src_gen.pdbx_host_org_vector               ? 
_entity_src_gen.host_org_details                   ? 
_entity_src_gen.expression_system_id               ? 
_entity_src_gen.plasmid_name                       PET11C 
_entity_src_gen.plasmid_details                    ? 
_entity_src_gen.pdbx_description                   ? 
# 
loop_
_chem_comp.id 
_chem_comp.type 
_chem_comp.mon_nstd_flag 
_chem_comp.name 
_chem_comp.pdbx_synonyms 
_chem_comp.formula 
_chem_comp.formula_weight 
ALA 'L-peptide linking' y ALANINE                                                                                   ? 'C3 H7 N O2' 
89.093  
ARG 'L-peptide linking' y ARGININE                                                                                  ? 
'C6 H15 N4 O2 1' 175.209 
ASN 'L-peptide linking' y ASPARAGINE                                                                                ? 
'C4 H8 N2 O3'    132.118 
ASP 'L-peptide linking' y 'ASPARTIC ACID'                                                                           ? 'C4 H7 N O4' 
133.103 
BEH non-polymer         . '2,5-DIBENZYLOXY-3,4-DIHYDROXY-HEXANEDIOIC ACID BENZYLAMIDE (2-HYDROXY-INDAN-1-YL)-AMIDE' 
'INHIBITOR BEA435' 'C36 H38 N2 O7'  610.696 
CYS 'L-peptide linking' y CYSTEINE                                                                                  ? 
'C3 H7 N O2 S'   121.158 
GLN 'L-peptide linking' y GLUTAMINE                                                                                 ? 
'C5 H10 N2 O3'   146.144 
GLU 'L-peptide linking' y 'GLUTAMIC ACID'                                                                           ? 'C5 H9 N O4' 
147.129 
GLY 'peptide linking'   y GLYCINE                                                                                   ? 'C2 H5 N O2' 
75.067  
HIS 'L-peptide linking' y HISTIDINE                                                                                 ? 
'C6 H10 N3 O2 1' 156.162 
HOH non-polymer         . WATER                                                                                     ? 'H2 O' 
18.015  
ILE 'L-peptide linking' y ISOLEUCINE                                                                                ? 
'C6 H13 N O2'    131.173 
LEU 'L-peptide linking' y LEUCINE                                                                                   ? 
'C6 H13 N O2'    131.173 
LYS 'L-peptide linking' y LYSINE                                                                                    ? 
'C6 H15 N2 O2 1' 147.195 
MET 'L-peptide linking' y METHIONINE                                                                                ? 
'C5 H11 N O2 S'  149.211 
PHE 'L-peptide linking' y PHENYLALANINE                                                                             ? 
'C9 H11 N O2'    165.189 
PRO 'L-peptide linking' y PROLINE                                                                                   ? 'C5 H9 N O2' 
115.130 
SER 'L-peptide linking' y SERINE                                                                                    ? 'C3 H7 N O3' 
105.093 
THR 'L-peptide linking' y THREONINE                                                                                 ? 'C4 H9 N O3' 
119.119 
TRP 'L-peptide linking' y TRYPTOPHAN                                                                                ? 
'C11 H12 N2 O2'  204.225 
TYR 'L-peptide linking' y TYROSINE                                                                                  ? 
'C9 H11 N O3'    181.189 
VAL 'L-peptide linking' y VALINE                                                                                    ? 
'C5 H11 N O2'    117.146 
# 
loop_
_pdbx_poly_seq_scheme.asym_id 
_pdbx_poly_seq_scheme.entity_id 
_pdbx_poly_seq_scheme.seq_id 
_pdbx_poly_seq_scheme.mon_id 
_pdbx_poly_seq_scheme.ndb_seq_num 
_pdbx_poly_seq_scheme.pdb_seq_num 
_pdbx_poly_seq_scheme.auth_seq_num 
_pdbx_poly_seq_scheme.pdb_mon_id 
_pdbx_poly_seq_scheme.auth_mon_id 
_pdbx_poly_seq_scheme.pdb_strand_id 
_pdbx_poly_seq_scheme.pdb_ins_code 
_pdbx_poly_seq_scheme.hetero 
A 1 1  PRO 1  1   1   PRO PRO A . n 
A 1 2  GLN 2  2   2   GLN GLN A . n 
A 1 3  ILE 3  3   3   ILE ILE A . n 
A 1 4  THR 4  4   4   THR THR A . n 
A 1 5  LEU 5  5   5   LEU LEU A . n 
A 1 6  TRP 6  6   6   TRP TRP A . n 
A 1 7  GLN 7  7   7   GLN GLN A . n 
A 1 8  ARG 8  8   8   ARG ARG A . n 
A 1 9  PRO 9  9   9   PRO PRO A . n 
A 1 10 LEU 10 10  10  LEU LEU A . n 
A 1 11 VAL 11 11  11  VAL VAL A . n 
A 1 12 THR 12 12  12  THR THR A . n 
A 1 13 ILE 13 13  13  ILE ILE A . n 
A 1 14 LYS 14 14  14  LYS LYS A . n 
A 1 15 ILE 15 15  15  ILE ILE A . n 
A 1 16 GLY 16 16  16  GLY GLY A . n 
A 1 17 GLY 17 17  17  GLY GLY A . n 
A 1 18 GLN 18 18  18  GLN GLN A . n 
A 1 19 LEU 19 19  19  LEU LEU A . n 
A 1 20 LYS 20 20  20  LYS LYS A . n 
A 1 21 GLU 21 21  21  GLU GLU A . n 
A 1 22 ALA 22 22  22  ALA ALA A . n 
A 1 23 LEU 23 23  23  LEU LEU A . n 
A 1 24 LEU 24 24  24  LEU LEU A . n 
A 1 25 ASP 25 25  25  ASP ASP A . n 
A 1 26 THR 26 26  26  THR THR A . n 
A 1 27 GLY 27 27  27  GLY GLY A . n 
A 1 28 ALA 28 28  28  ALA ALA A . n 
A 1 29 ASP 29 29  29  ASP ASP A . n 
A 1 30 ASP 30 30  30  ASP ASP A . n 
A 1 31 THR 31 31  31  THR THR A . n 
A 1 32 VAL 32 32  32  VAL VAL A . n 
A 1 33 LEU 33 33  33  LEU LEU A . n 
A 1 34 GLU 34 34  34  GLU GLU A . n 
A 1 35 GLU 35 35  35  GLU GLU A . n 
A 1 36 MET 36 36  36  MET MET A . n 
A 1 37 SER 37 37  37  SER SER A . n 
A 1 38 LEU 38 38  38  LEU LEU A . n 
A 1 39 PRO 39 39  39  PRO PRO A . n 
A 1 40 GLY 40 40  40  GLY GLY A . n 
A 1 41 ARG 41 41  41  ARG ARG A . n 
A 1 42 TRP 42 42  42  TRP TRP A . n 
A 1 43 LYS 43 43  43  LYS LYS A . n 
A 1 44 PRO 44 44  44  PRO PRO A . n 
A 1 45 LYS 45 45  45  LYS LYS A . n 
A 1 46 MET 46 46  46  MET MET A . n 
A 1 47 ILE 47 47  47  ILE ILE A . n 
A 1 48 GLY 48 48  48  GLY GLY A . n 
A 1 49 GLY 49 49  49  GLY GLY A . n 
A 1 50 ILE 50 50  50  ILE ILE A . n 
A 1 51 GLY 51 51  51  GLY GLY A . n 
A 1 52 GLY 52 52  52  GLY GLY A . n 
A 1 53 PHE 53 53  53  PHE PHE A . n 
A 1 54 ILE 54 54  54  ILE ILE A . n 
A 1 55 LYS 55 55  55  LYS LYS A . n 
A 1 56 VAL 56 56  56  VAL VAL A . n 
A 1 57 ARG 57 57  57  ARG ARG A . n 
A 1 58 GLN 58 58  58  GLN GLN A . n 
A 1 59 TYR 59 59  59  TYR TYR A . n 
A 1 60 ASP 60 60  60  ASP ASP A . n 
A 1 61 GLN 61 61  61  GLN GLN A . n 
A 1 62 ILE 62 62  62  ILE ILE A . n 
A 1 63 LEU 63 63  63  LEU LEU A . n 
A 1 64 ILE 64 64  64  ILE ILE A . n 
A 1 65 GLU 65 65  65  GLU GLU A . n 
A 1 66 ILE 66 66  66  ILE ILE A . n 
A 1 67 CYS 67 67  67  CYS CYS A . n 
A 1 68 GLY 68 68  68  GLY GLY A . n 
A 1 69 HIS 69 69  69  HIS HIS A . n 
A 1 70 LYS 70 70  70  LYS LYS A . n 
A 1 71 ALA 71 71  71  ALA ALA A . n 
A 1 72 ILE 72 72  72  ILE ILE A . n 
A 1 73 GLY 73 73  73  GLY GLY A . n 
A 1 74 THR 74 74  74  THR THR A . n 
A 1 75 VAL 75 75  75  VAL VAL A . n 
A 1 76 LEU 76 76  76  LEU LEU A . n 
A 1 77 VAL 77 77  77  VAL VAL A . n 
A 1 78 GLY 78 78  78  GLY GLY A . n 
A 1 79 PRO 79 79  79  PRO PRO A . n 
A 1 80 THR 80 80  80  THR THR A . n 
A 1 81 PRO 81 81  81  PRO PRO A . n 
A 1 82 VAL 82 82  82  VAL VAL A . n 
A 1 83 ASN 83 83  83  ASN ASN A . n 
A 1 84 ILE 84 84  84  ILE ILE A . n 
A 1 85 ILE 85 85  85  ILE ILE A . n 
A 1 86 GLY 86 86  86  GLY GLY A . n 
A 1 87 ARG 87 87  87  ARG ARG A . n 
A 1 88 ASN 88 88  88  ASN ASN A . n 
A 1 89 LEU 89 89  89  LEU LEU A . n 
A 1 90 LEU 90 90  90  LEU LEU A . n 
A 1 91 THR 91 91  91  THR THR A . n 
A 1 92 GLN 92 92  92  GLN GLN A . n 
A 1 93 ILE 93 93  93  ILE ILE A . n 
A 1 94 GLY 94 94  94  GLY GLY A . n 
A 1 95 CYS 95 95  95  CYS CYS A . n 
A 1 96 THR 96 96  96  THR THR A . n 
A 1 97 LEU 97 97  97  LEU LEU A . n 
A 1 98 ASN 98 98  98  ASN ASN A . n 
A 1 99 PHE 99 99  99  PHE PHE A . n 
B 1 1  PRO 1  101 101 PRO PRO B . n 
B 1 2  GLN 2  102 102 GLN GLN B . n 
B 1 3  ILE 3  103 103 ILE ILE B . n 
B 1 4  THR 4  104 104 THR THR B . n 
B 1 5  LEU 5  105 105 LEU LEU B . n 
B 1 6  TRP 6  106 106 TRP TRP B . n 
B 1 7  GLN 7  107 107 GLN GLN B . n 
B 1 8  ARG 8  108 108 ARG ARG B . n 
B 1 9  PRO 9  109 109 PRO PRO B . n 
B 1 10 LEU 10 110 110 LEU LEU B . n 
B 1 11 VAL 11 111 111 VAL VAL B . n 
B 1 12 THR 12 112 112 THR THR B . n 
B 1 13 ILE 13 113 113 ILE ILE B . n 
B 1 14 LYS 14 114 114 LYS LYS B . n 
B 1 15 ILE 15 115 115 ILE ILE B . n 
B 1 16 GLY 16 116 116 GLY GLY B . n 
B 1 17 GLY 17 117 117 GLY GLY B . n 
B 1 18 GLN 18 118 118 GLN GLN B . n 
B 1 19 LEU 19 119 119 LEU LEU B . n 
B 1 20 LYS 20 120 120 LYS LYS B . n 
B 1 21 GLU 21 121 121 GLU GLU B . n 
B 1 22 ALA 22 122 122 ALA ALA B . n 
B 1 23 LEU 23 123 123 LEU LEU B . n 
B 1 24 LEU 24 124 124 LEU LEU B . n 
B 1 25 ASP 25 125 125 ASP ASP B . n 
B 1 26 THR 26 126 126 THR THR B . n 
B 1 27 GLY 27 127 127 GLY GLY B . n 
B 1 28 ALA 28 128 128 ALA ALA B . n 
B 1 29 ASP 29 129 129 ASP ASP B . n 
B 1 30 ASP 30 130 130 ASP ASP B . n 
B 1 31 THR 31 131 131 THR THR B . n 
B 1 32 VAL 32 132 132 VAL VAL B . n 
B 1 33 LEU 33 133 133 LEU LEU B . n 
B 1 34 GLU 34 134 134 GLU GLU B . n 
B 1 35 GLU 35 135 135 GLU GLU B . n 
B 1 36 MET 36 136 136 MET MET B . n 
B 1 37 SER 37 137 137 SER SER B . n 
B 1 38 LEU 38 138 138 LEU LEU B . n 
B 1 39 PRO 39 139 139 PRO PRO B . n 
B 1 40 GLY 40 140 140 GLY GLY B . n 
B 1 41 ARG 41 141 141 ARG ARG B . n 
B 1 42 TRP 42 142 142 TRP TRP B . n 
B 1 43 LYS 43 143 143 LYS LYS B . n 
B 1 44 PRO 44 144 144 PRO PRO B . n 
B 1 45 LYS 45 145 145 LYS LYS B . n 
B 1 46 MET 46 146 146 MET MET B . n 
B 1 47 ILE 47 147 147 ILE ILE B . n 
B 1 48 GLY 48 148 148 GLY GLY B . n 
B 1 49 GLY 49 149 149 GLY GLY B . n 
B 1 50 ILE 50 150 150 ILE ILE B . n 
B 1 51 GLY 51 151 151 GLY GLY B . n 
B 1 52 GLY 52 152 152 GLY GLY B . n 
B 1 53 PHE 53 153 153 PHE PHE B . n 
B 1 54 ILE 54 154 154 ILE ILE B . n 
B 1 55 LYS 55 155 155 LYS LYS B . n 
B 1 56 VAL 56 156 156 VAL VAL B . n 
B 1 57 ARG 57 157 157 ARG ARG B . n 
B 1 58 GLN 58 158 158 GLN GLN B . n 
B 1 59 TYR 59 159 159 TYR TYR B . n 
B 1 60 ASP 60 160 160 ASP ASP B . n 
B 1 61 GLN 61 161 161 GLN GLN B . n 
B 1 62 ILE 62 162 162 ILE ILE B . n 
B 1 63 LEU 63 163 163 LEU LEU B . n 
B 1 64 ILE 64 164 164 ILE ILE B . n 
B 1 65 GLU 65 165 165 GLU GLU B . n 
B 1 66 ILE 66 166 166 ILE ILE B . n 
B 1 67 CYS 67 167 167 CYS CYS B . n 
B 1 68 GLY 68 168 168 GLY GLY B . n 
B 1 69 HIS 69 169 169 HIS HIS B . n 
B 1 70 LYS 70 170 170 LYS LYS B . n 
B 1 71 ALA 71 171 171 ALA ALA B . n 
B 1 72 ILE 72 172 172 ILE ILE B . n 
B 1 73 GLY 73 173 173 GLY GLY B . n 
B 1 74 THR 74 174 174 THR THR B . n 
B 1 75 VAL 75 175 175 VAL VAL B . n 
B 1 76 LEU 76 176 176 LEU LEU B . n 
B 1 77 VAL 77 177 177 VAL VAL B . n 
B 1 78 GLY 78 178 178 GLY GLY B . n 
B 1 79 PRO 79 179 179 PRO PRO B . n 
B 1 80 THR 80 180 180 THR THR B . n 
B 1 81 PRO 81 181 181 PRO PRO B . n 
B 1 82 VAL 82 182 182 VAL VAL B . n 
B 1 83 ASN 83 183 183 ASN ASN B . n 
B 1 84 ILE 84 184 184 ILE ILE B . n 
B 1 85 ILE 85 185 185 ILE ILE B . n 
B 1 86 GLY 86 186 186 GLY GLY B . n 
B 1 87 ARG 87 187 187 ARG ARG B . n 
B 1 88 ASN 88 188 188 ASN ASN B . n 
B 1 89 LEU 89 189 189 LEU LEU B . n 
B 1 90 LEU 90 190 190 LEU LEU B . n 
B 1 91 THR 91 191 191 THR THR B . n 
B 1 92 GLN 92 192 192 GLN GLN B . n 
B 1 93 ILE 93 193 193 ILE ILE B . n 
B 1 94 GLY 94 194 194 GLY GLY B . n 
B 1 95 CYS 95 195 195 CYS CYS B . n 
B 1 96 THR 96 196 196 THR THR B . n 
B 1 97 LEU 97 197 197 LEU LEU B . n 
B 1 98 ASN 98 198 198 ASN ASN B . n 
B 1 99 PHE 99 199 199 PHE PHE B . n 
# 
loop_
_pdbx_nonpoly_scheme.asym_id 
_pdbx_nonpoly_scheme.entity_id 
_pdbx_nonpoly_scheme.mon_id 
_pdbx_nonpoly_scheme.ndb_seq_num 
_pdbx_nonpoly_scheme.pdb_seq_num 
_pdbx_nonpoly_scheme.auth_seq_num 
_pdbx_nonpoly_scheme.pdb_mon_id 
_pdbx_nonpoly_scheme.auth_mon_id 
_pdbx_nonpoly_scheme.pdb_strand_id 
_pdbx_nonpoly_scheme.pdb_ins_code 
C 2 BEH 1  501 501 BEH BEH B . 
D 3 HOH 1  303 303 HOH HOH A . 
D 3 HOH 2  306 306 HOH HOH A . 
D 3 HOH 3  307 307 HOH HOH A . 
D 3 HOH 4  314 314 HOH HOH A . 
D 3 HOH 5  317 317 HOH HOH A . 
D 3 HOH 6  321 321 HOH HOH A . 
D 3 HOH 7  324 324 HOH HOH A . 
D 3 HOH 8  325 325 HOH HOH A . 
D 3 HOH 9  326 326 HOH HOH A . 
D 3 HOH 10 329 329 HOH HOH A . 
D 3 HOH 11 330 330 HOH HOH A . 
D 3 HOH 12 341 341 HOH HOH A . 
D 3 HOH 13 342 342 HOH HOH A . 
D 3 HOH 14 343 343 HOH HOH A . 
D 3 HOH 15 344 344 HOH HOH A . 
D 3 HOH 16 348 348 HOH HOH A . 
D 3 HOH 17 349 349 HOH HOH A . 
D 3 HOH 18 350 350 HOH HOH A . 
D 3 HOH 19 352 352 HOH HOH A . 
D 3 HOH 20 353 353 HOH HOH A . 
D 3 HOH 21 355 355 HOH HOH A . 
D 3 HOH 22 357 357 HOH HOH A . 
D 3 HOH 23 359 359 HOH HOH A . 
D 3 HOH 24 364 364 HOH HOH A . 
D 3 HOH 25 365 365 HOH HOH A . 
D 3 HOH 26 369 369 HOH HOH A . 
D 3 HOH 27 370 370 HOH HOH A . 
D 3 HOH 28 373 373 HOH HOH A . 
D 3 HOH 29 378 378 HOH HOH A . 
D 3 HOH 30 380 380 HOH HOH A . 
D 3 HOH 31 383 383 HOH HOH A . 
D 3 HOH 32 384 384 HOH HOH A . 
D 3 HOH 33 385 385 HOH HOH A . 
D 3 HOH 34 388 388 HOH HOH A . 
D 3 HOH 35 389 389 HOH HOH A . 
D 3 HOH 36 393 393 HOH HOH A . 
D 3 HOH 37 395 395 HOH HOH A . 
D 3 HOH 38 398 398 HOH HOH A . 
D 3 HOH 39 399 399 HOH HOH A . 
D 3 HOH 40 402 402 HOH HOH A . 
D 3 HOH 41 404 404 HOH HOH A . 
D 3 HOH 42 408 408 HOH HOH A . 
D 3 HOH 43 409 409 HOH HOH A . 
D 3 HOH 44 411 411 HOH HOH A . 
D 3 HOH 45 414 414 HOH HOH A . 
D 3 HOH 46 419 419 HOH HOH A . 
D 3 HOH 47 420 420 HOH HOH A . 
D 3 HOH 48 422 422 HOH HOH A . 
D 3 HOH 49 424 424 HOH HOH A . 
D 3 HOH 50 425 425 HOH HOH A . 
D 3 HOH 51 426 426 HOH HOH A . 
D 3 HOH 52 429 429 HOH HOH A . 
D 3 HOH 53 430 430 HOH HOH A . 
D 3 HOH 54 432 432 HOH HOH A . 
D 3 HOH 55 433 433 HOH HOH A . 
E 3 HOH 1  301 301 HOH HOH B . 
E 3 HOH 2  302 302 HOH HOH B . 
E 3 HOH 3  304 304 HOH HOH B . 
E 3 HOH 4  305 305 HOH HOH B . 
E 3 HOH 5  308 308 HOH HOH B . 
E 3 HOH 6  309 309 HOH HOH B . 
E 3 HOH 7  310 310 HOH HOH B . 
E 3 HOH 8  311 311 HOH HOH B . 
E 3 HOH 9  312 312 HOH HOH B . 
E 3 HOH 10 315 315 HOH HOH B . 
E 3 HOH 11 316 316 HOH HOH B . 
E 3 HOH 12 318 318 HOH HOH B . 
E 3 HOH 13 319 319 HOH HOH B . 
E 3 HOH 14 320 320 HOH HOH B . 
E 3 HOH 15 322 322 HOH HOH B . 
E 3 HOH 16 323 323 HOH HOH B . 
E 3 HOH 17 327 327 HOH HOH B . 
E 3 HOH 18 328 328 HOH HOH B . 
E 3 HOH 19 331 331 HOH HOH B . 
E 3 HOH 20 333 333 HOH HOH B . 
E 3 HOH 21 334 334 HOH HOH B . 
E 3 HOH 22 335 335 HOH HOH B . 
E 3 HOH 23 336 336 HOH HOH B . 
E 3 HOH 24 337 337 HOH HOH B . 
E 3 HOH 25 338 338 HOH HOH B . 
E 3 HOH 26 339 339 HOH HOH B . 
E 3 HOH 27 340 340 HOH HOH B . 
E 3 HOH 28 345 345 HOH HOH B . 
E 3 HOH 29 346 346 HOH HOH B . 
E 3 HOH 30 347 347 HOH HOH B . 
E 3 HOH 31 351 351 HOH HOH B . 
E 3 HOH 32 354 354 HOH HOH B . 
E 3 HOH 33 356 356 HOH HOH B . 
E 3 HOH 34 358 358 HOH HOH B . 
E 3 HOH 35 360 360 HOH HOH B . 
E 3 HOH 36 361 361 HOH HOH B . 
E 3 HOH 37 362 362 HOH HOH B . 
E 3 HOH 38 366 366 HOH HOH B . 
E 3 HOH 39 367 367 HOH HOH B . 
E 3 HOH 40 368 368 HOH HOH B . 
E 3 HOH 41 371 371 HOH HOH B . 
E 3 HOH 42 372 372 HOH HOH B . 
E 3 HOH 43 375 375 HOH HOH B . 
E 3 HOH 44 376 376 HOH HOH B . 
E 3 HOH 45 377 377 HOH HOH B . 
E 3 HOH 46 379 379 HOH HOH B . 
E 3 HOH 47 381 381 HOH HOH B . 
E 3 HOH 48 382 382 HOH HOH B . 
E 3 HOH 49 386 386 HOH HOH B . 
E 3 HOH 50 387 387 HOH HOH B . 
E 3 HOH 51 390 390 HOH HOH B . 
E 3 HOH 52 391 391 HOH HOH B . 
E 3 HOH 53 392 392 HOH HOH B . 
E 3 HOH 54 394 394 HOH HOH B . 
E 3 HOH 55 396 396 HOH HOH B . 
E 3 HOH 56 400 400 HOH HOH B . 
E 3 HOH 57 401 401 HOH HOH B . 
E 3 HOH 58 403 403 HOH HOH B . 
E 3 HOH 59 405 405 HOH HOH B . 
E 3 HOH 60 406 406 HOH HOH B . 
E 3 HOH 61 407 407 HOH HOH B . 
E 3 HOH 62 410 410 HOH HOH B . 
E 3 HOH 63 412 412 HOH HOH B . 
E 3 HOH 64 413 413 HOH HOH B . 
E 3 HOH 65 415 415 HOH HOH B . 
E 3 HOH 66 416 416 HOH HOH B . 
E 3 HOH 67 417 417 HOH HOH B . 
E 3 HOH 68 418 418 HOH HOH B . 
E 3 HOH 69 421 421 HOH HOH B . 
E 3 HOH 70 423 423 HOH HOH B . 
E 3 HOH 71 427 427 HOH HOH B . 
E 3 HOH 72 428 428 HOH HOH B . 
E 3 HOH 73 431 431 HOH HOH B . 
E 3 HOH 74 434 434 HOH HOH B . 
# 
loop_
_software.name 
_software.classification 
_software.version 
_software.citation_id 
_software.pdbx_ordinal 
DENZO     'data reduction' . ? 1 
SCALEPACK 'data scaling'   . ? 2 
CNS       refinement       . ? 3 
CNS       phasing          . ? 4 
# 
_cell.entry_id           1D4H 
_cell.length_a           58.457 
_cell.length_b           86.307 
_cell.length_c           46.570 
_cell.angle_alpha        90.00 
_cell.angle_beta         90.00 
_cell.angle_gamma        90.00 
_cell.Z_PDB              8 
_cell.pdbx_unique_axis   ? 
# 
_symmetry.entry_id                         1D4H 
_symmetry.space_group_name_H-M             'P 21 21 2' 
_symmetry.pdbx_full_space_group_name_H-M   ? 
_symmetry.cell_setting                     ? 
_symmetry.Int_Tables_number                18 
_symmetry.space_group_name_Hall            ? 
# 
_exptl.entry_id          1D4H 
_exptl.method            'X-RAY DIFFRACTION' 
_exptl.crystals_number   4 
# 
_exptl_crystal.id                    1 
_exptl_crystal.density_meas          ? 
_exptl_crystal.density_Matthews      2.72 
_exptl_crystal.density_percent_sol   54.75 
_exptl_crystal.description           ? 
_exptl_crystal.F_000                 ? 
_exptl_crystal.preparation           ? 
# 
_exptl_crystal_grow.crystal_id      1 
_exptl_crystal_grow.method          'VAPOR DIFFUSION, HANGING DROP' 
_exptl_crystal_grow.temp            277 
_exptl_crystal_grow.temp_details    ? 
_exptl_crystal_grow.pH              5.5 
_exptl_crystal_grow.pdbx_details    'sodium chloride, MES, pH 5.5, VAPOR DIFFUSION, HANGING DROP, temperature 277K' 
_exptl_crystal_grow.pdbx_pH_range   . 
# 
_diffrn.id                     1 
_diffrn.ambient_temp           277.0 
_diffrn.ambient_temp_details   ? 
_diffrn.crystal_id             1 
# 
_diffrn_detector.diffrn_id              1 
_diffrn_detector.detector               'IMAGE PLATE' 
_diffrn_detector.type                   MARRESEARCH 
_diffrn_detector.pdbx_collection_date   1998-10-16 
_diffrn_detector.details                ? 
# 
_diffrn_radiation.diffrn_id                        1 
_diffrn_radiation.wavelength_id                    1 
_diffrn_radiation.pdbx_monochromatic_or_laue_m_l   M 
_diffrn_radiation.monochromator                    ? 
_diffrn_radiation.pdbx_diffrn_protocol             'SINGLE WAVELENGTH' 
_diffrn_radiation.pdbx_scattering_type             x-ray 
# 
_diffrn_radiation_wavelength.id           1 
_diffrn_radiation_wavelength.wavelength   1.375 
_diffrn_radiation_wavelength.wt           1.0 
# 
_diffrn_source.diffrn_id                   1 
_diffrn_source.source                      SYNCHROTRON 
_diffrn_source.type                        'LURE BEAMLINE D41A' 
_diffrn_source.pdbx_synchrotron_site       LURE 
_diffrn_source.pdbx_synchrotron_beamline   D41A 
_diffrn_source.pdbx_wavelength             1.375 
_diffrn_source.pdbx_wavelength_list        ? 
# 
_reflns.entry_id                     1D4H 
_reflns.observed_criterion_sigma_I   1.0 
_reflns.observed_criterion_sigma_F   1.0 
_reflns.d_resolution_low             22.6 
_reflns.d_resolution_high            1.81 
_reflns.number_obs                   20047 
_reflns.number_all                   22136 
_reflns.percent_possible_obs         90.5 
_reflns.pdbx_Rmerge_I_obs            0.079 
_reflns.pdbx_Rsym_value              ? 
_reflns.pdbx_netI_over_sigmaI        10.7 
_reflns.B_iso_Wilson_estimate        11.9 
_reflns.pdbx_redundancy              3.7 
_reflns.R_free_details               ? 
_reflns.limit_h_max                  ? 
_reflns.limit_h_min                  ? 
_reflns.limit_k_max                  ? 
_reflns.limit_k_min                  ? 
_reflns.limit_l_max                  ? 
_reflns.limit_l_min                  ? 
_reflns.observed_criterion_F_max     ? 
_reflns.observed_criterion_F_min     ? 
_reflns.pdbx_chi_squared             ? 
_reflns.pdbx_scaling_rejects         ? 
_reflns.pdbx_diffrn_id               1 
_reflns.pdbx_ordinal                 1 
# 
_reflns_shell.d_res_high             1.81 
_reflns_shell.d_res_low              1.92 
_reflns_shell.percent_possible_all   75.0 
_reflns_shell.Rmerge_I_obs           0.212 
_reflns_shell.pdbx_Rsym_value        ? 
_reflns_shell.meanI_over_sigI_obs    ? 
_reflns_shell.pdbx_redundancy        3.7 
_reflns_shell.percent_possible_obs   ? 
_reflns_shell.number_unique_all      2589 
_reflns_shell.number_measured_all    ? 
_reflns_shell.number_measured_obs    ? 
_reflns_shell.number_unique_obs      ? 
_reflns_shell.pdbx_chi_squared       ? 
_reflns_shell.pdbx_diffrn_id         ? 
_reflns_shell.pdbx_ordinal           1 
# 
_refine.entry_id                                 1D4H 
_refine.ls_number_reflns_obs                     20047 
_refine.ls_number_reflns_all                     22136 
_refine.pdbx_ls_sigma_I                          1.0 
_refine.pdbx_ls_sigma_F                          1. 
_refine.pdbx_data_cutoff_high_absF               1228777.99 
_refine.pdbx_data_cutoff_low_absF                0.00 
_refine.ls_d_res_low                             22.58 
_refine.ls_d_res_high                            1.81 
_refine.ls_percent_reflns_obs                    90.6 
_refine.ls_R_factor_obs                          ? 
_refine.ls_R_factor_all                          ? 
_refine.ls_R_factor_R_work                       0.195 
_refine.ls_R_factor_R_free                       0.231 
_refine.ls_R_factor_R_free_error                 0.007 
_refine.ls_R_factor_R_free_error_details         ? 
_refine.ls_percent_reflns_R_free                 5.1 
_refine.ls_number_reflns_R_free                  1015 
_refine.ls_number_parameters                     ? 
_refine.ls_number_restraints                     ? 
_refine.occupancy_min                            ? 
_refine.occupancy_max                            ? 
_refine.B_iso_mean                               21.7 
_refine.aniso_B[1][1]                            4.50 
_refine.aniso_B[2][2]                            -4.72 
_refine.aniso_B[3][3]                            0.22 
_refine.aniso_B[1][2]                            0.00 
_refine.aniso_B[1][3]                            0.00 
_refine.aniso_B[2][3]                            0.00 
_refine.solvent_model_details                    'FLAT MODEL' 
_refine.solvent_model_param_ksol                 0.369 
_refine.solvent_model_param_bsol                 40.89 
_refine.pdbx_ls_cross_valid_method               THROUGHOUT 
_refine.details                                  'Refined with CNS program system' 
_refine.pdbx_starting_model                      ? 
_refine.pdbx_method_to_determine_struct          ? 
_refine.pdbx_isotropic_thermal_model             RESTRAINED 
_refine.pdbx_stereochemistry_target_values       'Engh & Huber' 
_refine.pdbx_stereochem_target_val_spec_case     ? 
_refine.pdbx_R_Free_selection_details            RANDOM 
_refine.pdbx_overall_ESU_R_Free                  ? 
_refine.overall_SU_B                             ? 
_refine.ls_redundancy_reflns_obs                 ? 
_refine.overall_SU_ML                            ? 
_refine.pdbx_overall_ESU_R                       ? 
_refine.pdbx_data_cutoff_high_rms_absF           1228777.99 
_refine.B_iso_min                                ? 
_refine.B_iso_max                                ? 
_refine.correlation_coeff_Fo_to_Fc               ? 
_refine.overall_SU_R_Cruickshank_DPI             ? 
_refine.overall_SU_R_free                        ? 
_refine.correlation_coeff_Fo_to_Fc_free          ? 
_refine.pdbx_solvent_vdw_probe_radii             ? 
_refine.pdbx_solvent_ion_probe_radii             ? 
_refine.pdbx_solvent_shrinkage_radii             ? 
_refine.ls_wR_factor_R_free                      ? 
_refine.ls_wR_factor_R_work                      ? 
_refine.overall_FOM_free_R_set                   ? 
_refine.overall_FOM_work_R_set                   ? 
_refine.pdbx_refine_id                           'X-RAY DIFFRACTION' 
_refine.pdbx_diffrn_id                           1 
_refine.pdbx_TLS_residual_ADP_flag               ? 
_refine.pdbx_overall_phase_error                 ? 
_refine.pdbx_overall_SU_R_free_Cruickshank_DPI   ? 
_refine.pdbx_overall_SU_R_Blow_DPI               ? 
_refine.pdbx_overall_SU_R_free_Blow_DPI          ? 
# 
_refine_analyze.entry_id                        1D4H 
_refine_analyze.Luzzati_coordinate_error_obs    0.20 
_refine_analyze.Luzzati_sigma_a_obs             0.09 
_refine_analyze.Luzzati_d_res_low_obs           5.00 
_refine_analyze.Luzzati_coordinate_error_free   0.24 
_refine_analyze.Luzzati_sigma_a_free            0.10 
_refine_analyze.Luzzati_d_res_low_free          ? 
_refine_analyze.number_disordered_residues      ? 
_refine_analyze.occupancy_sum_hydrogen          ? 
_refine_analyze.occupancy_sum_non_hydrogen      ? 
_refine_analyze.pdbx_Luzzati_d_res_high_obs     ? 
_refine_analyze.pdbx_refine_id                  'X-RAY DIFFRACTION' 
# 
_refine_hist.pdbx_refine_id                   'X-RAY DIFFRACTION' 
_refine_hist.cycle_id                         LAST 
_refine_hist.pdbx_number_atoms_protein        1516 
_refine_hist.pdbx_number_atoms_nucleic_acid   0 
_refine_hist.pdbx_number_atoms_ligand         45 
_refine_hist.number_atoms_solvent             129 
_refine_hist.number_atoms_total               1690 
_refine_hist.d_res_high                       1.81 
_refine_hist.d_res_low                        22.58 
# 
loop_
_refine_ls_restr.type 
_refine_ls_restr.dev_ideal 
_refine_ls_restr.dev_ideal_target 
_refine_ls_restr.weight 
_refine_ls_restr.number 
_refine_ls_restr.pdbx_refine_id 
_refine_ls_restr.pdbx_restraint_function 
c_bond_d           0.006 ?    ? ? 'X-RAY DIFFRACTION' ? 
c_angle_deg        1.2   ?    ? ? 'X-RAY DIFFRACTION' ? 
c_dihedral_angle_d 25.3  ?    ? ? 'X-RAY DIFFRACTION' ? 
c_improper_angle_d 0.84  ?    ? ? 'X-RAY DIFFRACTION' ? 
c_mcbond_it        0.73  1.50 ? ? 'X-RAY DIFFRACTION' ? 
c_mcangle_it       1.27  2.00 ? ? 'X-RAY DIFFRACTION' ? 
c_scbond_it        8.23  2.00 ? ? 'X-RAY DIFFRACTION' ? 
c_scangle_it       3.86  2.50 ? ? 'X-RAY DIFFRACTION' ? 
# 
_refine_ls_shell.pdbx_total_number_of_bins_used   6 
_refine_ls_shell.d_res_high                       1.81 
_refine_ls_shell.d_res_low                        1.92 
_refine_ls_shell.number_reflns_R_work             2589 
_refine_ls_shell.R_factor_R_work                  0.212 
_refine_ls_shell.percent_reflns_obs               75.0 
_refine_ls_shell.R_factor_R_free                  0.235 
_refine_ls_shell.R_factor_R_free_error            0.021 
_refine_ls_shell.percent_reflns_R_free            4.7 
_refine_ls_shell.number_reflns_R_free             129 
_refine_ls_shell.redundancy_reflns_obs            ? 
_refine_ls_shell.number_reflns_all                ? 
_refine_ls_shell.number_reflns_obs                ? 
_refine_ls_shell.pdbx_refine_id                   'X-RAY DIFFRACTION' 
_refine_ls_shell.R_factor_all                     ? 
# 
loop_
_pdbx_xplor_file.serial_no 
_pdbx_xplor_file.param_file 
_pdbx_xplor_file.topol_file 
_pdbx_xplor_file.pdbx_refine_id 
1 PROTEIN_REP.PARAM PROTEIN.TOP 'X-RAY DIFFRACTION' 
2 WATER_REP.PARAM   BEA435.TOP  'X-RAY DIFFRACTION' 
3 BEA435.PAR        ?           'X-RAY DIFFRACTION' 
# 
_struct.entry_id                  1D4H 
_struct.title                     'HIV-1 Protease in complex with the inhibitor BEA435' 
_struct.pdbx_model_details        ? 
_struct.pdbx_CASP_flag            ? 
_struct.pdbx_model_type_details   ? 
# 
_struct_keywords.entry_id        1D4H 
_struct_keywords.pdbx_keywords   HYDROLASE 
_struct_keywords.text            'DIMER, HYDROLASE' 
# 
loop_
_struct_asym.id 
_struct_asym.pdbx_blank_PDB_chainid_flag 
_struct_asym.pdbx_modified 
_struct_asym.entity_id 
_struct_asym.details 
A N N 1 ? 
B N N 1 ? 
C N N 2 ? 
D N N 3 ? 
E N N 3 ? 
# 
_struct_ref.id                         1 
_struct_ref.db_name                    UNP 
_struct_ref.db_code                    POL_HV1B1 
_struct_ref.entity_id                  1 
_struct_ref.pdbx_db_accession          P03366 
_struct_ref.pdbx_align_begin           ? 
_struct_ref.pdbx_seq_one_letter_code   ? 
_struct_ref.pdbx_db_isoform            ? 
# 
loop_
_struct_ref_seq.align_id 
_struct_ref_seq.ref_id 
_struct_ref_seq.pdbx_PDB_id_code 
_struct_ref_seq.pdbx_strand_id 
_struct_ref_seq.seq_align_beg 
_struct_ref_seq.pdbx_seq_align_beg_ins_code 
_struct_ref_seq.seq_align_end 
_struct_ref_seq.pdbx_seq_align_end_ins_code 
_struct_ref_seq.pdbx_db_accession 
_struct_ref_seq.db_align_beg 
_struct_ref_seq.pdbx_db_align_beg_ins_code 
_struct_ref_seq.db_align_end 
_struct_ref_seq.pdbx_db_align_end_ins_code 
_struct_ref_seq.pdbx_auth_seq_align_beg 
_struct_ref_seq.pdbx_auth_seq_align_end 
1 1 1D4H A 1 ? 99 ? P03366 69 ? 167 ? 1   99  
2 1 1D4H B 1 ? 99 ? P03366 69 ? 167 ? 101 199 
# 
_pdbx_struct_assembly.id                   1 
_pdbx_struct_assembly.details              author_and_software_defined_assembly 
_pdbx_struct_assembly.method_details       PISA 
_pdbx_struct_assembly.oligomeric_details   dimeric 
_pdbx_struct_assembly.oligomeric_count     2 
# 
loop_
_pdbx_struct_assembly_prop.biol_id 
_pdbx_struct_assembly_prop.type 
_pdbx_struct_assembly_prop.value 
_pdbx_struct_assembly_prop.details 
1 'ABSA (A^2)' 5070 ? 
1 MORE         -36  ? 
1 'SSA (A^2)'  9360 ? 
# 
_pdbx_struct_assembly_gen.assembly_id       1 
_pdbx_struct_assembly_gen.oper_expression   1 
_pdbx_struct_assembly_gen.asym_id_list      A,B,C,D,E 
# 
_pdbx_struct_oper_list.id                   1 
_pdbx_struct_oper_list.type                 'identity operation' 
_pdbx_struct_oper_list.name                 1_555 
_pdbx_struct_oper_list.symmetry_operation   x,y,z 
_pdbx_struct_oper_list.matrix[1][1]         1.0000000000 
_pdbx_struct_oper_list.matrix[1][2]         0.0000000000 
_pdbx_struct_oper_list.matrix[1][3]         0.0000000000 
_pdbx_struct_oper_list.vector[1]            0.0000000000 
_pdbx_struct_oper_list.matrix[2][1]         0.0000000000 
_pdbx_struct_oper_list.matrix[2][2]         1.0000000000 
_pdbx_struct_oper_list.matrix[2][3]         0.0000000000 
_pdbx_struct_oper_list.vector[2]            0.0000000000 
_pdbx_struct_oper_list.matrix[3][1]         0.0000000000 
_pdbx_struct_oper_list.matrix[3][2]         0.0000000000 
_pdbx_struct_oper_list.matrix[3][3]         1.0000000000 
_pdbx_struct_oper_list.vector[3]            0.0000000000 
# 
_struct_biol.id                    1 
_struct_biol.details               'The biological assembly is a dimer.' 
_struct_biol.pdbx_parent_biol_id   ? 
# 
loop_
_struct_conf.conf_type_id 
_struct_conf.id 
_struct_conf.pdbx_PDB_helix_id 
_struct_conf.beg_label_comp_id 
_struct_conf.beg_label_asym_id 
_struct_conf.beg_label_seq_id 
_struct_conf.pdbx_beg_PDB_ins_code 
_struct_conf.end_label_comp_id 
_struct_conf.end_label_asym_id 
_struct_conf.end_label_seq_id 
_struct_conf.pdbx_end_PDB_ins_code 
_struct_conf.beg_auth_comp_id 
_struct_conf.beg_auth_asym_id 
_struct_conf.beg_auth_seq_id 
_struct_conf.end_auth_comp_id 
_struct_conf.end_auth_asym_id 
_struct_conf.end_auth_seq_id 
_struct_conf.pdbx_PDB_helix_class 
_struct_conf.details 
_struct_conf.pdbx_PDB_helix_length 
HELX_P HELX_P1 1 GLY A 86 ? THR A 91 ? GLY A 86  THR A 91  1 ? 6 
HELX_P HELX_P2 2 GLN A 92 ? GLY A 94 ? GLN A 92  GLY A 94  5 ? 3 
HELX_P HELX_P3 3 GLY B 86 ? THR B 91 ? GLY B 186 THR B 191 1 ? 6 
# 
_struct_conf_type.id          HELX_P 
_struct_conf_type.criteria    ? 
_struct_conf_type.reference   ? 
# 
loop_
_struct_sheet.id 
_struct_sheet.type 
_struct_sheet.number_strands 
_struct_sheet.details 
A ? 4 ? 
B ? 8 ? 
C ? 8 ? 
# 
loop_
_struct_sheet_order.sheet_id 
_struct_sheet_order.range_id_1 
_struct_sheet_order.range_id_2 
_struct_sheet_order.offset 
_struct_sheet_order.sense 
A 1 2 ? anti-parallel 
A 2 3 ? anti-parallel 
A 3 4 ? anti-parallel 
B 1 2 ? anti-parallel 
B 2 3 ? anti-parallel 
B 3 4 ? anti-parallel 
B 4 5 ? parallel      
B 5 6 ? anti-parallel 
B 6 7 ? parallel      
B 7 8 ? anti-parallel 
C 1 2 ? anti-parallel 
C 2 3 ? anti-parallel 
C 3 4 ? parallel      
C 4 5 ? anti-parallel 
C 5 6 ? parallel      
C 6 7 ? anti-parallel 
C 7 8 ? anti-parallel 
# 
loop_
_struct_sheet_range.sheet_id 
_struct_sheet_range.id 
_struct_sheet_range.beg_label_comp_id 
_struct_sheet_range.beg_label_asym_id 
_struct_sheet_range.beg_label_seq_id 
_struct_sheet_range.pdbx_beg_PDB_ins_code 
_struct_sheet_range.end_label_comp_id 
_struct_sheet_range.end_label_asym_id 
_struct_sheet_range.end_label_seq_id 
_struct_sheet_range.pdbx_end_PDB_ins_code 
_struct_sheet_range.beg_auth_comp_id 
_struct_sheet_range.beg_auth_asym_id 
_struct_sheet_range.beg_auth_seq_id 
_struct_sheet_range.end_auth_comp_id 
_struct_sheet_range.end_auth_asym_id 
_struct_sheet_range.end_auth_seq_id 
A 1 GLN A 2  ? ILE A 3  ? GLN A 2   ILE A 3   
A 2 THR B 96 ? ASN B 98 ? THR B 196 ASN B 198 
A 3 THR A 96 ? ASN A 98 ? THR A 96  ASN A 98  
A 4 GLN B 2  ? ILE B 3  ? GLN B 102 ILE B 103 
B 1 LYS A 43 ? GLY A 49 ? LYS A 43  GLY A 49  
B 2 GLY A 52 ? ILE A 66 ? GLY A 52  ILE A 66  
B 3 LEU A 10 ? ILE A 15 ? LEU A 10  ILE A 15  
B 4 GLN A 18 ? LEU A 24 ? GLN A 18  LEU A 24  
B 5 ILE A 84 ? ILE A 85 ? ILE A 84  ILE A 85  
B 6 THR A 31 ? LEU A 33 ? THR A 31  LEU A 33  
B 7 HIS A 69 ? VAL A 77 ? HIS A 69  VAL A 77  
B 8 GLY A 52 ? ILE A 66 ? GLY A 52  ILE A 66  
C 1 LYS B 43 ? GLY B 49 ? LYS B 143 GLY B 149 
C 2 GLY B 52 ? ILE B 66 ? GLY B 152 ILE B 166 
C 3 HIS B 69 ? VAL B 77 ? HIS B 169 VAL B 177 
C 4 VAL B 32 ? LEU B 33 ? VAL B 132 LEU B 133 
C 5 ILE B 84 ? ILE B 85 ? ILE B 184 ILE B 185 
C 6 GLN B 18 ? LEU B 24 ? GLN B 118 LEU B 124 
C 7 LEU B 10 ? ILE B 15 ? LEU B 110 ILE B 115 
C 8 GLY B 52 ? ILE B 66 ? GLY B 152 ILE B 166 
# 
loop_
_pdbx_struct_sheet_hbond.sheet_id 
_pdbx_struct_sheet_hbond.range_id_1 
_pdbx_struct_sheet_hbond.range_id_2 
_pdbx_struct_sheet_hbond.range_1_label_atom_id 
_pdbx_struct_sheet_hbond.range_1_label_comp_id 
_pdbx_struct_sheet_hbond.range_1_label_asym_id 
_pdbx_struct_sheet_hbond.range_1_label_seq_id 
_pdbx_struct_sheet_hbond.range_1_PDB_ins_code 
_pdbx_struct_sheet_hbond.range_1_auth_atom_id 
_pdbx_struct_sheet_hbond.range_1_auth_comp_id 
_pdbx_struct_sheet_hbond.range_1_auth_asym_id 
_pdbx_struct_sheet_hbond.range_1_auth_seq_id 
_pdbx_struct_sheet_hbond.range_2_label_atom_id 
_pdbx_struct_sheet_hbond.range_2_label_comp_id 
_pdbx_struct_sheet_hbond.range_2_label_asym_id 
_pdbx_struct_sheet_hbond.range_2_label_seq_id 
_pdbx_struct_sheet_hbond.range_2_PDB_ins_code 
_pdbx_struct_sheet_hbond.range_2_auth_atom_id 
_pdbx_struct_sheet_hbond.range_2_auth_comp_id 
_pdbx_struct_sheet_hbond.range_2_auth_asym_id 
_pdbx_struct_sheet_hbond.range_2_auth_seq_id 
A 1 2 N ILE A 3  ? N ILE A 3   O LEU B 97 ? O LEU B 197 
A 2 3 N ASN B 98 ? N ASN B 198 O THR A 96 ? O THR A 96  
A 3 4 O LEU A 97 ? O LEU A 97  N ILE B 3  ? N ILE B 103 
B 1 2 N GLY A 49 ? N GLY A 49  O GLY A 52 ? O GLY A 52  
B 2 3 N GLU A 65 ? N GLU A 65  O LYS A 14 ? O LYS A 14  
B 3 4 N ILE A 15 ? N ILE A 15  O GLN A 18 ? O GLN A 18  
B 4 5 O LEU A 23 ? O LEU A 23  N ILE A 85 ? N ILE A 85  
B 5 6 N ILE A 84 ? N ILE A 84  O VAL A 32 ? O VAL A 32  
B 6 7 N THR A 31 ? N THR A 31  O THR A 74 ? O THR A 74  
B 7 8 O VAL A 77 ? O VAL A 77  N ARG A 57 ? N ARG A 57  
C 1 2 N GLY B 49 ? N GLY B 149 O GLY B 52 ? O GLY B 152 
C 2 3 N ILE B 66 ? N ILE B 166 O HIS B 69 ? O HIS B 169 
C 3 4 O LEU B 76 ? O LEU B 176 N LEU B 33 ? N LEU B 133 
C 4 5 O VAL B 32 ? O VAL B 132 N ILE B 84 ? N ILE B 184 
C 5 6 N ILE B 85 ? N ILE B 185 O LEU B 23 ? O LEU B 123 
C 6 7 O ALA B 22 ? O ALA B 122 N VAL B 11 ? N VAL B 111 
C 7 8 O LYS B 14 ? O LYS B 114 N GLU B 65 ? N GLU B 165 
# 
_struct_site.id                   AC1 
_struct_site.pdbx_evidence_code   Software 
_struct_site.pdbx_auth_asym_id    B 
_struct_site.pdbx_auth_comp_id    BEH 
_struct_site.pdbx_auth_seq_id     501 
_struct_site.pdbx_auth_ins_code   ? 
_struct_site.pdbx_num_residues    24 
_struct_site.details              'BINDING SITE FOR RESIDUE BEH B 501' 
# 
loop_
_struct_site_gen.id 
_struct_site_gen.site_id 
_struct_site_gen.pdbx_num_res 
_struct_site_gen.label_comp_id 
_struct_site_gen.label_asym_id 
_struct_site_gen.label_seq_id 
_struct_site_gen.pdbx_auth_ins_code 
_struct_site_gen.auth_comp_id 
_struct_site_gen.auth_asym_id 
_struct_site_gen.auth_seq_id 
_struct_site_gen.label_atom_id 
_struct_site_gen.label_alt_id 
_struct_site_gen.symmetry 
_struct_site_gen.details 
1  AC1 24 ARG A 8  ? ARG A 8   . ? 1_555 ? 
2  AC1 24 ASP A 25 ? ASP A 25  . ? 1_555 ? 
3  AC1 24 GLY A 27 ? GLY A 27  . ? 1_555 ? 
4  AC1 24 ALA A 28 ? ALA A 28  . ? 1_555 ? 
5  AC1 24 ASP A 30 ? ASP A 30  . ? 1_555 ? 
6  AC1 24 GLY A 48 ? GLY A 48  . ? 1_555 ? 
7  AC1 24 GLY A 49 ? GLY A 49  . ? 1_555 ? 
8  AC1 24 VAL A 82 ? VAL A 82  . ? 1_555 ? 
9  AC1 24 ILE A 84 ? ILE A 84  . ? 1_555 ? 
10 AC1 24 HOH D .  ? HOH A 389 . ? 1_555 ? 
11 AC1 24 ARG B 8  ? ARG B 108 . ? 1_555 ? 
12 AC1 24 LEU B 23 ? LEU B 123 . ? 1_555 ? 
13 AC1 24 ASP B 25 ? ASP B 125 . ? 1_555 ? 
14 AC1 24 GLY B 27 ? GLY B 127 . ? 1_555 ? 
15 AC1 24 ALA B 28 ? ALA B 128 . ? 1_555 ? 
16 AC1 24 ASP B 29 ? ASP B 129 . ? 1_555 ? 
17 AC1 24 ASP B 30 ? ASP B 130 . ? 1_555 ? 
18 AC1 24 GLY B 48 ? GLY B 148 . ? 1_555 ? 
19 AC1 24 GLY B 49 ? GLY B 149 . ? 1_555 ? 
20 AC1 24 PRO B 81 ? PRO B 181 . ? 1_555 ? 
21 AC1 24 VAL B 82 ? VAL B 182 . ? 1_555 ? 
22 AC1 24 ILE B 84 ? ILE B 184 . ? 1_555 ? 
23 AC1 24 HOH E .  ? HOH B 305 . ? 1_555 ? 
24 AC1 24 HOH E .  ? HOH B 336 . ? 1_555 ? 
# 
_pdbx_validate_torsion.id              1 
_pdbx_validate_torsion.PDB_model_num   1 
_pdbx_validate_torsion.auth_comp_id    GLU 
_pdbx_validate_torsion.auth_asym_id    B 
_pdbx_validate_torsion.auth_seq_id     135 
_pdbx_validate_torsion.PDB_ins_code    ? 
_pdbx_validate_torsion.label_alt_id    ? 
_pdbx_validate_torsion.phi             -39.36 
_pdbx_validate_torsion.psi             129.96 
# 
loop_
_chem_comp_atom.comp_id 
_chem_comp_atom.atom_id 
_chem_comp_atom.type_symbol 
_chem_comp_atom.pdbx_aromatic_flag 
_chem_comp_atom.pdbx_stereo_config 
_chem_comp_atom.pdbx_ordinal 
ALA N    N N N 1   
ALA CA   C N S 2   
ALA C    C N N 3   
ALA O    O N N 4   
ALA CB   C N N 5   
ALA OXT  O N N 6   
ALA H    H N N 7   
ALA H2   H N N 8   
ALA HA   H N N 9   
ALA HB1  H N N 10  
ALA HB2  H N N 11  
ALA HB3  H N N 12  
ALA HXT  H N N 13  
ARG N    N N N 14  
ARG CA   C N S 15  
ARG C    C N N 16  
ARG O    O N N 17  
ARG CB   C N N 18  
ARG CG   C N N 19  
ARG CD   C N N 20  
ARG NE   N N N 21  
ARG CZ   C N N 22  
ARG NH1  N N N 23  
ARG NH2  N N N 24  
ARG OXT  O N N 25  
ARG H    H N N 26  
ARG H2   H N N 27  
ARG HA   H N N 28  
ARG HB2  H N N 29  
ARG HB3  H N N 30  
ARG HG2  H N N 31  
ARG HG3  H N N 32  
ARG HD2  H N N 33  
ARG HD3  H N N 34  
ARG HE   H N N 35  
ARG HH11 H N N 36  
ARG HH12 H N N 37  
ARG HH21 H N N 38  
ARG HH22 H N N 39  
ARG HXT  H N N 40  
ASN N    N N N 41  
ASN CA   C N S 42  
ASN C    C N N 43  
ASN O    O N N 44  
ASN CB   C N N 45  
ASN CG   C N N 46  
ASN OD1  O N N 47  
ASN ND2  N N N 48  
ASN OXT  O N N 49  
ASN H    H N N 50  
ASN H2   H N N 51  
ASN HA   H N N 52  
ASN HB2  H N N 53  
ASN HB3  H N N 54  
ASN HD21 H N N 55  
ASN HD22 H N N 56  
ASN HXT  H N N 57  
ASP N    N N N 58  
ASP CA   C N S 59  
ASP C    C N N 60  
ASP O    O N N 61  
ASP CB   C N N 62  
ASP CG   C N N 63  
ASP OD1  O N N 64  
ASP OD2  O N N 65  
ASP OXT  O N N 66  
ASP H    H N N 67  
ASP H2   H N N 68  
ASP HA   H N N 69  
ASP HB2  H N N 70  
ASP HB3  H N N 71  
ASP HD2  H N N 72  
ASP HXT  H N N 73  
BEH C01  C N R 74  
BEH O02  O N N 75  
BEH C03  C N R 76  
BEH O04  O N N 77  
BEH C05  C N N 78  
BEH C06  C Y N 79  
BEH C07  C Y N 80  
BEH C08  C Y N 81  
BEH C09  C Y N 82  
BEH C10  C Y N 83  
BEH C11  C Y N 84  
BEH C12  C N N 85  
BEH O13  O N N 86  
BEH N14  N N N 87  
BEH C15  C N S 88  
BEH C16  C Y N 89  
BEH C17  C Y N 90  
BEH C18  C Y N 91  
BEH C19  C Y N 92  
BEH C20  C Y N 93  
BEH C21  C Y N 94  
BEH C22  C N N 95  
BEH C23  C N R 96  
BEH O24  O N N 97  
BEH C31  C N R 98  
BEH O32  O N N 99  
BEH C33  C N R 100 
BEH O34  O N N 101 
BEH C35  C N N 102 
BEH C36  C Y N 103 
BEH C37  C Y N 104 
BEH C38  C Y N 105 
BEH C39  C Y N 106 
BEH C40  C Y N 107 
BEH C41  C Y N 108 
BEH C42  C N N 109 
BEH O43  O N N 110 
BEH N44  N N N 111 
BEH C45  C N N 112 
BEH C46  C Y N 113 
BEH C47  C Y N 114 
BEH C48  C Y N 115 
BEH C49  C Y N 116 
BEH C50  C Y N 117 
BEH C51  C Y N 118 
BEH H011 H N N 119 
BEH H021 H N N 120 
BEH H031 H N N 121 
BEH H051 H N N 122 
BEH H052 H N N 123 
BEH H071 H N N 124 
BEH H081 H N N 125 
BEH H091 H N N 126 
BEH H101 H N N 127 
BEH H111 H N N 128 
BEH H141 H N N 129 
BEH H151 H N N 130 
BEH H171 H N N 131 
BEH H181 H N N 132 
BEH H191 H N N 133 
BEH H201 H N N 134 
BEH H221 H N N 135 
BEH H222 H N N 136 
BEH H231 H N N 137 
BEH H241 H N N 138 
BEH H311 H N N 139 
BEH H321 H N N 140 
BEH H331 H N N 141 
BEH H351 H N N 142 
BEH H352 H N N 143 
BEH H371 H N N 144 
BEH H381 H N N 145 
BEH H391 H N N 146 
BEH H401 H N N 147 
BEH H411 H N N 148 
BEH H441 H N N 149 
BEH H451 H N N 150 
BEH H452 H N N 151 
BEH H471 H N N 152 
BEH H481 H N N 153 
BEH H491 H N N 154 
BEH H501 H N N 155 
BEH H511 H N N 156 
CYS N    N N N 157 
CYS CA   C N R 158 
CYS C    C N N 159 
CYS O    O N N 160 
CYS CB   C N N 161 
CYS SG   S N N 162 
CYS OXT  O N N 163 
CYS H    H N N 164 
CYS H2   H N N 165 
CYS HA   H N N 166 
CYS HB2  H N N 167 
CYS HB3  H N N 168 
CYS HG   H N N 169 
CYS HXT  H N N 170 
GLN N    N N N 171 
GLN CA   C N S 172 
GLN C    C N N 173 
GLN O    O N N 174 
GLN CB   C N N 175 
GLN CG   C N N 176 
GLN CD   C N N 177 
GLN OE1  O N N 178 
GLN NE2  N N N 179 
GLN OXT  O N N 180 
GLN H    H N N 181 
GLN H2   H N N 182 
GLN HA   H N N 183 
GLN HB2  H N N 184 
GLN HB3  H N N 185 
GLN HG2  H N N 186 
GLN HG3  H N N 187 
GLN HE21 H N N 188 
GLN HE22 H N N 189 
GLN HXT  H N N 190 
GLU N    N N N 191 
GLU CA   C N S 192 
GLU C    C N N 193 
GLU O    O N N 194 
GLU CB   C N N 195 
GLU CG   C N N 196 
GLU CD   C N N 197 
GLU OE1  O N N 198 
GLU OE2  O N N 199 
GLU OXT  O N N 200 
GLU H    H N N 201 
GLU H2   H N N 202 
GLU HA   H N N 203 
GLU HB2  H N N 204 
GLU HB3  H N N 205 
GLU HG2  H N N 206 
GLU HG3  H N N 207 
GLU HE2  H N N 208 
GLU HXT  H N N 209 
GLY N    N N N 210 
GLY CA   C N N 211 
GLY C    C N N 212 
GLY O    O N N 213 
GLY OXT  O N N 214 
GLY H    H N N 215 
GLY H2   H N N 216 
GLY HA2  H N N 217 
GLY HA3  H N N 218 
GLY HXT  H N N 219 
HIS N    N N N 220 
HIS CA   C N S 221 
HIS C    C N N 222 
HIS O    O N N 223 
HIS CB   C N N 224 
HIS CG   C Y N 225 
HIS ND1  N Y N 226 
HIS CD2  C Y N 227 
HIS CE1  C Y N 228 
HIS NE2  N Y N 229 
HIS OXT  O N N 230 
HIS H    H N N 231 
HIS H2   H N N 232 
HIS HA   H N N 233 
HIS HB2  H N N 234 
HIS HB3  H N N 235 
HIS HD1  H N N 236 
HIS HD2  H N N 237 
HIS HE1  H N N 238 
HIS HE2  H N N 239 
HIS HXT  H N N 240 
HOH O    O N N 241 
HOH H1   H N N 242 
HOH H2   H N N 243 
ILE N    N N N 244 
ILE CA   C N S 245 
ILE C    C N N 246 
ILE O    O N N 247 
ILE CB   C N S 248 
ILE CG1  C N N 249 
ILE CG2  C N N 250 
ILE CD1  C N N 251 
ILE OXT  O N N 252 
ILE H    H N N 253 
ILE H2   H N N 254 
ILE HA   H N N 255 
ILE HB   H N N 256 
ILE HG12 H N N 257 
ILE HG13 H N N 258 
ILE HG21 H N N 259 
ILE HG22 H N N 260 
ILE HG23 H N N 261 
ILE HD11 H N N 262 
ILE HD12 H N N 263 
ILE HD13 H N N 264 
ILE HXT  H N N 265 
LEU N    N N N 266 
LEU CA   C N S 267 
LEU C    C N N 268 
LEU O    O N N 269 
LEU CB   C N N 270 
LEU CG   C N N 271 
LEU CD1  C N N 272 
LEU CD2  C N N 273 
LEU OXT  O N N 274 
LEU H    H N N 275 
LEU H2   H N N 276 
LEU HA   H N N 277 
LEU HB2  H N N 278 
LEU HB3  H N N 279 
LEU HG   H N N 280 
LEU HD11 H N N 281 
LEU HD12 H N N 282 
LEU HD13 H N N 283 
LEU HD21 H N N 284 
LEU HD22 H N N 285 
LEU HD23 H N N 286 
LEU HXT  H N N 287 
LYS N    N N N 288 
LYS CA   C N S 289 
LYS C    C N N 290 
LYS O    O N N 291 
LYS CB   C N N 292 
LYS CG   C N N 293 
LYS CD   C N N 294 
LYS CE   C N N 295 
LYS NZ   N N N 296 
LYS OXT  O N N 297 
LYS H    H N N 298 
LYS H2   H N N 299 
LYS HA   H N N 300 
LYS HB2  H N N 301 
LYS HB3  H N N 302 
LYS HG2  H N N 303 
LYS HG3  H N N 304 
LYS HD2  H N N 305 
LYS HD3  H N N 306 
LYS HE2  H N N 307 
LYS HE3  H N N 308 
LYS HZ1  H N N 309 
LYS HZ2  H N N 310 
LYS HZ3  H N N 311 
LYS HXT  H N N 312 
MET N    N N N 313 
MET CA   C N S 314 
MET C    C N N 315 
MET O    O N N 316 
MET CB   C N N 317 
MET CG   C N N 318 
MET SD   S N N 319 
MET CE   C N N 320 
MET OXT  O N N 321 
MET H    H N N 322 
MET H2   H N N 323 
MET HA   H N N 324 
MET HB2  H N N 325 
MET HB3  H N N 326 
MET HG2  H N N 327 
MET HG3  H N N 328 
MET HE1  H N N 329 
MET HE2  H N N 330 
MET HE3  H N N 331 
MET HXT  H N N 332 
PHE N    N N N 333 
PHE CA   C N S 334 
PHE C    C N N 335 
PHE O    O N N 336 
PHE CB   C N N 337 
PHE CG   C Y N 338 
PHE CD1  C Y N 339 
PHE CD2  C Y N 340 
PHE CE1  C Y N 341 
PHE CE2  C Y N 342 
PHE CZ   C Y N 343 
PHE OXT  O N N 344 
PHE H    H N N 345 
PHE H2   H N N 346 
PHE HA   H N N 347 
PHE HB2  H N N 348 
PHE HB3  H N N 349 
PHE HD1  H N N 350 
PHE HD2  H N N 351 
PHE HE1  H N N 352 
PHE HE2  H N N 353 
PHE HZ   H N N 354 
PHE HXT  H N N 355 
PRO N    N N N 356 
PRO CA   C N S 357 
PRO C    C N N 358 
PRO O    O N N 359 
PRO CB   C N N 360 
PRO CG   C N N 361 
PRO CD   C N N 362 
PRO OXT  O N N 363 
PRO H    H N N 364 
PRO HA   H N N 365 
PRO HB2  H N N 366 
PRO HB3  H N N 367 
PRO HG2  H N N 368 
PRO HG3  H N N 369 
PRO HD2  H N N 370 
PRO HD3  H N N 371 
PRO HXT  H N N 372 
SER N    N N N 373 
SER CA   C N S 374 
SER C    C N N 375 
SER O    O N N 376 
SER CB   C N N 377 
SER OG   O N N 378 
SER OXT  O N N 379 
SER H    H N N 380 
SER H2   H N N 381 
SER HA   H N N 382 
SER HB2  H N N 383 
SER HB3  H N N 384 
SER HG   H N N 385 
SER HXT  H N N 386 
THR N    N N N 387 
THR CA   C N S 388 
THR C    C N N 389 
THR O    O N N 390 
THR CB   C N R 391 
THR OG1  O N N 392 
THR CG2  C N N 393 
THR OXT  O N N 394 
THR H    H N N 395 
THR H2   H N N 396 
THR HA   H N N 397 
THR HB   H N N 398 
THR HG1  H N N 399 
THR HG21 H N N 400 
THR HG22 H N N 401 
THR HG23 H N N 402 
THR HXT  H N N 403 
TRP N    N N N 404 
TRP CA   C N S 405 
TRP C    C N N 406 
TRP O    O N N 407 
TRP CB   C N N 408 
TRP CG   C Y N 409 
TRP CD1  C Y N 410 
TRP CD2  C Y N 411 
TRP NE1  N Y N 412 
TRP CE2  C Y N 413 
TRP CE3  C Y N 414 
TRP CZ2  C Y N 415 
TRP CZ3  C Y N 416 
TRP CH2  C Y N 417 
TRP OXT  O N N 418 
TRP H    H N N 419 
TRP H2   H N N 420 
TRP HA   H N N 421 
TRP HB2  H N N 422 
TRP HB3  H N N 423 
TRP HD1  H N N 424 
TRP HE1  H N N 425 
TRP HE3  H N N 426 
TRP HZ2  H N N 427 
TRP HZ3  H N N 428 
TRP HH2  H N N 429 
TRP HXT  H N N 430 
TYR N    N N N 431 
TYR CA   C N S 432 
TYR C    C N N 433 
TYR O    O N N 434 
TYR CB   C N N 435 
TYR CG   C Y N 436 
TYR CD1  C Y N 437 
TYR CD2  C Y N 438 
TYR CE1  C Y N 439 
TYR CE2  C Y N 440 
TYR CZ   C Y N 441 
TYR OH   O N N 442 
TYR OXT  O N N 443 
TYR H    H N N 444 
TYR H2   H N N 445 
TYR HA   H N N 446 
TYR HB2  H N N 447 
TYR HB3  H N N 448 
TYR HD1  H N N 449 
TYR HD2  H N N 450 
TYR HE1  H N N 451 
TYR HE2  H N N 452 
TYR HH   H N N 453 
TYR HXT  H N N 454 
VAL N    N N N 455 
VAL CA   C N S 456 
VAL C    C N N 457 
VAL O    O N N 458 
VAL CB   C N N 459 
VAL CG1  C N N 460 
VAL CG2  C N N 461 
VAL OXT  O N N 462 
VAL H    H N N 463 
VAL H2   H N N 464 
VAL HA   H N N 465 
VAL HB   H N N 466 
VAL HG11 H N N 467 
VAL HG12 H N N 468 
VAL HG13 H N N 469 
VAL HG21 H N N 470 
VAL HG22 H N N 471 
VAL HG23 H N N 472 
VAL HXT  H N N 473 
# 
loop_
_chem_comp_bond.comp_id 
_chem_comp_bond.atom_id_1 
_chem_comp_bond.atom_id_2 
_chem_comp_bond.value_order 
_chem_comp_bond.pdbx_aromatic_flag 
_chem_comp_bond.pdbx_stereo_config 
_chem_comp_bond.pdbx_ordinal 
ALA N   CA   sing N N 1   
ALA N   H    sing N N 2   
ALA N   H2   sing N N 3   
ALA CA  C    sing N N 4   
ALA CA  CB   sing N N 5   
ALA CA  HA   sing N N 6   
ALA C   O    doub N N 7   
ALA C   OXT  sing N N 8   
ALA CB  HB1  sing N N 9   
ALA CB  HB2  sing N N 10  
ALA CB  HB3  sing N N 11  
ALA OXT HXT  sing N N 12  
ARG N   CA   sing N N 13  
ARG N   H    sing N N 14  
ARG N   H2   sing N N 15  
ARG CA  C    sing N N 16  
ARG CA  CB   sing N N 17  
ARG CA  HA   sing N N 18  
ARG C   O    doub N N 19  
ARG C   OXT  sing N N 20  
ARG CB  CG   sing N N 21  
ARG CB  HB2  sing N N 22  
ARG CB  HB3  sing N N 23  
ARG CG  CD   sing N N 24  
ARG CG  HG2  sing N N 25  
ARG CG  HG3  sing N N 26  
ARG CD  NE   sing N N 27  
ARG CD  HD2  sing N N 28  
ARG CD  HD3  sing N N 29  
ARG NE  CZ   sing N N 30  
ARG NE  HE   sing N N 31  
ARG CZ  NH1  sing N N 32  
ARG CZ  NH2  doub N N 33  
ARG NH1 HH11 sing N N 34  
ARG NH1 HH12 sing N N 35  
ARG NH2 HH21 sing N N 36  
ARG NH2 HH22 sing N N 37  
ARG OXT HXT  sing N N 38  
ASN N   CA   sing N N 39  
ASN N   H    sing N N 40  
ASN N   H2   sing N N 41  
ASN CA  C    sing N N 42  
ASN CA  CB   sing N N 43  
ASN CA  HA   sing N N 44  
ASN C   O    doub N N 45  
ASN C   OXT  sing N N 46  
ASN CB  CG   sing N N 47  
ASN CB  HB2  sing N N 48  
ASN CB  HB3  sing N N 49  
ASN CG  OD1  doub N N 50  
ASN CG  ND2  sing N N 51  
ASN ND2 HD21 sing N N 52  
ASN ND2 HD22 sing N N 53  
ASN OXT HXT  sing N N 54  
ASP N   CA   sing N N 55  
ASP N   H    sing N N 56  
ASP N   H2   sing N N 57  
ASP CA  C    sing N N 58  
ASP CA  CB   sing N N 59  
ASP CA  HA   sing N N 60  
ASP C   O    doub N N 61  
ASP C   OXT  sing N N 62  
ASP CB  CG   sing N N 63  
ASP CB  HB2  sing N N 64  
ASP CB  HB3  sing N N 65  
ASP CG  OD1  doub N N 66  
ASP CG  OD2  sing N N 67  
ASP OD2 HD2  sing N N 68  
ASP OXT HXT  sing N N 69  
BEH C01 O02  sing N N 70  
BEH C01 C03  sing N N 71  
BEH C01 C31  sing N N 72  
BEH C01 H011 sing N N 73  
BEH O02 H021 sing N N 74  
BEH C03 O04  sing N N 75  
BEH C03 C12  sing N N 76  
BEH C03 H031 sing N N 77  
BEH O04 C05  sing N N 78  
BEH C05 C06  sing N N 79  
BEH C05 H051 sing N N 80  
BEH C05 H052 sing N N 81  
BEH C06 C07  doub Y N 82  
BEH C06 C11  sing Y N 83  
BEH C07 C08  sing Y N 84  
BEH C07 H071 sing N N 85  
BEH C08 C09  doub Y N 86  
BEH C08 H081 sing N N 87  
BEH C09 C10  sing Y N 88  
BEH C09 H091 sing N N 89  
BEH C10 C11  doub Y N 90  
BEH C10 H101 sing N N 91  
BEH C11 H111 sing N N 92  
BEH C12 O13  doub N N 93  
BEH C12 N14  sing N N 94  
BEH N14 C15  sing N N 95  
BEH N14 H141 sing N N 96  
BEH C15 C16  sing N N 97  
BEH C15 C23  sing N N 98  
BEH C15 H151 sing N N 99  
BEH C16 C17  doub Y N 100 
BEH C16 C21  sing Y N 101 
BEH C17 C18  sing Y N 102 
BEH C17 H171 sing N N 103 
BEH C18 C19  doub Y N 104 
BEH C18 H181 sing N N 105 
BEH C19 C20  sing Y N 106 
BEH C19 H191 sing N N 107 
BEH C20 C21  doub Y N 108 
BEH C20 H201 sing N N 109 
BEH C21 C22  sing N N 110 
BEH C22 C23  sing N N 111 
BEH C22 H221 sing N N 112 
BEH C22 H222 sing N N 113 
BEH C23 O24  sing N N 114 
BEH C23 H231 sing N N 115 
BEH O24 H241 sing N N 116 
BEH C31 O32  sing N N 117 
BEH C31 C33  sing N N 118 
BEH C31 H311 sing N N 119 
BEH O32 H321 sing N N 120 
BEH C33 O34  sing N N 121 
BEH C33 C42  sing N N 122 
BEH C33 H331 sing N N 123 
BEH O34 C35  sing N N 124 
BEH C35 C36  sing N N 125 
BEH C35 H351 sing N N 126 
BEH C35 H352 sing N N 127 
BEH C36 C37  doub Y N 128 
BEH C36 C41  sing Y N 129 
BEH C37 C38  sing Y N 130 
BEH C37 H371 sing N N 131 
BEH C38 C39  doub Y N 132 
BEH C38 H381 sing N N 133 
BEH C39 C40  sing Y N 134 
BEH C39 H391 sing N N 135 
BEH C40 C41  doub Y N 136 
BEH C40 H401 sing N N 137 
BEH C41 H411 sing N N 138 
BEH C42 O43  doub N N 139 
BEH C42 N44  sing N N 140 
BEH N44 C45  sing N N 141 
BEH N44 H441 sing N N 142 
BEH C45 C46  sing N N 143 
BEH C45 H451 sing N N 144 
BEH C45 H452 sing N N 145 
BEH C46 C47  doub Y N 146 
BEH C46 C51  sing Y N 147 
BEH C47 C48  sing Y N 148 
BEH C47 H471 sing N N 149 
BEH C48 C49  doub Y N 150 
BEH C48 H481 sing N N 151 
BEH C49 C50  sing Y N 152 
BEH C49 H491 sing N N 153 
BEH C50 C51  doub Y N 154 
BEH C50 H501 sing N N 155 
BEH C51 H511 sing N N 156 
CYS N   CA   sing N N 157 
CYS N   H    sing N N 158 
CYS N   H2   sing N N 159 
CYS CA  C    sing N N 160 
CYS CA  CB   sing N N 161 
CYS CA  HA   sing N N 162 
CYS C   O    doub N N 163 
CYS C   OXT  sing N N 164 
CYS CB  SG   sing N N 165 
CYS CB  HB2  sing N N 166 
CYS CB  HB3  sing N N 167 
CYS SG  HG   sing N N 168 
CYS OXT HXT  sing N N 169 
GLN N   CA   sing N N 170 
GLN N   H    sing N N 171 
GLN N   H2   sing N N 172 
GLN CA  C    sing N N 173 
GLN CA  CB   sing N N 174 
GLN CA  HA   sing N N 175 
GLN C   O    doub N N 176 
GLN C   OXT  sing N N 177 
GLN CB  CG   sing N N 178 
GLN CB  HB2  sing N N 179 
GLN CB  HB3  sing N N 180 
GLN CG  CD   sing N N 181 
GLN CG  HG2  sing N N 182 
GLN CG  HG3  sing N N 183 
GLN CD  OE1  doub N N 184 
GLN CD  NE2  sing N N 185 
GLN NE2 HE21 sing N N 186 
GLN NE2 HE22 sing N N 187 
GLN OXT HXT  sing N N 188 
GLU N   CA   sing N N 189 
GLU N   H    sing N N 190 
GLU N   H2   sing N N 191 
GLU CA  C    sing N N 192 
GLU CA  CB   sing N N 193 
GLU CA  HA   sing N N 194 
GLU C   O    doub N N 195 
GLU C   OXT  sing N N 196 
GLU CB  CG   sing N N 197 
GLU CB  HB2  sing N N 198 
GLU CB  HB3  sing N N 199 
GLU CG  CD   sing N N 200 
GLU CG  HG2  sing N N 201 
GLU CG  HG3  sing N N 202 
GLU CD  OE1  doub N N 203 
GLU CD  OE2  sing N N 204 
GLU OE2 HE2  sing N N 205 
GLU OXT HXT  sing N N 206 
GLY N   CA   sing N N 207 
GLY N   H    sing N N 208 
GLY N   H2   sing N N 209 
GLY CA  C    sing N N 210 
GLY CA  HA2  sing N N 211 
GLY CA  HA3  sing N N 212 
GLY C   O    doub N N 213 
GLY C   OXT  sing N N 214 
GLY OXT HXT  sing N N 215 
HIS N   CA   sing N N 216 
HIS N   H    sing N N 217 
HIS N   H2   sing N N 218 
HIS CA  C    sing N N 219 
HIS CA  CB   sing N N 220 
HIS CA  HA   sing N N 221 
HIS C   O    doub N N 222 
HIS C   OXT  sing N N 223 
HIS CB  CG   sing N N 224 
HIS CB  HB2  sing N N 225 
HIS CB  HB3  sing N N 226 
HIS CG  ND1  sing Y N 227 
HIS CG  CD2  doub Y N 228 
HIS ND1 CE1  doub Y N 229 
HIS ND1 HD1  sing N N 230 
HIS CD2 NE2  sing Y N 231 
HIS CD2 HD2  sing N N 232 
HIS CE1 NE2  sing Y N 233 
HIS CE1 HE1  sing N N 234 
HIS NE2 HE2  sing N N 235 
HIS OXT HXT  sing N N 236 
HOH O   H1   sing N N 237 
HOH O   H2   sing N N 238 
ILE N   CA   sing N N 239 
ILE N   H    sing N N 240 
ILE N   H2   sing N N 241 
ILE CA  C    sing N N 242 
ILE CA  CB   sing N N 243 
ILE CA  HA   sing N N 244 
ILE C   O    doub N N 245 
ILE C   OXT  sing N N 246 
ILE CB  CG1  sing N N 247 
ILE CB  CG2  sing N N 248 
ILE CB  HB   sing N N 249 
ILE CG1 CD1  sing N N 250 
ILE CG1 HG12 sing N N 251 
ILE CG1 HG13 sing N N 252 
ILE CG2 HG21 sing N N 253 
ILE CG2 HG22 sing N N 254 
ILE CG2 HG23 sing N N 255 
ILE CD1 HD11 sing N N 256 
ILE CD1 HD12 sing N N 257 
ILE CD1 HD13 sing N N 258 
ILE OXT HXT  sing N N 259 
LEU N   CA   sing N N 260 
LEU N   H    sing N N 261 
LEU N   H2   sing N N 262 
LEU CA  C    sing N N 263 
LEU CA  CB   sing N N 264 
LEU CA  HA   sing N N 265 
LEU C   O    doub N N 266 
LEU C   OXT  sing N N 267 
LEU CB  CG   sing N N 268 
LEU CB  HB2  sing N N 269 
LEU CB  HB3  sing N N 270 
LEU CG  CD1  sing N N 271 
LEU CG  CD2  sing N N 272 
LEU CG  HG   sing N N 273 
LEU CD1 HD11 sing N N 274 
LEU CD1 HD12 sing N N 275 
LEU CD1 HD13 sing N N 276 
LEU CD2 HD21 sing N N 277 
LEU CD2 HD22 sing N N 278 
LEU CD2 HD23 sing N N 279 
LEU OXT HXT  sing N N 280 
LYS N   CA   sing N N 281 
LYS N   H    sing N N 282 
LYS N   H2   sing N N 283 
LYS CA  C    sing N N 284 
LYS CA  CB   sing N N 285 
LYS CA  HA   sing N N 286 
LYS C   O    doub N N 287 
LYS C   OXT  sing N N 288 
LYS CB  CG   sing N N 289 
LYS CB  HB2  sing N N 290 
LYS CB  HB3  sing N N 291 
LYS CG  CD   sing N N 292 
LYS CG  HG2  sing N N 293 
LYS CG  HG3  sing N N 294 
LYS CD  CE   sing N N 295 
LYS CD  HD2  sing N N 296 
LYS CD  HD3  sing N N 297 
LYS CE  NZ   sing N N 298 
LYS CE  HE2  sing N N 299 
LYS CE  HE3  sing N N 300 
LYS NZ  HZ1  sing N N 301 
LYS NZ  HZ2  sing N N 302 
LYS NZ  HZ3  sing N N 303 
LYS OXT HXT  sing N N 304 
MET N   CA   sing N N 305 
MET N   H    sing N N 306 
MET N   H2   sing N N 307 
MET CA  C    sing N N 308 
MET CA  CB   sing N N 309 
MET CA  HA   sing N N 310 
MET C   O    doub N N 311 
MET C   OXT  sing N N 312 
MET CB  CG   sing N N 313 
MET CB  HB2  sing N N 314 
MET CB  HB3  sing N N 315 
MET CG  SD   sing N N 316 
MET CG  HG2  sing N N 317 
MET CG  HG3  sing N N 318 
MET SD  CE   sing N N 319 
MET CE  HE1  sing N N 320 
MET CE  HE2  sing N N 321 
MET CE  HE3  sing N N 322 
MET OXT HXT  sing N N 323 
PHE N   CA   sing N N 324 
PHE N   H    sing N N 325 
PHE N   H2   sing N N 326 
PHE CA  C    sing N N 327 
PHE CA  CB   sing N N 328 
PHE CA  HA   sing N N 329 
PHE C   O    doub N N 330 
PHE C   OXT  sing N N 331 
PHE CB  CG   sing N N 332 
PHE CB  HB2  sing N N 333 
PHE CB  HB3  sing N N 334 
PHE CG  CD1  doub Y N 335 
PHE CG  CD2  sing Y N 336 
PHE CD1 CE1  sing Y N 337 
PHE CD1 HD1  sing N N 338 
PHE CD2 CE2  doub Y N 339 
PHE CD2 HD2  sing N N 340 
PHE CE1 CZ   doub Y N 341 
PHE CE1 HE1  sing N N 342 
PHE CE2 CZ   sing Y N 343 
PHE CE2 HE2  sing N N 344 
PHE CZ  HZ   sing N N 345 
PHE OXT HXT  sing N N 346 
PRO N   CA   sing N N 347 
PRO N   CD   sing N N 348 
PRO N   H    sing N N 349 
PRO CA  C    sing N N 350 
PRO CA  CB   sing N N 351 
PRO CA  HA   sing N N 352 
PRO C   O    doub N N 353 
PRO C   OXT  sing N N 354 
PRO CB  CG   sing N N 355 
PRO CB  HB2  sing N N 356 
PRO CB  HB3  sing N N 357 
PRO CG  CD   sing N N 358 
PRO CG  HG2  sing N N 359 
PRO CG  HG3  sing N N 360 
PRO CD  HD2  sing N N 361 
PRO CD  HD3  sing N N 362 
PRO OXT HXT  sing N N 363 
SER N   CA   sing N N 364 
SER N   H    sing N N 365 
SER N   H2   sing N N 366 
SER CA  C    sing N N 367 
SER CA  CB   sing N N 368 
SER CA  HA   sing N N 369 
SER C   O    doub N N 370 
SER C   OXT  sing N N 371 
SER CB  OG   sing N N 372 
SER CB  HB2  sing N N 373 
SER CB  HB3  sing N N 374 
SER OG  HG   sing N N 375 
SER OXT HXT  sing N N 376 
THR N   CA   sing N N 377 
THR N   H    sing N N 378 
THR N   H2   sing N N 379 
THR CA  C    sing N N 380 
THR CA  CB   sing N N 381 
THR CA  HA   sing N N 382 
THR C   O    doub N N 383 
THR C   OXT  sing N N 384 
THR CB  OG1  sing N N 385 
THR CB  CG2  sing N N 386 
THR CB  HB   sing N N 387 
THR OG1 HG1  sing N N 388 
THR CG2 HG21 sing N N 389 
THR CG2 HG22 sing N N 390 
THR CG2 HG23 sing N N 391 
THR OXT HXT  sing N N 392 
TRP N   CA   sing N N 393 
TRP N   H    sing N N 394 
TRP N   H2   sing N N 395 
TRP CA  C    sing N N 396 
TRP CA  CB   sing N N 397 
TRP CA  HA   sing N N 398 
TRP C   O    doub N N 399 
TRP C   OXT  sing N N 400 
TRP CB  CG   sing N N 401 
TRP CB  HB2  sing N N 402 
TRP CB  HB3  sing N N 403 
TRP CG  CD1  doub Y N 404 
TRP CG  CD2  sing Y N 405 
TRP CD1 NE1  sing Y N 406 
TRP CD1 HD1  sing N N 407 
TRP CD2 CE2  doub Y N 408 
TRP CD2 CE3  sing Y N 409 
TRP NE1 CE2  sing Y N 410 
TRP NE1 HE1  sing N N 411 
TRP CE2 CZ2  sing Y N 412 
TRP CE3 CZ3  doub Y N 413 
TRP CE3 HE3  sing N N 414 
TRP CZ2 CH2  doub Y N 415 
TRP CZ2 HZ2  sing N N 416 
TRP CZ3 CH2  sing Y N 417 
TRP CZ3 HZ3  sing N N 418 
TRP CH2 HH2  sing N N 419 
TRP OXT HXT  sing N N 420 
TYR N   CA   sing N N 421 
TYR N   H    sing N N 422 
TYR N   H2   sing N N 423 
TYR CA  C    sing N N 424 
TYR CA  CB   sing N N 425 
TYR CA  HA   sing N N 426 
TYR C   O    doub N N 427 
TYR C   OXT  sing N N 428 
TYR CB  CG   sing N N 429 
TYR CB  HB2  sing N N 430 
TYR CB  HB3  sing N N 431 
TYR CG  CD1  doub Y N 432 
TYR CG  CD2  sing Y N 433 
TYR CD1 CE1  sing Y N 434 
TYR CD1 HD1  sing N N 435 
TYR CD2 CE2  doub Y N 436 
TYR CD2 HD2  sing N N 437 
TYR CE1 CZ   doub Y N 438 
TYR CE1 HE1  sing N N 439 
TYR CE2 CZ   sing Y N 440 
TYR CE2 HE2  sing N N 441 
TYR CZ  OH   sing N N 442 
TYR OH  HH   sing N N 443 
TYR OXT HXT  sing N N 444 
VAL N   CA   sing N N 445 
VAL N   H    sing N N 446 
VAL N   H2   sing N N 447 
VAL CA  C    sing N N 448 
VAL CA  CB   sing N N 449 
VAL CA  HA   sing N N 450 
VAL C   O    doub N N 451 
VAL C   OXT  sing N N 452 
VAL CB  CG1  sing N N 453 
VAL CB  CG2  sing N N 454 
VAL CB  HB   sing N N 455 
VAL CG1 HG11 sing N N 456 
VAL CG1 HG12 sing N N 457 
VAL CG1 HG13 sing N N 458 
VAL CG2 HG21 sing N N 459 
VAL CG2 HG22 sing N N 460 
VAL CG2 HG23 sing N N 461 
VAL OXT HXT  sing N N 462 
# 
_atom_sites.entry_id                    1D4H 
_atom_sites.fract_transf_matrix[1][1]   0.01176033 
_atom_sites.fract_transf_matrix[1][2]   0.01189264 
_atom_sites.fract_transf_matrix[1][3]   -0.00359296 
_atom_sites.fract_transf_matrix[2][1]   -0.00771540 
_atom_sites.fract_transf_matrix[2][2]   0.00565388 
_atom_sites.fract_transf_matrix[2][3]   -0.00653948 
_atom_sites.fract_transf_matrix[3][1]   -0.00622435 
_atom_sites.fract_transf_matrix[3][2]   0.01133427 
_atom_sites.fract_transf_matrix[3][3]   0.01714297 
_atom_sites.fract_transf_vector[1]      0.269229 
_atom_sites.fract_transf_vector[2]      0.306780 
_atom_sites.fract_transf_vector[3]      0.078805 
# 
loop_
_atom_type.symbol 
C 
N 
O 
S 
# 
loop_
_atom_site.group_PDB 
_atom_site.id 
_atom_site.type_symbol 
_atom_site.label_atom_id 
_atom_site.label_alt_id 
_atom_site.label_comp_id 
_atom_site.label_asym_id 
_atom_site.label_entity_id 
_atom_site.label_seq_id 
_atom_site.pdbx_PDB_ins_code 
_atom_site.Cartn_x 
_atom_site.Cartn_y 
_atom_site.Cartn_z 
_atom_site.occupancy 
_atom_site.B_iso_or_equiv 
_atom_site.pdbx_formal_charge 
_atom_site.auth_seq_id 
_atom_site.auth_comp_id 
_atom_site.auth_asym_id 
_atom_site.auth_atom_id 
_atom_site.pdbx_PDB_model_num 
ATOM   1    N N   . PRO A 1 1  ? -0.467  16.792  -9.263  1.00 28.11 ? 1   PRO A N   1 
ATOM   2    C CA  . PRO A 1 1  ? 1.004   16.668  -9.230  1.00 27.88 ? 1   PRO A CA  1 
ATOM   3    C C   . PRO A 1 1  ? 1.440   15.247  -9.555  1.00 27.31 ? 1   PRO A C   1 
ATOM   4    O O   . PRO A 1 1  ? 0.612   14.341  -9.650  1.00 26.95 ? 1   PRO A O   1 
ATOM   5    C CB  . PRO A 1 1  ? 1.442   17.036  -7.824  1.00 28.41 ? 1   PRO A CB  1 
ATOM   6    C CG  . PRO A 1 1  ? 0.221   16.608  -7.025  1.00 28.70 ? 1   PRO A CG  1 
ATOM   7    C CD  . PRO A 1 1  ? -0.973  17.026  -7.899  1.00 28.24 ? 1   PRO A CD  1 
ATOM   8    N N   . GLN A 1 2  ? 2.742   15.067  -9.740  1.00 26.97 ? 2   GLN A N   1 
ATOM   9    C CA  . GLN A 1 2  ? 3.294   13.748  -10.014 1.00 26.65 ? 2   GLN A CA  1 
ATOM   10   C C   . GLN A 1 2  ? 4.189   13.416  -8.829  1.00 25.73 ? 2   GLN A C   1 
ATOM   11   O O   . GLN A 1 2  ? 5.133   14.143  -8.523  1.00 25.72 ? 2   GLN A O   1 
ATOM   12   C CB  . GLN A 1 2  ? 4.108   13.745  -11.305 1.00 27.77 ? 2   GLN A CB  1 
ATOM   13   C CG  . GLN A 1 2  ? 4.605   12.361  -11.686 1.00 29.74 ? 2   GLN A CG  1 
ATOM   14   C CD  . GLN A 1 2  ? 5.277   12.333  -13.039 1.00 30.86 ? 2   GLN A CD  1 
ATOM   15   O OE1 . GLN A 1 2  ? 6.369   12.877  -13.216 1.00 32.18 ? 2   GLN A OE1 1 
ATOM   16   N NE2 . GLN A 1 2  ? 4.626   11.698  -14.010 1.00 30.68 ? 2   GLN A NE2 1 
ATOM   17   N N   . ILE A 1 3  ? 3.882   12.314  -8.159  1.00 24.42 ? 3   ILE A N   1 
ATOM   18   C CA  . ILE A 1 3  ? 4.632   11.915  -6.985  1.00 23.10 ? 3   ILE A CA  1 
ATOM   19   C C   . ILE A 1 3  ? 5.529   10.718  -7.253  1.00 22.54 ? 3   ILE A C   1 
ATOM   20   O O   . ILE A 1 3  ? 5.058   9.657   -7.661  1.00 21.57 ? 3   ILE A O   1 
ATOM   21   C CB  . ILE A 1 3  ? 3.658   11.601  -5.835  1.00 23.51 ? 3   ILE A CB  1 
ATOM   22   C CG1 . ILE A 1 3  ? 2.755   12.817  -5.596  1.00 24.17 ? 3   ILE A CG1 1 
ATOM   23   C CG2 . ILE A 1 3  ? 4.423   11.241  -4.571  1.00 22.93 ? 3   ILE A CG2 1 
ATOM   24   C CD1 . ILE A 1 3  ? 1.648   12.588  -4.590  1.00 24.86 ? 3   ILE A CD1 1 
ATOM   25   N N   . THR A 1 4  ? 6.830   10.902  -7.043  1.00 21.70 ? 4   THR A N   1 
ATOM   26   C CA  . THR A 1 4  ? 7.783   9.819   -7.241  1.00 21.17 ? 4   THR A CA  1 
ATOM   27   C C   . THR A 1 4  ? 7.766   8.957   -5.986  1.00 19.98 ? 4   THR A C   1 
ATOM   28   O O   . THR A 1 4  ? 7.299   9.393   -4.932  1.00 20.04 ? 4   THR A O   1 
ATOM   29   C CB  . THR A 1 4  ? 9.213   10.346  -7.499  1.00 21.65 ? 4   THR A CB  1 
ATOM   30   O OG1 . THR A 1 4  ? 9.601   11.236  -6.446  1.00 22.80 ? 4   THR A OG1 1 
ATOM   31   C CG2 . THR A 1 4  ? 9.273   11.073  -8.834  1.00 22.41 ? 4   THR A CG2 1 
ATOM   32   N N   . LEU A 1 5  ? 8.283   7.739   -6.098  1.00 18.39 ? 5   LEU A N   1 
ATOM   33   C CA  . LEU A 1 5  ? 8.265   6.815   -4.977  1.00 18.01 ? 5   LEU A CA  1 
ATOM   34   C C   . LEU A 1 5  ? 9.624   6.535   -4.340  1.00 17.82 ? 5   LEU A C   1 
ATOM   35   O O   . LEU A 1 5  ? 9.812   5.506   -3.689  1.00 16.93 ? 5   LEU A O   1 
ATOM   36   C CB  . LEU A 1 5  ? 7.592   5.511   -5.425  1.00 16.96 ? 5   LEU A CB  1 
ATOM   37   C CG  . LEU A 1 5  ? 6.163   5.754   -5.933  1.00 17.17 ? 5   LEU A CG  1 
ATOM   38   C CD1 . LEU A 1 5  ? 5.572   4.477   -6.523  1.00 16.67 ? 5   LEU A CD1 1 
ATOM   39   C CD2 . LEU A 1 5  ? 5.309   6.260   -4.782  1.00 17.38 ? 5   LEU A CD2 1 
ATOM   40   N N   . TRP A 1 6  ? 10.561  7.462   -4.520  1.00 18.18 ? 6   TRP A N   1 
ATOM   41   C CA  . TRP A 1 6  ? 11.891  7.334   -3.930  1.00 18.79 ? 6   TRP A CA  1 
ATOM   42   C C   . TRP A 1 6  ? 11.742  7.354   -2.415  1.00 18.60 ? 6   TRP A C   1 
ATOM   43   O O   . TRP A 1 6  ? 12.510  6.722   -1.695  1.00 19.17 ? 6   TRP A O   1 
ATOM   44   C CB  . TRP A 1 6  ? 12.784  8.495   -4.368  1.00 19.06 ? 6   TRP A CB  1 
ATOM   45   C CG  . TRP A 1 6  ? 13.061  8.506   -5.828  1.00 19.82 ? 6   TRP A CG  1 
ATOM   46   C CD1 . TRP A 1 6  ? 12.649  9.439   -6.736  1.00 20.13 ? 6   TRP A CD1 1 
ATOM   47   C CD2 . TRP A 1 6  ? 13.827  7.543   -6.558  1.00 20.62 ? 6   TRP A CD2 1 
ATOM   48   N NE1 . TRP A 1 6  ? 13.115  9.117   -7.990  1.00 20.50 ? 6   TRP A NE1 1 
ATOM   49   C CE2 . TRP A 1 6  ? 13.842  7.959   -7.908  1.00 21.04 ? 6   TRP A CE2 1 
ATOM   50   C CE3 . TRP A 1 6  ? 14.508  6.372   -6.202  1.00 21.64 ? 6   TRP A CE3 1 
ATOM   51   C CZ2 . TRP A 1 6  ? 14.514  7.241   -8.907  1.00 22.13 ? 6   TRP A CZ2 1 
ATOM   52   C CZ3 . TRP A 1 6  ? 15.177  5.658   -7.195  1.00 21.64 ? 6   TRP A CZ3 1 
ATOM   53   C CH2 . TRP A 1 6  ? 15.173  6.097   -8.530  1.00 22.01 ? 6   TRP A CH2 1 
ATOM   54   N N   . GLN A 1 7  ? 10.752  8.106   -1.945  1.00 19.11 ? 7   GLN A N   1 
ATOM   55   C CA  . GLN A 1 7  ? 10.453  8.214   -0.522  1.00 19.02 ? 7   GLN A CA  1 
ATOM   56   C C   . GLN A 1 7  ? 8.974   7.870   -0.363  1.00 18.54 ? 7   GLN A C   1 
ATOM   57   O O   . GLN A 1 7  ? 8.243   7.817   -1.352  1.00 17.97 ? 7   GLN A O   1 
ATOM   58   C CB  . GLN A 1 7  ? 10.683  9.647   -0.018  1.00 20.82 ? 7   GLN A CB  1 
ATOM   59   C CG  . GLN A 1 7  ? 12.121  10.167  -0.118  1.00 23.89 ? 7   GLN A CG  1 
ATOM   60   C CD  . GLN A 1 7  ? 12.466  10.739  -1.483  1.00 26.01 ? 7   GLN A CD  1 
ATOM   61   O OE1 . GLN A 1 7  ? 11.717  11.545  -2.047  1.00 28.43 ? 7   GLN A OE1 1 
ATOM   62   N NE2 . GLN A 1 7  ? 13.616  10.341  -2.015  1.00 27.70 ? 7   GLN A NE2 1 
ATOM   63   N N   . ARG A 1 8  ? 8.535   7.639   0.871   1.00 17.79 ? 8   ARG A N   1 
ATOM   64   C CA  . ARG A 1 8  ? 7.130   7.327   1.116   1.00 17.95 ? 8   ARG A CA  1 
ATOM   65   C C   . ARG A 1 8  ? 6.294   8.496   0.619   1.00 17.73 ? 8   ARG A C   1 
ATOM   66   O O   . ARG A 1 8  ? 6.635   9.656   0.861   1.00 17.60 ? 8   ARG A O   1 
ATOM   67   C CB  . ARG A 1 8  ? 6.876   7.111   2.606   1.00 19.20 ? 8   ARG A CB  1 
ATOM   68   C CG  . ARG A 1 8  ? 7.465   5.825   3.144   1.00 20.84 ? 8   ARG A CG  1 
ATOM   69   C CD  . ARG A 1 8  ? 7.104   5.618   4.603   1.00 22.42 ? 8   ARG A CD  1 
ATOM   70   N NE  . ARG A 1 8  ? 7.447   4.271   5.051   1.00 23.58 ? 8   ARG A NE  1 
ATOM   71   C CZ  . ARG A 1 8  ? 7.189   3.794   6.265   1.00 24.98 ? 8   ARG A CZ  1 
ATOM   72   N NH1 . ARG A 1 8  ? 6.579   4.554   7.170   1.00 25.45 ? 8   ARG A NH1 1 
ATOM   73   N NH2 . ARG A 1 8  ? 7.536   2.552   6.573   1.00 25.78 ? 8   ARG A NH2 1 
ATOM   74   N N   . PRO A 1 9  ? 5.196   8.208   -0.097  1.00 17.11 ? 9   PRO A N   1 
ATOM   75   C CA  . PRO A 1 9  ? 4.345   9.285   -0.610  1.00 17.25 ? 9   PRO A CA  1 
ATOM   76   C C   . PRO A 1 9  ? 3.414   9.833   0.466   1.00 18.10 ? 9   PRO A C   1 
ATOM   77   O O   . PRO A 1 9  ? 2.236   9.485   0.528   1.00 17.27 ? 9   PRO A O   1 
ATOM   78   C CB  . PRO A 1 9  ? 3.604   8.611   -1.764  1.00 16.29 ? 9   PRO A CB  1 
ATOM   79   C CG  . PRO A 1 9  ? 3.414   7.214   -1.257  1.00 16.28 ? 9   PRO A CG  1 
ATOM   80   C CD  . PRO A 1 9  ? 4.753   6.892   -0.600  1.00 16.68 ? 9   PRO A CD  1 
ATOM   81   N N   . LEU A 1 10 ? 3.969   10.693  1.315   1.00 19.05 ? 10  LEU A N   1 
ATOM   82   C CA  . LEU A 1 10 ? 3.225   11.307  2.406   1.00 20.28 ? 10  LEU A CA  1 
ATOM   83   C C   . LEU A 1 10 ? 2.665   12.655  1.980   1.00 20.73 ? 10  LEU A C   1 
ATOM   84   O O   . LEU A 1 10 ? 3.351   13.447  1.331   1.00 20.99 ? 10  LEU A O   1 
ATOM   85   C CB  . LEU A 1 10 ? 4.138   11.494  3.621   1.00 21.48 ? 10  LEU A CB  1 
ATOM   86   C CG  . LEU A 1 10 ? 4.725   10.235  4.262   1.00 22.57 ? 10  LEU A CG  1 
ATOM   87   C CD1 . LEU A 1 10 ? 5.734   10.628  5.334   1.00 23.72 ? 10  LEU A CD1 1 
ATOM   88   C CD2 . LEU A 1 10 ? 3.607   9.396   4.862   1.00 23.02 ? 10  LEU A CD2 1 
ATOM   89   N N   . VAL A 1 11 ? 1.414   12.908  2.340   1.00 20.71 ? 11  VAL A N   1 
ATOM   90   C CA  . VAL A 1 11 ? 0.769   14.168  1.999   1.00 21.46 ? 11  VAL A CA  1 
ATOM   91   C C   . VAL A 1 11 ? -0.008  14.679  3.199   1.00 21.86 ? 11  VAL A C   1 
ATOM   92   O O   . VAL A 1 11 ? -0.257  13.938  4.152   1.00 21.29 ? 11  VAL A O   1 
ATOM   93   C CB  . VAL A 1 11 ? -0.213  14.008  0.816   1.00 21.80 ? 11  VAL A CB  1 
ATOM   94   C CG1 . VAL A 1 11 ? 0.531   13.508  -0.412  1.00 21.91 ? 11  VAL A CG1 1 
ATOM   95   C CG2 . VAL A 1 11 ? -1.339  13.052  1.194   1.00 22.21 ? 11  VAL A CG2 1 
ATOM   96   N N   . THR A 1 12 ? -0.383  15.951  3.152   1.00 22.56 ? 12  THR A N   1 
ATOM   97   C CA  . THR A 1 12 ? -1.144  16.549  4.234   1.00 23.60 ? 12  THR A CA  1 
ATOM   98   C C   . THR A 1 12 ? -2.626  16.413  3.913   1.00 23.53 ? 12  THR A C   1 
ATOM   99   O O   . THR A 1 12 ? -3.042  16.624  2.780   1.00 23.89 ? 12  THR A O   1 
ATOM   100  C CB  . THR A 1 12 ? -0.805  18.051  4.404   1.00 24.44 ? 12  THR A CB  1 
ATOM   101  O OG1 . THR A 1 12 ? 0.593   18.203  4.668   1.00 26.13 ? 12  THR A OG1 1 
ATOM   102  C CG2 . THR A 1 12 ? -1.590  18.642  5.566   1.00 25.57 ? 12  THR A CG2 1 
ATOM   103  N N   . ILE A 1 13 ? -3.415  16.031  4.908   1.00 23.19 ? 13  ILE A N   1 
ATOM   104  C CA  . ILE A 1 13 ? -4.848  15.894  4.711   1.00 23.95 ? 13  ILE A CA  1 
ATOM   105  C C   . ILE A 1 13 ? -5.534  16.743  5.767   1.00 24.55 ? 13  ILE A C   1 
ATOM   106  O O   . ILE A 1 13 ? -4.933  17.081  6.785   1.00 24.29 ? 13  ILE A O   1 
ATOM   107  C CB  . ILE A 1 13 ? -5.321  14.424  4.864   1.00 23.42 ? 13  ILE A CB  1 
ATOM   108  C CG1 . ILE A 1 13 ? -5.058  13.930  6.289   1.00 23.66 ? 13  ILE A CG1 1 
ATOM   109  C CG2 . ILE A 1 13 ? -4.599  13.539  3.856   1.00 22.96 ? 13  ILE A CG2 1 
ATOM   110  C CD1 . ILE A 1 13 ? -5.652  12.564  6.588   1.00 23.85 ? 13  ILE A CD1 1 
ATOM   111  N N   . LYS A 1 14 ? -6.784  17.100  5.509   1.00 25.61 ? 14  LYS A N   1 
ATOM   112  C CA  . LYS A 1 14 ? -7.556  17.897  6.448   1.00 27.09 ? 14  LYS A CA  1 
ATOM   113  C C   . LYS A 1 14 ? -8.838  17.129  6.720   1.00 27.24 ? 14  LYS A C   1 
ATOM   114  O O   . LYS A 1 14 ? -9.587  16.810  5.798   1.00 26.91 ? 14  LYS A O   1 
ATOM   115  C CB  . LYS A 1 14 ? -7.870  19.272  5.851   1.00 27.89 ? 14  LYS A CB  1 
ATOM   116  C CG  . LYS A 1 14 ? -8.515  20.260  6.820   1.00 30.13 ? 14  LYS A CG  1 
ATOM   117  C CD  . LYS A 1 14 ? -8.551  21.660  6.206   1.00 31.52 ? 14  LYS A CD  1 
ATOM   118  C CE  . LYS A 1 14 ? -9.105  22.704  7.173   1.00 32.57 ? 14  LYS A CE  1 
ATOM   119  N NZ  . LYS A 1 14 ? -10.557 22.523  7.443   1.00 33.32 ? 14  LYS A NZ  1 
ATOM   120  N N   . ILE A 1 15 ? -9.068  16.805  7.984   1.00 28.40 ? 15  ILE A N   1 
ATOM   121  C CA  . ILE A 1 15 ? -10.263 16.071  8.370   1.00 29.81 ? 15  ILE A CA  1 
ATOM   122  C C   . ILE A 1 15 ? -10.742 16.550  9.731   1.00 30.94 ? 15  ILE A C   1 
ATOM   123  O O   . ILE A 1 15 ? -9.987  16.547  10.705  1.00 30.99 ? 15  ILE A O   1 
ATOM   124  C CB  . ILE A 1 15 ? -9.998  14.540  8.415   1.00 29.84 ? 15  ILE A CB  1 
ATOM   125  C CG1 . ILE A 1 15 ? -11.258 13.810  8.889   1.00 29.88 ? 15  ILE A CG1 1 
ATOM   126  C CG2 . ILE A 1 15 ? -8.811  14.236  9.321   1.00 29.99 ? 15  ILE A CG2 1 
ATOM   127  C CD1 . ILE A 1 15 ? -11.175 12.299  8.786   1.00 30.42 ? 15  ILE A CD1 1 
ATOM   128  N N   . GLY A 1 16 ? -12.000 16.977  9.785   1.00 32.19 ? 16  GLY A N   1 
ATOM   129  C CA  . GLY A 1 16 ? -12.563 17.460  11.032  1.00 33.38 ? 16  GLY A CA  1 
ATOM   130  C C   . GLY A 1 16 ? -11.859 18.700  11.546  1.00 34.09 ? 16  GLY A C   1 
ATOM   131  O O   . GLY A 1 16 ? -11.758 18.908  12.757  1.00 34.64 ? 16  GLY A O   1 
ATOM   132  N N   . GLY A 1 17 ? -11.368 19.525  10.626  1.00 34.55 ? 17  GLY A N   1 
ATOM   133  C CA  . GLY A 1 17 ? -10.679 20.745  11.006  1.00 34.92 ? 17  GLY A CA  1 
ATOM   134  C C   . GLY A 1 17 ? -9.260  20.510  11.492  1.00 35.37 ? 17  GLY A C   1 
ATOM   135  O O   . GLY A 1 17 ? -8.609  21.425  12.004  1.00 35.66 ? 17  GLY A O   1 
ATOM   136  N N   . GLN A 1 18 ? -8.773  19.284  11.330  1.00 34.84 ? 18  GLN A N   1 
ATOM   137  C CA  . GLN A 1 18 ? -7.426  18.939  11.767  1.00 34.25 ? 18  GLN A CA  1 
ATOM   138  C C   . GLN A 1 18 ? -6.513  18.589  10.600  1.00 33.31 ? 18  GLN A C   1 
ATOM   139  O O   . GLN A 1 18 ? -6.934  17.943  9.641   1.00 32.44 ? 18  GLN A O   1 
ATOM   140  C CB  . GLN A 1 18 ? -7.475  17.755  12.733  1.00 35.33 ? 18  GLN A CB  1 
ATOM   141  C CG  . GLN A 1 18 ? -8.101  18.063  14.078  1.00 36.78 ? 18  GLN A CG  1 
ATOM   142  C CD  . GLN A 1 18 ? -8.245  16.826  14.939  1.00 37.54 ? 18  GLN A CD  1 
ATOM   143  O OE1 . GLN A 1 18 ? -7.287  16.074  15.129  1.00 38.30 ? 18  GLN A OE1 1 
ATOM   144  N NE2 . GLN A 1 18 ? -9.443  16.609  15.471  1.00 38.62 ? 18  GLN A NE2 1 
ATOM   145  N N   . LEU A 1 19 ? -5.261  19.027  10.684  1.00 32.35 ? 19  LEU A N   1 
ATOM   146  C CA  . LEU A 1 19 ? -4.280  18.732  9.649   1.00 31.56 ? 19  LEU A CA  1 
ATOM   147  C C   . LEU A 1 19 ? -3.490  17.515  10.106  1.00 30.42 ? 19  LEU A C   1 
ATOM   148  O O   . LEU A 1 19 ? -3.099  17.424  11.268  1.00 30.57 ? 19  LEU A O   1 
ATOM   149  C CB  . LEU A 1 19 ? -3.331  19.913  9.445   1.00 32.28 ? 19  LEU A CB  1 
ATOM   150  C CG  . LEU A 1 19 ? -3.903  21.186  8.822   1.00 32.82 ? 19  LEU A CG  1 
ATOM   151  C CD1 . LEU A 1 19 ? -2.807  22.245  8.748   1.00 33.49 ? 19  LEU A CD1 1 
ATOM   152  C CD2 . LEU A 1 19 ? -4.448  20.886  7.436   1.00 33.09 ? 19  LEU A CD2 1 
ATOM   153  N N   . LYS A 1 20 ? -3.265  16.575  9.198   1.00 29.07 ? 20  LYS A N   1 
ATOM   154  C CA  . LYS A 1 20 ? -2.524  15.366  9.530   1.00 27.66 ? 20  LYS A CA  1 
ATOM   155  C C   . LYS A 1 20 ? -1.711  14.910  8.332   1.00 26.42 ? 20  LYS A C   1 
ATOM   156  O O   . LYS A 1 20 ? -1.972  15.329  7.204   1.00 26.17 ? 20  LYS A O   1 
ATOM   157  C CB  . LYS A 1 20 ? -3.483  14.244  9.939   1.00 28.12 ? 20  LYS A CB  1 
ATOM   158  C CG  . LYS A 1 20 ? -4.225  14.467  11.249  1.00 29.09 ? 20  LYS A CG  1 
ATOM   159  C CD  . LYS A 1 20 ? -5.203  13.329  11.510  1.00 29.86 ? 20  LYS A CD  1 
ATOM   160  C CE  . LYS A 1 20 ? -5.858  13.441  12.881  1.00 30.68 ? 20  LYS A CE  1 
ATOM   161  N NZ  . LYS A 1 20 ? -4.887  13.195  13.983  1.00 31.02 ? 20  LYS A NZ  1 
ATOM   162  N N   . GLU A 1 21 ? -0.716  14.067  8.583   1.00 25.12 ? 21  GLU A N   1 
ATOM   163  C CA  . GLU A 1 21 ? 0.109   13.530  7.510   1.00 23.74 ? 21  GLU A CA  1 
ATOM   164  C C   . GLU A 1 21 ? -0.412  12.133  7.208   1.00 21.70 ? 21  GLU A C   1 
ATOM   165  O O   . GLU A 1 21 ? -0.671  11.353  8.122   1.00 20.57 ? 21  GLU A O   1 
ATOM   166  C CB  . GLU A 1 21 ? 1.577   13.447  7.938   1.00 25.96 ? 21  GLU A CB  1 
ATOM   167  C CG  . GLU A 1 21 ? 2.282   14.791  8.046   1.00 30.00 ? 21  GLU A CG  1 
ATOM   168  C CD  . GLU A 1 21 ? 3.750   14.642  8.399   1.00 31.84 ? 21  GLU A CD  1 
ATOM   169  O OE1 . GLU A 1 21 ? 4.467   13.920  7.671   1.00 33.35 ? 21  GLU A OE1 1 
ATOM   170  O OE2 . GLU A 1 21 ? 4.188   15.249  9.402   1.00 34.20 ? 21  GLU A OE2 1 
ATOM   171  N N   . ALA A 1 22 ? -0.577  11.820  5.930   1.00 19.91 ? 22  ALA A N   1 
ATOM   172  C CA  . ALA A 1 22 ? -1.071  10.505  5.554   1.00 18.27 ? 22  ALA A CA  1 
ATOM   173  C C   . ALA A 1 22 ? -0.313  9.960   4.361   1.00 17.40 ? 22  ALA A C   1 
ATOM   174  O O   . ALA A 1 22 ? 0.242   10.705  3.559   1.00 17.07 ? 22  ALA A O   1 
ATOM   175  C CB  . ALA A 1 22 ? -2.564  10.564  5.244   1.00 17.98 ? 22  ALA A CB  1 
ATOM   176  N N   . LEU A 1 23 ? -0.302  8.639   4.261   1.00 16.39 ? 23  LEU A N   1 
ATOM   177  C CA  . LEU A 1 23 ? 0.382   7.943   3.189   1.00 15.54 ? 23  LEU A CA  1 
ATOM   178  C C   . LEU A 1 23 ? -0.607  7.567   2.085   1.00 15.32 ? 23  LEU A C   1 
ATOM   179  O O   . LEU A 1 23 ? -1.659  6.994   2.369   1.00 14.79 ? 23  LEU A O   1 
ATOM   180  C CB  . LEU A 1 23 ? 1.023   6.673   3.754   1.00 16.61 ? 23  LEU A CB  1 
ATOM   181  C CG  . LEU A 1 23 ? 1.844   5.765   2.843   1.00 17.95 ? 23  LEU A CG  1 
ATOM   182  C CD1 . LEU A 1 23 ? 3.108   6.492   2.412   1.00 18.74 ? 23  LEU A CD1 1 
ATOM   183  C CD2 . LEU A 1 23 ? 2.204   4.486   3.594   1.00 18.35 ? 23  LEU A CD2 1 
ATOM   184  N N   . LEU A 1 24 ? -0.275  7.897   0.836   1.00 14.35 ? 24  LEU A N   1 
ATOM   185  C CA  . LEU A 1 24 ? -1.125  7.536   -0.300  1.00 14.50 ? 24  LEU A CA  1 
ATOM   186  C C   . LEU A 1 24 ? -0.754  6.075   -0.506  1.00 14.32 ? 24  LEU A C   1 
ATOM   187  O O   . LEU A 1 24 ? 0.349   5.757   -0.961  1.00 13.43 ? 24  LEU A O   1 
ATOM   188  C CB  . LEU A 1 24 ? -0.770  8.359   -1.539  1.00 14.71 ? 24  LEU A CB  1 
ATOM   189  C CG  . LEU A 1 24 ? -0.955  9.869   -1.392  1.00 15.86 ? 24  LEU A CG  1 
ATOM   190  C CD1 . LEU A 1 24 ? -0.674  10.542  -2.727  1.00 16.74 ? 24  LEU A CD1 1 
ATOM   191  C CD2 . LEU A 1 24 ? -2.374  10.179  -0.937  1.00 16.20 ? 24  LEU A CD2 1 
ATOM   192  N N   . ASP A 1 25 ? -1.686  5.195   -0.170  1.00 12.85 ? 25  ASP A N   1 
ATOM   193  C CA  . ASP A 1 25 ? -1.437  3.763   -0.204  1.00 12.70 ? 25  ASP A CA  1 
ATOM   194  C C   . ASP A 1 25 ? -2.312  2.994   -1.188  1.00 11.62 ? 25  ASP A C   1 
ATOM   195  O O   . ASP A 1 25 ? -3.464  2.708   -0.890  1.00 11.47 ? 25  ASP A O   1 
ATOM   196  C CB  . ASP A 1 25 ? -1.660  3.242   1.217   1.00 13.78 ? 25  ASP A CB  1 
ATOM   197  C CG  . ASP A 1 25 ? -1.118  1.854   1.429   1.00 14.99 ? 25  ASP A CG  1 
ATOM   198  O OD1 . ASP A 1 25 ? -0.848  1.152   0.433   1.00 16.33 ? 25  ASP A OD1 1 
ATOM   199  O OD2 . ASP A 1 25 ? -0.975  1.474   2.607   1.00 16.29 ? 25  ASP A OD2 1 
ATOM   200  N N   . THR A 1 26 ? -1.766  2.644   -2.351  1.00 10.89 ? 26  THR A N   1 
ATOM   201  C CA  . THR A 1 26 ? -2.546  1.909   -3.347  1.00 10.77 ? 26  THR A CA  1 
ATOM   202  C C   . THR A 1 26 ? -2.823  0.470   -2.924  1.00 10.90 ? 26  THR A C   1 
ATOM   203  O O   . THR A 1 26 ? -3.695  -0.193  -3.491  1.00 11.63 ? 26  THR A O   1 
ATOM   204  C CB  . THR A 1 26 ? -1.844  1.877   -4.720  1.00 10.13 ? 26  THR A CB  1 
ATOM   205  O OG1 . THR A 1 26 ? -0.554  1.260   -4.591  1.00 10.35 ? 26  THR A OG1 1 
ATOM   206  C CG2 . THR A 1 26 ? -1.686  3.293   -5.265  1.00 10.32 ? 26  THR A CG2 1 
ATOM   207  N N   . GLY A 1 27 ? -2.081  -0.006  -1.929  1.00 11.31 ? 27  GLY A N   1 
ATOM   208  C CA  . GLY A 1 27 ? -2.270  -1.366  -1.443  1.00 11.59 ? 27  GLY A CA  1 
ATOM   209  C C   . GLY A 1 27 ? -3.365  -1.473  -0.394  1.00 11.72 ? 27  GLY A C   1 
ATOM   210  O O   . GLY A 1 27 ? -3.734  -2.569  0.029   1.00 12.09 ? 27  GLY A O   1 
ATOM   211  N N   . ALA A 1 28 ? -3.880  -0.330  0.041   1.00 11.43 ? 28  ALA A N   1 
ATOM   212  C CA  . ALA A 1 28 ? -4.937  -0.308  1.039   1.00 11.70 ? 28  ALA A CA  1 
ATOM   213  C C   . ALA A 1 28 ? -6.300  -0.150  0.371   1.00 12.66 ? 28  ALA A C   1 
ATOM   214  O O   . ALA A 1 28 ? -6.512  0.796   -0.388  1.00 12.30 ? 28  ALA A O   1 
ATOM   215  C CB  . ALA A 1 28 ? -4.700  0.845   2.011   1.00 13.18 ? 28  ALA A CB  1 
ATOM   216  N N   . ASP A 1 29 ? -7.226  -1.065  0.648   1.00 13.42 ? 29  ASP A N   1 
ATOM   217  C CA  . ASP A 1 29 ? -8.557  -0.963  0.048   1.00 15.15 ? 29  ASP A CA  1 
ATOM   218  C C   . ASP A 1 29 ? -9.303  0.235   0.596   1.00 14.98 ? 29  ASP A C   1 
ATOM   219  O O   . ASP A 1 29 ? -10.008 0.932   -0.130  1.00 14.65 ? 29  ASP A O   1 
ATOM   220  C CB  . ASP A 1 29 ? -9.395  -2.210  0.329   1.00 16.98 ? 29  ASP A CB  1 
ATOM   221  C CG  . ASP A 1 29 ? -8.809  -3.457  -0.282  1.00 18.20 ? 29  ASP A CG  1 
ATOM   222  O OD1 . ASP A 1 29 ? -8.148  -3.359  -1.335  1.00 18.33 ? 29  ASP A OD1 1 
ATOM   223  O OD2 . ASP A 1 29 ? -9.026  -4.539  0.291   1.00 20.73 ? 29  ASP A OD2 1 
ATOM   224  N N   . ASP A 1 30 ? -9.152  0.458   1.894   1.00 15.23 ? 30  ASP A N   1 
ATOM   225  C CA  . ASP A 1 30 ? -9.825  1.561   2.550   1.00 16.28 ? 30  ASP A CA  1 
ATOM   226  C C   . ASP A 1 30 ? -8.857  2.488   3.261   1.00 15.44 ? 30  ASP A C   1 
ATOM   227  O O   . ASP A 1 30 ? -7.659  2.235   3.321   1.00 15.08 ? 30  ASP A O   1 
ATOM   228  C CB  . ASP A 1 30 ? -10.859 1.025   3.539   1.00 18.39 ? 30  ASP A CB  1 
ATOM   229  C CG  . ASP A 1 30 ? -12.101 0.502   2.849   1.00 21.16 ? 30  ASP A CG  1 
ATOM   230  O OD1 . ASP A 1 30 ? -12.772 1.300   2.157   1.00 22.53 ? 30  ASP A OD1 1 
ATOM   231  O OD2 . ASP A 1 30 ? -12.402 -0.700  2.993   1.00 23.02 ? 30  ASP A OD2 1 
ATOM   232  N N   . THR A 1 31 ? -9.409  3.567   3.793   1.00 14.96 ? 31  THR A N   1 
ATOM   233  C CA  . THR A 1 31 ? -8.650  4.583   4.494   1.00 14.63 ? 31  THR A CA  1 
ATOM   234  C C   . THR A 1 31 ? -8.734  4.335   5.998   1.00 14.59 ? 31  THR A C   1 
ATOM   235  O O   . THR A 1 31 ? -9.814  4.118   6.543   1.00 13.24 ? 31  THR A O   1 
ATOM   236  C CB  . THR A 1 31 ? -9.209  5.977   4.138   1.00 14.89 ? 31  THR A CB  1 
ATOM   237  O OG1 . THR A 1 31 ? -8.975  6.232   2.747   1.00 15.46 ? 31  THR A OG1 1 
ATOM   238  C CG2 . THR A 1 31 ? -8.549  7.070   4.971   1.00 14.74 ? 31  THR A CG2 1 
ATOM   239  N N   . VAL A 1 32 ? -7.585  4.339   6.660   1.00 14.84 ? 32  VAL A N   1 
ATOM   240  C CA  . VAL A 1 32 ? -7.563  4.117   8.098   1.00 15.45 ? 32  VAL A CA  1 
ATOM   241  C C   . VAL A 1 32 ? -6.664  5.146   8.761   1.00 15.87 ? 32  VAL A C   1 
ATOM   242  O O   . VAL A 1 32 ? -5.511  5.336   8.369   1.00 15.85 ? 32  VAL A O   1 
ATOM   243  C CB  . VAL A 1 32 ? -7.095  2.680   8.454   1.00 16.85 ? 32  VAL A CB  1 
ATOM   244  C CG1 . VAL A 1 32 ? -5.703  2.425   7.922   1.00 17.71 ? 32  VAL A CG1 1 
ATOM   245  C CG2 . VAL A 1 32 ? -7.149  2.478   9.965   1.00 16.42 ? 32  VAL A CG2 1 
ATOM   246  N N   . LEU A 1 33 ? -7.214  5.818   9.763   1.00 15.70 ? 33  LEU A N   1 
ATOM   247  C CA  . LEU A 1 33 ? -6.487  6.852   10.484  1.00 16.56 ? 33  LEU A CA  1 
ATOM   248  C C   . LEU A 1 33 ? -6.283  6.454   11.939  1.00 16.92 ? 33  LEU A C   1 
ATOM   249  O O   . LEU A 1 33 ? -7.029  5.641   12.479  1.00 15.63 ? 33  LEU A O   1 
ATOM   250  C CB  . LEU A 1 33 ? -7.266  8.166   10.416  1.00 17.06 ? 33  LEU A CB  1 
ATOM   251  C CG  . LEU A 1 33 ? -7.624  8.652   9.007   1.00 17.90 ? 33  LEU A CG  1 
ATOM   252  C CD1 . LEU A 1 33 ? -8.462  9.918   9.116   1.00 18.52 ? 33  LEU A CD1 1 
ATOM   253  C CD2 . LEU A 1 33 ? -6.347  8.917   8.207   1.00 17.98 ? 33  LEU A CD2 1 
ATOM   254  N N   . GLU A 1 34 ? -5.263  7.029   12.567  1.00 18.26 ? 34  GLU A N   1 
ATOM   255  C CA  . GLU A 1 34 ? -4.975  6.737   13.961  1.00 20.07 ? 34  GLU A CA  1 
ATOM   256  C C   . GLU A 1 34 ? -6.165  7.199   14.802  1.00 20.59 ? 34  GLU A C   1 
ATOM   257  O O   . GLU A 1 34 ? -6.986  7.998   14.343  1.00 19.85 ? 34  GLU A O   1 
ATOM   258  C CB  . GLU A 1 34 ? -3.689  7.456   14.387  1.00 21.83 ? 34  GLU A CB  1 
ATOM   259  C CG  . GLU A 1 34 ? -3.811  8.966   14.469  1.00 24.90 ? 34  GLU A CG  1 
ATOM   260  C CD  . GLU A 1 34 ? -2.469  9.670   14.359  1.00 26.80 ? 34  GLU A CD  1 
ATOM   261  O OE1 . GLU A 1 34 ? -1.460  9.121   14.856  1.00 28.21 ? 34  GLU A OE1 1 
ATOM   262  O OE2 . GLU A 1 34 ? -2.431  10.779  13.781  1.00 28.37 ? 34  GLU A OE2 1 
ATOM   263  N N   . GLU A 1 35 ? -6.257  6.688   16.026  1.00 21.89 ? 35  GLU A N   1 
ATOM   264  C CA  . GLU A 1 35 ? -7.351  7.028   16.928  1.00 23.25 ? 35  GLU A CA  1 
ATOM   265  C C   . GLU A 1 35 ? -7.690  8.511   16.961  1.00 23.73 ? 35  GLU A C   1 
ATOM   266  O O   . GLU A 1 35 ? -6.816  9.352   17.157  1.00 24.08 ? 35  GLU A O   1 
ATOM   267  C CB  . GLU A 1 35 ? -7.032  6.569   18.352  1.00 24.59 ? 35  GLU A CB  1 
ATOM   268  C CG  . GLU A 1 35 ? -7.336  5.117   18.643  1.00 26.84 ? 35  GLU A CG  1 
ATOM   269  C CD  . GLU A 1 35 ? -8.792  4.765   18.406  1.00 27.81 ? 35  GLU A CD  1 
ATOM   270  O OE1 . GLU A 1 35 ? -9.667  5.598   18.712  1.00 28.28 ? 35  GLU A OE1 1 
ATOM   271  O OE2 . GLU A 1 35 ? -9.062  3.647   17.922  1.00 29.07 ? 35  GLU A OE2 1 
ATOM   272  N N   . MET A 1 36 ? -8.967  8.818   16.770  1.00 24.28 ? 36  MET A N   1 
ATOM   273  C CA  . MET A 1 36 ? -9.445  10.193  16.796  1.00 25.85 ? 36  MET A CA  1 
ATOM   274  C C   . MET A 1 36 ? -10.960 10.187  16.887  1.00 26.32 ? 36  MET A C   1 
ATOM   275  O O   . MET A 1 36 ? -11.605 9.167   16.637  1.00 26.49 ? 36  MET A O   1 
ATOM   276  C CB  . MET A 1 36 ? -9.005  10.950  15.539  1.00 25.75 ? 36  MET A CB  1 
ATOM   277  C CG  . MET A 1 36 ? -9.652  10.475  14.249  1.00 26.41 ? 36  MET A CG  1 
ATOM   278  S SD  . MET A 1 36 ? -9.156  11.497  12.836  1.00 27.79 ? 36  MET A SD  1 
ATOM   279  C CE  . MET A 1 36 ? -10.072 13.008  13.179  1.00 26.81 ? 36  MET A CE  1 
ATOM   280  N N   . SER A 1 37 ? -11.535 11.323  17.255  1.00 27.58 ? 37  SER A N   1 
ATOM   281  C CA  . SER A 1 37 ? -12.979 11.411  17.365  1.00 28.58 ? 37  SER A CA  1 
ATOM   282  C C   . SER A 1 37 ? -13.590 11.954  16.083  1.00 28.96 ? 37  SER A C   1 
ATOM   283  O O   . SER A 1 37 ? -13.109 12.936  15.518  1.00 29.21 ? 37  SER A O   1 
ATOM   284  C CB  . SER A 1 37 ? -13.371 12.315  18.536  1.00 29.27 ? 37  SER A CB  1 
ATOM   285  O OG  . SER A 1 37 ? -14.781 12.370  18.662  1.00 30.46 ? 37  SER A OG  1 
ATOM   286  N N   . LEU A 1 38 ? -14.647 11.297  15.622  1.00 29.45 ? 38  LEU A N   1 
ATOM   287  C CA  . LEU A 1 38 ? -15.358 11.714  14.422  1.00 29.94 ? 38  LEU A CA  1 
ATOM   288  C C   . LEU A 1 38 ? -16.853 11.715  14.714  1.00 30.93 ? 38  LEU A C   1 
ATOM   289  O O   . LEU A 1 38 ? -17.329 10.962  15.562  1.00 30.63 ? 38  LEU A O   1 
ATOM   290  C CB  . LEU A 1 38 ? -15.061 10.770  13.253  1.00 29.55 ? 38  LEU A CB  1 
ATOM   291  C CG  . LEU A 1 38 ? -13.682 10.901  12.604  1.00 29.03 ? 38  LEU A CG  1 
ATOM   292  C CD1 . LEU A 1 38 ? -13.513 9.828   11.539  1.00 28.72 ? 38  LEU A CD1 1 
ATOM   293  C CD2 . LEU A 1 38 ? -13.534 12.289  11.997  1.00 28.89 ? 38  LEU A CD2 1 
ATOM   294  N N   . PRO A 1 39 ? -17.609 12.579  14.025  1.00 31.83 ? 39  PRO A N   1 
ATOM   295  C CA  . PRO A 1 39 ? -19.059 12.677  14.213  1.00 32.45 ? 39  PRO A CA  1 
ATOM   296  C C   . PRO A 1 39 ? -19.822 11.504  13.603  1.00 32.52 ? 39  PRO A C   1 
ATOM   297  O O   . PRO A 1 39 ? -19.337 10.842  12.685  1.00 32.71 ? 39  PRO A O   1 
ATOM   298  C CB  . PRO A 1 39 ? -19.410 13.999  13.529  1.00 32.57 ? 39  PRO A CB  1 
ATOM   299  C CG  . PRO A 1 39 ? -18.135 14.795  13.639  1.00 32.79 ? 39  PRO A CG  1 
ATOM   300  C CD  . PRO A 1 39 ? -17.105 13.750  13.289  1.00 32.29 ? 39  PRO A CD  1 
ATOM   301  N N   . GLY A 1 40 ? -21.021 11.261  14.119  1.00 32.87 ? 40  GLY A N   1 
ATOM   302  C CA  . GLY A 1 40 ? -21.848 10.186  13.603  1.00 32.75 ? 40  GLY A CA  1 
ATOM   303  C C   . GLY A 1 40 ? -21.642 8.856   14.295  1.00 32.57 ? 40  GLY A C   1 
ATOM   304  O O   . GLY A 1 40 ? -20.772 8.710   15.153  1.00 32.72 ? 40  GLY A O   1 
ATOM   305  N N   . ARG A 1 41 ? -22.464 7.882   13.927  1.00 32.32 ? 41  ARG A N   1 
ATOM   306  C CA  . ARG A 1 41 ? -22.358 6.554   14.503  1.00 32.51 ? 41  ARG A CA  1 
ATOM   307  C C   . ARG A 1 41 ? -21.333 5.778   13.698  1.00 31.33 ? 41  ARG A C   1 
ATOM   308  O O   . ARG A 1 41 ? -21.053 6.107   12.547  1.00 30.86 ? 41  ARG A O   1 
ATOM   309  C CB  . ARG A 1 41 ? -23.707 5.834   14.457  1.00 34.25 ? 41  ARG A CB  1 
ATOM   310  C CG  . ARG A 1 41 ? -24.779 6.468   15.325  1.00 36.70 ? 41  ARG A CG  1 
ATOM   311  C CD  . ARG A 1 41 ? -26.074 5.663   15.309  1.00 38.62 ? 41  ARG A CD  1 
ATOM   312  N NE  . ARG A 1 41 ? -26.608 5.478   13.960  1.00 40.27 ? 41  ARG A NE  1 
ATOM   313  C CZ  . ARG A 1 41 ? -26.238 4.506   13.129  1.00 41.08 ? 41  ARG A CZ  1 
ATOM   314  N NH1 . ARG A 1 41 ? -25.324 3.617   13.503  1.00 41.62 ? 41  ARG A NH1 1 
ATOM   315  N NH2 . ARG A 1 41 ? -26.781 4.424   11.921  1.00 41.66 ? 41  ARG A NH2 1 
ATOM   316  N N   . TRP A 1 42 ? -20.772 4.747   14.309  1.00 30.47 ? 42  TRP A N   1 
ATOM   317  C CA  . TRP A 1 42 ? -19.771 3.931   13.645  1.00 29.30 ? 42  TRP A CA  1 
ATOM   318  C C   . TRP A 1 42 ? -20.106 2.463   13.828  1.00 28.49 ? 42  TRP A C   1 
ATOM   319  O O   . TRP A 1 42 ? -20.921 2.105   14.678  1.00 28.28 ? 42  TRP A O   1 
ATOM   320  C CB  . TRP A 1 42 ? -18.393 4.213   14.241  1.00 29.68 ? 42  TRP A CB  1 
ATOM   321  C CG  . TRP A 1 42 ? -18.386 4.125   15.734  1.00 30.19 ? 42  TRP A CG  1 
ATOM   322  C CD1 . TRP A 1 42 ? -18.739 5.108   16.615  1.00 30.28 ? 42  TRP A CD1 1 
ATOM   323  C CD2 . TRP A 1 42 ? -18.067 2.974   16.523  1.00 30.48 ? 42  TRP A CD2 1 
ATOM   324  N NE1 . TRP A 1 42 ? -18.660 4.639   17.904  1.00 30.63 ? 42  TRP A NE1 1 
ATOM   325  C CE2 . TRP A 1 42 ? -18.250 3.331   17.878  1.00 30.75 ? 42  TRP A CE2 1 
ATOM   326  C CE3 . TRP A 1 42 ? -17.644 1.672   16.216  1.00 30.73 ? 42  TRP A CE3 1 
ATOM   327  C CZ2 . TRP A 1 42 ? -18.026 2.435   18.926  1.00 31.13 ? 42  TRP A CZ2 1 
ATOM   328  C CZ3 . TRP A 1 42 ? -17.420 0.779   17.261  1.00 31.03 ? 42  TRP A CZ3 1 
ATOM   329  C CH2 . TRP A 1 42 ? -17.613 1.166   18.600  1.00 31.21 ? 42  TRP A CH2 1 
ATOM   330  N N   . LYS A 1 43 ? -19.479 1.620   13.019  1.00 27.19 ? 43  LYS A N   1 
ATOM   331  C CA  . LYS A 1 43 ? -19.683 0.182   13.104  1.00 26.30 ? 43  LYS A CA  1 
ATOM   332  C C   . LYS A 1 43 ? -18.313 -0.447  13.292  1.00 24.86 ? 43  LYS A C   1 
ATOM   333  O O   . LYS A 1 43 ? -17.325 0.031   12.741  1.00 24.05 ? 43  LYS A O   1 
ATOM   334  C CB  . LYS A 1 43 ? -20.314 -0.358  11.820  1.00 27.90 ? 43  LYS A CB  1 
ATOM   335  C CG  . LYS A 1 43 ? -21.664 0.243   11.482  1.00 30.37 ? 43  LYS A CG  1 
ATOM   336  C CD  . LYS A 1 43 ? -22.297 -0.474  10.300  1.00 32.09 ? 43  LYS A CD  1 
ATOM   337  C CE  . LYS A 1 43 ? -22.598 -1.929  10.637  1.00 33.59 ? 43  LYS A CE  1 
ATOM   338  N NZ  . LYS A 1 43 ? -23.280 -2.640  9.514   1.00 35.14 ? 43  LYS A NZ  1 
ATOM   339  N N   . PRO A 1 44 ? -18.230 -1.516  14.092  1.00 23.40 ? 44  PRO A N   1 
ATOM   340  C CA  . PRO A 1 44 ? -16.929 -2.150  14.291  1.00 22.28 ? 44  PRO A CA  1 
ATOM   341  C C   . PRO A 1 44 ? -16.574 -2.974  13.062  1.00 21.09 ? 44  PRO A C   1 
ATOM   342  O O   . PRO A 1 44 ? -17.450 -3.517  12.392  1.00 20.58 ? 44  PRO A O   1 
ATOM   343  C CB  . PRO A 1 44 ? -17.152 -3.003  15.534  1.00 22.49 ? 44  PRO A CB  1 
ATOM   344  C CG  . PRO A 1 44 ? -18.573 -3.425  15.383  1.00 23.18 ? 44  PRO A CG  1 
ATOM   345  C CD  . PRO A 1 44 ? -19.266 -2.159  14.921  1.00 23.39 ? 44  PRO A CD  1 
ATOM   346  N N   . LYS A 1 45 ? -15.284 -3.059  12.769  1.00 20.16 ? 45  LYS A N   1 
ATOM   347  C CA  . LYS A 1 45 ? -14.813 -3.810  11.619  1.00 19.50 ? 45  LYS A CA  1 
ATOM   348  C C   . LYS A 1 45 ? -13.418 -4.327  11.916  1.00 18.51 ? 45  LYS A C   1 
ATOM   349  O O   . LYS A 1 45 ? -12.704 -3.762  12.741  1.00 18.20 ? 45  LYS A O   1 
ATOM   350  C CB  . LYS A 1 45 ? -14.775 -2.907  10.381  1.00 20.34 ? 45  LYS A CB  1 
ATOM   351  C CG  . LYS A 1 45 ? -14.395 -3.630  9.095   1.00 21.29 ? 45  LYS A CG  1 
ATOM   352  C CD  . LYS A 1 45 ? -14.435 -2.701  7.894   1.00 22.22 ? 45  LYS A CD  1 
ATOM   353  C CE  . LYS A 1 45 ? -14.162 -3.468  6.609   1.00 23.00 ? 45  LYS A CE  1 
ATOM   354  N NZ  . LYS A 1 45 ? -14.196 -2.585  5.418   1.00 24.67 ? 45  LYS A NZ  1 
ATOM   355  N N   . MET A 1 46 ? -13.043 -5.411  11.251  1.00 18.17 ? 46  MET A N   1 
ATOM   356  C CA  . MET A 1 46 ? -11.724 -6.001  11.423  1.00 18.57 ? 46  MET A CA  1 
ATOM   357  C C   . MET A 1 46 ? -11.038 -5.917  10.069  1.00 17.59 ? 46  MET A C   1 
ATOM   358  O O   . MET A 1 46 ? -11.580 -6.391  9.076   1.00 16.67 ? 46  MET A O   1 
ATOM   359  C CB  . MET A 1 46 ? -11.849 -7.470  11.824  1.00 20.78 ? 46  MET A CB  1 
ATOM   360  C CG  . MET A 1 46 ? -10.715 -7.983  12.662  1.00 24.51 ? 46  MET A CG  1 
ATOM   361  S SD  . MET A 1 46 ? -10.827 -7.322  14.335  1.00 27.55 ? 46  MET A SD  1 
ATOM   362  C CE  . MET A 1 46 ? -12.007 -8.461  15.048  1.00 27.44 ? 46  MET A CE  1 
ATOM   363  N N   . ILE A 1 47 ? -9.865  -5.299  10.016  1.00 16.59 ? 47  ILE A N   1 
ATOM   364  C CA  . ILE A 1 47 ? -9.142  -5.215  8.753   1.00 15.80 ? 47  ILE A CA  1 
ATOM   365  C C   . ILE A 1 47 ? -7.818  -5.941  8.913   1.00 15.53 ? 47  ILE A C   1 
ATOM   366  O O   . ILE A 1 47 ? -7.199  -5.884  9.967   1.00 15.03 ? 47  ILE A O   1 
ATOM   367  C CB  . ILE A 1 47 ? -8.884  -3.758  8.319   1.00 16.49 ? 47  ILE A CB  1 
ATOM   368  C CG1 . ILE A 1 47 ? -8.138  -2.999  9.413   1.00 16.81 ? 47  ILE A CG1 1 
ATOM   369  C CG2 . ILE A 1 47 ? -10.200 -3.081  7.978   1.00 16.54 ? 47  ILE A CG2 1 
ATOM   370  C CD1 . ILE A 1 47 ? -7.870  -1.536  9.058   1.00 18.95 ? 47  ILE A CD1 1 
ATOM   371  N N   . GLY A 1 48 ? -7.396  -6.633  7.864   1.00 15.23 ? 48  GLY A N   1 
ATOM   372  C CA  . GLY A 1 48 ? -6.158  -7.380  7.943   1.00 15.76 ? 48  GLY A CA  1 
ATOM   373  C C   . GLY A 1 48 ? -5.111  -6.950  6.943   1.00 16.19 ? 48  GLY A C   1 
ATOM   374  O O   . GLY A 1 48 ? -5.411  -6.652  5.788   1.00 16.27 ? 48  GLY A O   1 
ATOM   375  N N   . GLY A 1 49 ? -3.870  -6.909  7.404   1.00 16.87 ? 49  GLY A N   1 
ATOM   376  C CA  . GLY A 1 49 ? -2.772  -6.534  6.539   1.00 18.06 ? 49  GLY A CA  1 
ATOM   377  C C   . GLY A 1 49 ? -1.579  -7.384  6.913   1.00 18.19 ? 49  GLY A C   1 
ATOM   378  O O   . GLY A 1 49 ? -1.735  -8.516  7.373   1.00 17.92 ? 49  GLY A O   1 
ATOM   379  N N   . ILE A 1 50 ? -0.387  -6.843  6.705   1.00 18.91 ? 50  ILE A N   1 
ATOM   380  C CA  . ILE A 1 50 ? 0.834   -7.543  7.056   1.00 20.39 ? 50  ILE A CA  1 
ATOM   381  C C   . ILE A 1 50 ? 0.863   -7.585  8.580   1.00 20.50 ? 50  ILE A C   1 
ATOM   382  O O   . ILE A 1 50 ? 0.740   -6.550  9.223   1.00 21.39 ? 50  ILE A O   1 
ATOM   383  C CB  . ILE A 1 50 ? 2.080   -6.765  6.574   1.00 20.84 ? 50  ILE A CB  1 
ATOM   384  C CG1 . ILE A 1 50 ? 2.122   -6.732  5.045   1.00 22.10 ? 50  ILE A CG1 1 
ATOM   385  C CG2 . ILE A 1 50 ? 3.335   -7.381  7.162   1.00 21.85 ? 50  ILE A CG2 1 
ATOM   386  C CD1 . ILE A 1 50 ? 2.270   -8.088  4.411   1.00 24.21 ? 50  ILE A CD1 1 
ATOM   387  N N   . GLY A 1 51 ? 1.011   -8.772  9.157   1.00 21.28 ? 51  GLY A N   1 
ATOM   388  C CA  . GLY A 1 51 ? 1.063   -8.868  10.603  1.00 20.62 ? 51  GLY A CA  1 
ATOM   389  C C   . GLY A 1 51 ? -0.216  -9.370  11.246  1.00 20.51 ? 51  GLY A C   1 
ATOM   390  O O   . GLY A 1 51 ? -0.199  -9.857  12.377  1.00 20.65 ? 51  GLY A O   1 
ATOM   391  N N   . GLY A 1 52 ? -1.329  -9.257  10.533  1.00 19.55 ? 52  GLY A N   1 
ATOM   392  C CA  . GLY A 1 52 ? -2.587  -9.719  11.084  1.00 18.50 ? 52  GLY A CA  1 
ATOM   393  C C   . GLY A 1 52 ? -3.682  -8.674  11.018  1.00 18.18 ? 52  GLY A C   1 
ATOM   394  O O   . GLY A 1 52 ? -3.581  -7.694  10.274  1.00 17.23 ? 52  GLY A O   1 
ATOM   395  N N   . PHE A 1 53 ? -4.723  -8.876  11.819  1.00 17.59 ? 53  PHE A N   1 
ATOM   396  C CA  . PHE A 1 53 ? -5.870  -7.975  11.835  1.00 17.56 ? 53  PHE A CA  1 
ATOM   397  C C   . PHE A 1 53 ? -5.916  -7.038  13.032  1.00 17.42 ? 53  PHE A C   1 
ATOM   398  O O   . PHE A 1 53 ? -5.361  -7.328  14.092  1.00 17.01 ? 53  PHE A O   1 
ATOM   399  C CB  . PHE A 1 53 ? -7.178  -8.776  11.823  1.00 17.48 ? 53  PHE A CB  1 
ATOM   400  C CG  . PHE A 1 53 ? -7.441  -9.524  10.547  1.00 18.21 ? 53  PHE A CG  1 
ATOM   401  C CD1 . PHE A 1 53 ? -6.685  -10.640 10.204  1.00 18.45 ? 53  PHE A CD1 1 
ATOM   402  C CD2 . PHE A 1 53 ? -8.476  -9.131  9.704   1.00 17.73 ? 53  PHE A CD2 1 
ATOM   403  C CE1 . PHE A 1 53 ? -6.963  -11.356 9.040   1.00 18.46 ? 53  PHE A CE1 1 
ATOM   404  C CE2 . PHE A 1 53 ? -8.760  -9.839  8.539   1.00 18.37 ? 53  PHE A CE2 1 
ATOM   405  C CZ  . PHE A 1 53 ? -8.000  -10.957 8.208   1.00 18.34 ? 53  PHE A CZ  1 
ATOM   406  N N   . ILE A 1 54 ? -6.590  -5.908  12.849  1.00 17.30 ? 54  ILE A N   1 
ATOM   407  C CA  . ILE A 1 54 ? -6.781  -4.941  13.923  1.00 17.54 ? 54  ILE A CA  1 
ATOM   408  C C   . ILE A 1 54 ? -8.247  -4.542  13.890  1.00 17.23 ? 54  ILE A C   1 
ATOM   409  O O   . ILE A 1 54 ? -8.888  -4.588  12.838  1.00 16.06 ? 54  ILE A O   1 
ATOM   410  C CB  . ILE A 1 54 ? -5.918  -3.661  13.758  1.00 18.55 ? 54  ILE A CB  1 
ATOM   411  C CG1 . ILE A 1 54 ? -6.141  -3.043  12.377  1.00 19.52 ? 54  ILE A CG1 1 
ATOM   412  C CG2 . ILE A 1 54 ? -4.453  -3.987  14.011  1.00 18.78 ? 54  ILE A CG2 1 
ATOM   413  C CD1 . ILE A 1 54 ? -5.541  -1.647  12.226  1.00 20.60 ? 54  ILE A CD1 1 
ATOM   414  N N   . LYS A 1 55 ? -8.781  -4.174  15.048  1.00 17.41 ? 55  LYS A N   1 
ATOM   415  C CA  . LYS A 1 55 ? -10.173 -3.759  15.133  1.00 17.88 ? 55  LYS A CA  1 
ATOM   416  C C   . LYS A 1 55 ? -10.227 -2.252  14.942  1.00 17.15 ? 55  LYS A C   1 
ATOM   417  O O   . LYS A 1 55 ? -9.473  -1.512  15.571  1.00 17.03 ? 55  LYS A O   1 
ATOM   418  C CB  . LYS A 1 55 ? -10.759 -4.123  16.499  1.00 19.59 ? 55  LYS A CB  1 
ATOM   419  C CG  . LYS A 1 55 ? -12.206 -3.684  16.675  1.00 22.22 ? 55  LYS A CG  1 
ATOM   420  C CD  . LYS A 1 55 ? -12.744 -4.073  18.043  1.00 24.95 ? 55  LYS A CD  1 
ATOM   421  C CE  . LYS A 1 55 ? -12.811 -5.581  18.189  1.00 26.96 ? 55  LYS A CE  1 
ATOM   422  N NZ  . LYS A 1 55 ? -13.659 -6.175  17.117  1.00 28.47 ? 55  LYS A NZ  1 
ATOM   423  N N   . VAL A 1 56 ? -11.116 -1.801  14.070  1.00 16.60 ? 56  VAL A N   1 
ATOM   424  C CA  . VAL A 1 56 ? -11.254 -0.377  13.797  1.00 16.46 ? 56  VAL A CA  1 
ATOM   425  C C   . VAL A 1 56 ? -12.715 0.041   13.869  1.00 16.76 ? 56  VAL A C   1 
ATOM   426  O O   . VAL A 1 56 ? -13.608 -0.802  13.914  1.00 17.27 ? 56  VAL A O   1 
ATOM   427  C CB  . VAL A 1 56 ? -10.713 -0.023  12.386  1.00 16.47 ? 56  VAL A CB  1 
ATOM   428  C CG1 . VAL A 1 56 ? -9.213  -0.299  12.312  1.00 15.42 ? 56  VAL A CG1 1 
ATOM   429  C CG2 . VAL A 1 56 ? -11.452 -0.832  11.331  1.00 15.73 ? 56  VAL A CG2 1 
ATOM   430  N N   . ARG A 1 57 ? -12.948 1.348   13.908  1.00 16.89 ? 57  ARG A N   1 
ATOM   431  C CA  . ARG A 1 57 ? -14.302 1.883   13.934  1.00 17.96 ? 57  ARG A CA  1 
ATOM   432  C C   . ARG A 1 57 ? -14.564 2.449   12.547  1.00 17.76 ? 57  ARG A C   1 
ATOM   433  O O   . ARG A 1 57 ? -13.773 3.235   12.032  1.00 17.65 ? 57  ARG A O   1 
ATOM   434  C CB  . ARG A 1 57 ? -14.434 2.986   14.987  1.00 19.05 ? 57  ARG A CB  1 
ATOM   435  C CG  . ARG A 1 57 ? -14.029 2.548   16.387  1.00 21.60 ? 57  ARG A CG  1 
ATOM   436  C CD  . ARG A 1 57 ? -14.651 3.439   17.457  1.00 23.23 ? 57  ARG A CD  1 
ATOM   437  N NE  . ARG A 1 57 ? -14.348 4.857   17.279  1.00 24.98 ? 57  ARG A NE  1 
ATOM   438  C CZ  . ARG A 1 57 ? -13.158 5.407   17.497  1.00 25.58 ? 57  ARG A CZ  1 
ATOM   439  N NH1 . ARG A 1 57 ? -12.142 4.664   17.905  1.00 26.74 ? 57  ARG A NH1 1 
ATOM   440  N NH2 . ARG A 1 57 ? -12.988 6.711   17.322  1.00 26.33 ? 57  ARG A NH2 1 
ATOM   441  N N   . GLN A 1 58 ? -15.670 2.040   11.941  1.00 18.13 ? 58  GLN A N   1 
ATOM   442  C CA  . GLN A 1 58 ? -16.014 2.498   10.602  1.00 19.48 ? 58  GLN A CA  1 
ATOM   443  C C   . GLN A 1 58 ? -16.974 3.678   10.595  1.00 20.02 ? 58  GLN A C   1 
ATOM   444  O O   . GLN A 1 58 ? -18.075 3.583   11.128  1.00 20.06 ? 58  GLN A O   1 
ATOM   445  C CB  . GLN A 1 58 ? -16.644 1.356   9.814   1.00 20.29 ? 58  GLN A CB  1 
ATOM   446  C CG  . GLN A 1 58 ? -17.077 1.729   8.410   1.00 22.52 ? 58  GLN A CG  1 
ATOM   447  C CD  . GLN A 1 58 ? -17.842 0.609   7.737   1.00 24.59 ? 58  GLN A CD  1 
ATOM   448  O OE1 . GLN A 1 58 ? -17.449 -0.551  7.815   1.00 26.25 ? 58  GLN A OE1 1 
ATOM   449  N NE2 . GLN A 1 58 ? -18.933 0.953   7.061   1.00 25.86 ? 58  GLN A NE2 1 
ATOM   450  N N   . TYR A 1 59 ? -16.549 4.784   9.988   1.00 20.87 ? 59  TYR A N   1 
ATOM   451  C CA  . TYR A 1 59 ? -17.387 5.973   9.866   1.00 21.90 ? 59  TYR A CA  1 
ATOM   452  C C   . TYR A 1 59 ? -17.658 6.186   8.384   1.00 22.86 ? 59  TYR A C   1 
ATOM   453  O O   . TYR A 1 59 ? -16.743 6.125   7.570   1.00 22.44 ? 59  TYR A O   1 
ATOM   454  C CB  . TYR A 1 59 ? -16.685 7.213   10.423  1.00 22.03 ? 59  TYR A CB  1 
ATOM   455  C CG  . TYR A 1 59 ? -16.518 7.226   11.923  1.00 22.88 ? 59  TYR A CG  1 
ATOM   456  C CD1 . TYR A 1 59 ? -15.485 6.522   12.539  1.00 22.89 ? 59  TYR A CD1 1 
ATOM   457  C CD2 . TYR A 1 59 ? -17.385 7.964   12.730  1.00 23.24 ? 59  TYR A CD2 1 
ATOM   458  C CE1 . TYR A 1 59 ? -15.315 6.557   13.922  1.00 23.70 ? 59  TYR A CE1 1 
ATOM   459  C CE2 . TYR A 1 59 ? -17.227 8.003   14.113  1.00 23.52 ? 59  TYR A CE2 1 
ATOM   460  C CZ  . TYR A 1 59 ? -16.190 7.300   14.702  1.00 24.17 ? 59  TYR A CZ  1 
ATOM   461  O OH  . TYR A 1 59 ? -16.027 7.348   16.066  1.00 25.32 ? 59  TYR A OH  1 
ATOM   462  N N   . ASP A 1 60 ? -18.912 6.446   8.031   1.00 24.17 ? 60  ASP A N   1 
ATOM   463  C CA  . ASP A 1 60 ? -19.255 6.656   6.633   1.00 25.64 ? 60  ASP A CA  1 
ATOM   464  C C   . ASP A 1 60 ? -19.524 8.115   6.302   1.00 25.97 ? 60  ASP A C   1 
ATOM   465  O O   . ASP A 1 60 ? -19.758 8.938   7.190   1.00 26.05 ? 60  ASP A O   1 
ATOM   466  C CB  . ASP A 1 60 ? -20.482 5.819   6.261   1.00 27.14 ? 60  ASP A CB  1 
ATOM   467  C CG  . ASP A 1 60 ? -20.254 4.338   6.454   1.00 28.87 ? 60  ASP A CG  1 
ATOM   468  O OD1 . ASP A 1 60 ? -19.250 3.818   5.922   1.00 29.65 ? 60  ASP A OD1 1 
ATOM   469  O OD2 . ASP A 1 60 ? -21.078 3.693   7.136   1.00 30.19 ? 60  ASP A OD2 1 
ATOM   470  N N   . GLN A 1 61 ? -19.476 8.423   5.011   1.00 26.35 ? 61  GLN A N   1 
ATOM   471  C CA  . GLN A 1 61 ? -19.742 9.768   4.519   1.00 27.16 ? 61  GLN A CA  1 
ATOM   472  C C   . GLN A 1 61 ? -18.890 10.836  5.188   1.00 26.47 ? 61  GLN A C   1 
ATOM   473  O O   . GLN A 1 61 ? -19.389 11.904  5.539   1.00 26.74 ? 61  GLN A O   1 
ATOM   474  C CB  . GLN A 1 61 ? -21.224 10.107  4.719   1.00 28.74 ? 61  GLN A CB  1 
ATOM   475  C CG  . GLN A 1 61 ? -22.188 9.092   4.128   1.00 32.25 ? 61  GLN A CG  1 
ATOM   476  C CD  . GLN A 1 61 ? -22.057 8.958   2.625   1.00 33.94 ? 61  GLN A CD  1 
ATOM   477  O OE1 . GLN A 1 61 ? -21.040 8.483   2.116   1.00 35.95 ? 61  GLN A OE1 1 
ATOM   478  N NE2 . GLN A 1 61 ? -23.087 9.384   1.902   1.00 35.14 ? 61  GLN A NE2 1 
ATOM   479  N N   . ILE A 1 62 ? -17.606 10.554  5.364   1.00 25.51 ? 62  ILE A N   1 
ATOM   480  C CA  . ILE A 1 62 ? -16.712 11.518  5.987   1.00 25.24 ? 62  ILE A CA  1 
ATOM   481  C C   . ILE A 1 62 ? -16.030 12.361  4.916   1.00 25.15 ? 62  ILE A C   1 
ATOM   482  O O   . ILE A 1 62 ? -15.596 11.838  3.890   1.00 24.55 ? 62  ILE A O   1 
ATOM   483  C CB  . ILE A 1 62 ? -15.624 10.816  6.829   1.00 24.94 ? 62  ILE A CB  1 
ATOM   484  C CG1 . ILE A 1 62 ? -16.275 9.967   7.925   1.00 24.54 ? 62  ILE A CG1 1 
ATOM   485  C CG2 . ILE A 1 62 ? -14.687 11.851  7.433   1.00 24.84 ? 62  ILE A CG2 1 
ATOM   486  C CD1 . ILE A 1 62 ? -17.130 10.755  8.902   1.00 24.43 ? 62  ILE A CD1 1 
ATOM   487  N N   . LEU A 1 63 ? -15.945 13.667  5.153   1.00 25.75 ? 63  LEU A N   1 
ATOM   488  C CA  . LEU A 1 63 ? -15.298 14.566  4.207   1.00 26.31 ? 63  LEU A CA  1 
ATOM   489  C C   . LEU A 1 63 ? -13.824 14.744  4.553   1.00 26.86 ? 63  LEU A C   1 
ATOM   490  O O   . LEU A 1 63 ? -13.469 15.014  5.700   1.00 26.66 ? 63  LEU A O   1 
ATOM   491  C CB  . LEU A 1 63 ? -15.989 15.935  4.205   1.00 27.25 ? 63  LEU A CB  1 
ATOM   492  C CG  . LEU A 1 63 ? -15.286 17.025  3.385   1.00 28.11 ? 63  LEU A CG  1 
ATOM   493  C CD1 . LEU A 1 63 ? -15.240 16.624  1.914   1.00 28.63 ? 63  LEU A CD1 1 
ATOM   494  C CD2 . LEU A 1 63 ? -16.026 18.350  3.548   1.00 28.30 ? 63  LEU A CD2 1 
ATOM   495  N N   . ILE A 1 64 ? -12.968 14.583  3.552   1.00 27.01 ? 64  ILE A N   1 
ATOM   496  C CA  . ILE A 1 64 ? -11.534 14.740  3.741   1.00 28.25 ? 64  ILE A CA  1 
ATOM   497  C C   . ILE A 1 64 ? -10.962 15.541  2.587   1.00 28.77 ? 64  ILE A C   1 
ATOM   498  O O   . ILE A 1 64 ? -11.402 15.402  1.447   1.00 28.74 ? 64  ILE A O   1 
ATOM   499  C CB  . ILE A 1 64 ? -10.795 13.378  3.777   1.00 28.71 ? 64  ILE A CB  1 
ATOM   500  C CG1 . ILE A 1 64 ? -11.197 12.591  5.024   1.00 29.10 ? 64  ILE A CG1 1 
ATOM   501  C CG2 . ILE A 1 64 ? -9.286  13.603  3.755   1.00 29.06 ? 64  ILE A CG2 1 
ATOM   502  C CD1 . ILE A 1 64 ? -10.343 11.358  5.270   1.00 29.72 ? 64  ILE A CD1 1 
ATOM   503  N N   . GLU A 1 65 ? -9.988  16.388  2.891   1.00 29.44 ? 65  GLU A N   1 
ATOM   504  C CA  . GLU A 1 65 ? -9.335  17.190  1.873   1.00 30.78 ? 65  GLU A CA  1 
ATOM   505  C C   . GLU A 1 65 ? -7.913  16.674  1.717   1.00 31.08 ? 65  GLU A C   1 
ATOM   506  O O   . GLU A 1 65 ? -7.108  16.746  2.643   1.00 30.45 ? 65  GLU A O   1 
ATOM   507  C CB  . GLU A 1 65 ? -9.341  18.667  2.273   1.00 32.04 ? 65  GLU A CB  1 
ATOM   508  C CG  . GLU A 1 65 ? -10.731 19.273  2.250   1.00 34.08 ? 65  GLU A CG  1 
ATOM   509  C CD  . GLU A 1 65 ? -10.737 20.752  2.582   1.00 35.48 ? 65  GLU A CD  1 
ATOM   510  O OE1 . GLU A 1 65 ? -10.018 21.518  1.902   1.00 36.09 ? 65  GLU A OE1 1 
ATOM   511  O OE2 . GLU A 1 65 ? -11.466 21.146  3.519   1.00 36.22 ? 65  GLU A OE2 1 
ATOM   512  N N   . ILE A 1 66 ? -7.621  16.131  0.542   1.00 31.67 ? 66  ILE A N   1 
ATOM   513  C CA  . ILE A 1 66 ? -6.306  15.578  0.253   1.00 32.71 ? 66  ILE A CA  1 
ATOM   514  C C   . ILE A 1 66 ? -5.577  16.481  -0.730  1.00 33.43 ? 66  ILE A C   1 
ATOM   515  O O   . ILE A 1 66 ? -5.977  16.601  -1.886  1.00 33.36 ? 66  ILE A O   1 
ATOM   516  C CB  . ILE A 1 66 ? -6.437  14.168  -0.357  1.00 32.71 ? 66  ILE A CB  1 
ATOM   517  C CG1 . ILE A 1 66 ? -7.307  13.294  0.551   1.00 32.73 ? 66  ILE A CG1 1 
ATOM   518  C CG2 . ILE A 1 66 ? -5.061  13.543  -0.535  1.00 32.83 ? 66  ILE A CG2 1 
ATOM   519  C CD1 . ILE A 1 66 ? -7.625  11.933  -0.024  1.00 33.35 ? 66  ILE A CD1 1 
ATOM   520  N N   . CYS A 1 67 ? -4.513  17.125  -0.263  1.00 34.77 ? 67  CYS A N   1 
ATOM   521  C CA  . CYS A 1 67 ? -3.732  18.020  -1.111  1.00 36.01 ? 67  CYS A CA  1 
ATOM   522  C C   . CYS A 1 67 ? -4.602  19.054  -1.811  1.00 35.93 ? 67  CYS A C   1 
ATOM   523  O O   . CYS A 1 67 ? -4.336  19.416  -2.956  1.00 36.29 ? 67  CYS A O   1 
ATOM   524  C CB  . CYS A 1 67 ? -2.970  17.220  -2.168  1.00 36.86 ? 67  CYS A CB  1 
ATOM   525  S SG  . CYS A 1 67 ? -1.753  16.085  -1.500  1.00 39.84 ? 67  CYS A SG  1 
ATOM   526  N N   . GLY A 1 68 ? -5.644  19.519  -1.131  1.00 35.91 ? 68  GLY A N   1 
ATOM   527  C CA  . GLY A 1 68 ? -6.518  20.514  -1.725  1.00 35.52 ? 68  GLY A CA  1 
ATOM   528  C C   . GLY A 1 68 ? -7.715  19.952  -2.470  1.00 35.37 ? 68  GLY A C   1 
ATOM   529  O O   . GLY A 1 68 ? -8.565  20.711  -2.938  1.00 35.76 ? 68  GLY A O   1 
ATOM   530  N N   . HIS A 1 69 ? -7.792  18.629  -2.587  1.00 34.77 ? 69  HIS A N   1 
ATOM   531  C CA  . HIS A 1 69 ? -8.912  17.995  -3.281  1.00 33.99 ? 69  HIS A CA  1 
ATOM   532  C C   . HIS A 1 69 ? -9.912  17.414  -2.286  1.00 33.33 ? 69  HIS A C   1 
ATOM   533  O O   . HIS A 1 69 ? -9.557  16.569  -1.463  1.00 32.74 ? 69  HIS A O   1 
ATOM   534  C CB  . HIS A 1 69 ? -8.420  16.868  -4.197  1.00 34.73 ? 69  HIS A CB  1 
ATOM   535  C CG  . HIS A 1 69 ? -7.504  17.322  -5.292  1.00 35.62 ? 69  HIS A CG  1 
ATOM   536  N ND1 . HIS A 1 69 ? -6.230  17.793  -5.054  1.00 35.79 ? 69  HIS A ND1 1 
ATOM   537  C CD2 . HIS A 1 69 ? -7.675  17.362  -6.635  1.00 35.90 ? 69  HIS A CD2 1 
ATOM   538  C CE1 . HIS A 1 69 ? -5.655  18.101  -6.203  1.00 36.00 ? 69  HIS A CE1 1 
ATOM   539  N NE2 . HIS A 1 69 ? -6.510  17.850  -7.177  1.00 36.36 ? 69  HIS A NE2 1 
ATOM   540  N N   . LYS A 1 70 ? -11.162 17.860  -2.363  1.00 32.21 ? 70  LYS A N   1 
ATOM   541  C CA  . LYS A 1 70 ? -12.189 17.352  -1.466  1.00 31.24 ? 70  LYS A CA  1 
ATOM   542  C C   . LYS A 1 70 ? -12.640 15.968  -1.901  1.00 30.29 ? 70  LYS A C   1 
ATOM   543  O O   . LYS A 1 70 ? -12.810 15.698  -3.093  1.00 30.05 ? 70  LYS A O   1 
ATOM   544  C CB  . LYS A 1 70 ? -13.400 18.287  -1.434  1.00 32.00 ? 70  LYS A CB  1 
ATOM   545  C CG  . LYS A 1 70 ? -13.172 19.583  -0.681  1.00 33.57 ? 70  LYS A CG  1 
ATOM   546  C CD  . LYS A 1 70 ? -14.456 20.391  -0.604  1.00 34.62 ? 70  LYS A CD  1 
ATOM   547  C CE  . LYS A 1 70 ? -14.257 21.685  0.170   1.00 35.40 ? 70  LYS A CE  1 
ATOM   548  N NZ  . LYS A 1 70 ? -15.520 22.482  0.238   1.00 36.38 ? 70  LYS A NZ  1 
ATOM   549  N N   . ALA A 1 71 ? -12.827 15.089  -0.924  1.00 28.48 ? 71  ALA A N   1 
ATOM   550  C CA  . ALA A 1 71 ? -13.271 13.733  -1.194  1.00 27.24 ? 71  ALA A CA  1 
ATOM   551  C C   . ALA A 1 71 ? -14.150 13.264  -0.046  1.00 26.39 ? 71  ALA A C   1 
ATOM   552  O O   . ALA A 1 71 ? -13.958 13.665  1.104   1.00 26.84 ? 71  ALA A O   1 
ATOM   553  C CB  . ALA A 1 71 ? -12.075 12.812  -1.354  1.00 27.40 ? 71  ALA A CB  1 
ATOM   554  N N   . ILE A 1 72 ? -15.123 12.422  -0.370  1.00 24.94 ? 72  ILE A N   1 
ATOM   555  C CA  . ILE A 1 72 ? -16.042 11.890  0.621   1.00 23.47 ? 72  ILE A CA  1 
ATOM   556  C C   . ILE A 1 72 ? -15.992 10.371  0.559   1.00 22.05 ? 72  ILE A C   1 
ATOM   557  O O   . ILE A 1 72 ? -15.929 9.790   -0.520  1.00 21.53 ? 72  ILE A O   1 
ATOM   558  C CB  . ILE A 1 72 ? -17.487 12.345  0.341   1.00 24.79 ? 72  ILE A CB  1 
ATOM   559  C CG1 . ILE A 1 72 ? -17.566 13.873  0.375   1.00 25.27 ? 72  ILE A CG1 1 
ATOM   560  C CG2 . ILE A 1 72 ? -18.431 11.740  1.370   1.00 25.31 ? 72  ILE A CG2 1 
ATOM   561  C CD1 . ILE A 1 72 ? -18.912 14.425  -0.052  1.00 26.30 ? 72  ILE A CD1 1 
ATOM   562  N N   . GLY A 1 73 ? -16.014 9.727   1.718   1.00 20.80 ? 73  GLY A N   1 
ATOM   563  C CA  . GLY A 1 73 ? -15.979 8.280   1.736   1.00 19.75 ? 73  GLY A CA  1 
ATOM   564  C C   . GLY A 1 73 ? -15.898 7.726   3.138   1.00 19.24 ? 73  GLY A C   1 
ATOM   565  O O   . GLY A 1 73 ? -15.927 8.467   4.119   1.00 19.25 ? 73  GLY A O   1 
ATOM   566  N N   . THR A 1 74 ? -15.799 6.408   3.226   1.00 19.24 ? 74  THR A N   1 
ATOM   567  C CA  . THR A 1 74 ? -15.708 5.735   4.505   1.00 19.12 ? 74  THR A CA  1 
ATOM   568  C C   . THR A 1 74 ? -14.310 5.922   5.068   1.00 18.27 ? 74  THR A C   1 
ATOM   569  O O   . THR A 1 74 ? -13.325 5.893   4.335   1.00 18.10 ? 74  THR A O   1 
ATOM   570  C CB  . THR A 1 74 ? -15.988 4.234   4.344   1.00 19.98 ? 74  THR A CB  1 
ATOM   571  O OG1 . THR A 1 74 ? -17.331 4.053   3.886   1.00 21.85 ? 74  THR A OG1 1 
ATOM   572  C CG2 . THR A 1 74 ? -15.798 3.500   5.664   1.00 20.56 ? 74  THR A CG2 1 
ATOM   573  N N   . VAL A 1 75 ? -14.230 6.135   6.375   1.00 17.21 ? 75  VAL A N   1 
ATOM   574  C CA  . VAL A 1 75 ? -12.946 6.301   7.028   1.00 16.39 ? 75  VAL A CA  1 
ATOM   575  C C   . VAL A 1 75 ? -12.925 5.381   8.236   1.00 15.73 ? 75  VAL A C   1 
ATOM   576  O O   . VAL A 1 75 ? -13.857 5.375   9.045   1.00 15.78 ? 75  VAL A O   1 
ATOM   577  C CB  . VAL A 1 75 ? -12.722 7.757   7.488   1.00 16.99 ? 75  VAL A CB  1 
ATOM   578  C CG1 . VAL A 1 75 ? -11.437 7.855   8.294   1.00 17.44 ? 75  VAL A CG1 1 
ATOM   579  C CG2 . VAL A 1 75 ? -12.647 8.674   6.275   1.00 16.87 ? 75  VAL A CG2 1 
ATOM   580  N N   . LEU A 1 76 ? -11.870 4.586   8.341   1.00 14.89 ? 76  LEU A N   1 
ATOM   581  C CA  . LEU A 1 76 ? -11.734 3.669   9.462   1.00 14.49 ? 76  LEU A CA  1 
ATOM   582  C C   . LEU A 1 76 ? -10.792 4.295   10.484  1.00 14.95 ? 76  LEU A C   1 
ATOM   583  O O   . LEU A 1 76 ? -9.788  4.903   10.122  1.00 15.63 ? 76  LEU A O   1 
ATOM   584  C CB  . LEU A 1 76 ? -11.165 2.331   8.989   1.00 14.09 ? 76  LEU A CB  1 
ATOM   585  C CG  . LEU A 1 76 ? -11.892 1.705   7.792   1.00 13.06 ? 76  LEU A CG  1 
ATOM   586  C CD1 . LEU A 1 76 ? -11.188 0.421   7.372   1.00 12.67 ? 76  LEU A CD1 1 
ATOM   587  C CD2 . LEU A 1 76 ? -13.340 1.432   8.160   1.00 12.84 ? 76  LEU A CD2 1 
ATOM   588  N N   . VAL A 1 77 ? -11.116 4.143   11.762  1.00 15.07 ? 77  VAL A N   1 
ATOM   589  C CA  . VAL A 1 77 ? -10.281 4.696   12.818  1.00 15.78 ? 77  VAL A CA  1 
ATOM   590  C C   . VAL A 1 77 ? -9.846  3.563   13.730  1.00 15.45 ? 77  VAL A C   1 
ATOM   591  O O   . VAL A 1 77 ? -10.673 2.778   14.197  1.00 15.28 ? 77  VAL A O   1 
ATOM   592  C CB  . VAL A 1 77 ? -11.048 5.764   13.636  1.00 16.13 ? 77  VAL A CB  1 
ATOM   593  C CG1 . VAL A 1 77 ? -10.191 6.263   14.788  1.00 17.38 ? 77  VAL A CG1 1 
ATOM   594  C CG2 . VAL A 1 77 ? -11.437 6.916   12.724  1.00 18.07 ? 77  VAL A CG2 1 
ATOM   595  N N   . GLY A 1 78 ? -8.544  3.475   13.979  1.00 15.92 ? 78  GLY A N   1 
ATOM   596  C CA  . GLY A 1 78 ? -8.043  2.409   14.823  1.00 16.90 ? 78  GLY A CA  1 
ATOM   597  C C   . GLY A 1 78 ? -6.550  2.494   15.082  1.00 17.25 ? 78  GLY A C   1 
ATOM   598  O O   . GLY A 1 78 ? -5.898  3.450   14.668  1.00 17.28 ? 78  GLY A O   1 
ATOM   599  N N   . PRO A 1 79 ? -5.977  1.482   15.749  1.00 18.19 ? 79  PRO A N   1 
ATOM   600  C CA  . PRO A 1 79 ? -4.551  1.428   16.080  1.00 18.97 ? 79  PRO A CA  1 
ATOM   601  C C   . PRO A 1 79 ? -3.600  1.193   14.908  1.00 19.57 ? 79  PRO A C   1 
ATOM   602  O O   . PRO A 1 79 ? -2.757  0.294   14.955  1.00 20.05 ? 79  PRO A O   1 
ATOM   603  C CB  . PRO A 1 79 ? -4.491  0.304   17.107  1.00 18.81 ? 79  PRO A CB  1 
ATOM   604  C CG  . PRO A 1 79 ? -5.519  -0.648  16.592  1.00 19.06 ? 79  PRO A CG  1 
ATOM   605  C CD  . PRO A 1 79 ? -6.672  0.274   16.229  1.00 18.51 ? 79  PRO A CD  1 
ATOM   606  N N   . THR A 1 80 ? -3.730  1.996   13.857  1.00 19.75 ? 80  THR A N   1 
ATOM   607  C CA  . THR A 1 80 ? -2.844  1.856   12.707  1.00 19.54 ? 80  THR A CA  1 
ATOM   608  C C   . THR A 1 80 ? -1.556  2.623   13.015  1.00 20.39 ? 80  THR A C   1 
ATOM   609  O O   . THR A 1 80 ? -1.593  3.696   13.627  1.00 20.39 ? 80  THR A O   1 
ATOM   610  C CB  . THR A 1 80 ? -3.493  2.413   11.418  1.00 18.88 ? 80  THR A CB  1 
ATOM   611  O OG1 . THR A 1 80 ? -2.570  2.291   10.332  1.00 18.22 ? 80  THR A OG1 1 
ATOM   612  C CG2 . THR A 1 80 ? -3.885  3.875   11.594  1.00 18.40 ? 80  THR A CG2 1 
ATOM   613  N N   . PRO A 1 81 ? -0.398  2.076   12.609  1.00 20.80 ? 81  PRO A N   1 
ATOM   614  C CA  . PRO A 1 81 ? 0.908   2.705   12.846  1.00 21.27 ? 81  PRO A CA  1 
ATOM   615  C C   . PRO A 1 81 ? 1.056   4.050   12.144  1.00 21.27 ? 81  PRO A C   1 
ATOM   616  O O   . PRO A 1 81 ? 1.749   4.947   12.629  1.00 21.80 ? 81  PRO A O   1 
ATOM   617  C CB  . PRO A 1 81 ? 1.898   1.672   12.294  1.00 21.26 ? 81  PRO A CB  1 
ATOM   618  C CG  . PRO A 1 81 ? 1.156   0.381   12.400  1.00 21.85 ? 81  PRO A CG  1 
ATOM   619  C CD  . PRO A 1 81 ? -0.229  0.766   11.956  1.00 21.43 ? 81  PRO A CD  1 
ATOM   620  N N   . VAL A 1 82 ? 0.407   4.183   10.993  1.00 20.52 ? 82  VAL A N   1 
ATOM   621  C CA  . VAL A 1 82 ? 0.481   5.411   10.215  1.00 19.66 ? 82  VAL A CA  1 
ATOM   622  C C   . VAL A 1 82 ? -0.864  5.682   9.544   1.00 18.81 ? 82  VAL A C   1 
ATOM   623  O O   . VAL A 1 82 ? -1.634  4.754   9.295   1.00 18.56 ? 82  VAL A O   1 
ATOM   624  C CB  . VAL A 1 82 ? 1.583   5.298   9.139   1.00 20.80 ? 82  VAL A CB  1 
ATOM   625  C CG1 . VAL A 1 82 ? 1.242   4.188   8.166   1.00 22.10 ? 82  VAL A CG1 1 
ATOM   626  C CG2 . VAL A 1 82 ? 1.749   6.617   8.412   1.00 21.46 ? 82  VAL A CG2 1 
ATOM   627  N N   . ASN A 1 83 ? -1.149  6.953   9.267   1.00 17.18 ? 83  ASN A N   1 
ATOM   628  C CA  . ASN A 1 83 ? -2.402  7.323   8.618   1.00 16.24 ? 83  ASN A CA  1 
ATOM   629  C C   . ASN A 1 83 ? -2.317  6.888   7.166   1.00 15.62 ? 83  ASN A C   1 
ATOM   630  O O   . ASN A 1 83 ? -1.350  7.197   6.474   1.00 15.43 ? 83  ASN A O   1 
ATOM   631  C CB  . ASN A 1 83 ? -2.637  8.830   8.717   1.00 16.71 ? 83  ASN A CB  1 
ATOM   632  C CG  . ASN A 1 83 ? -2.878  9.282   10.145  1.00 18.11 ? 83  ASN A CG  1 
ATOM   633  O OD1 . ASN A 1 83 ? -3.635  8.650   10.882  1.00 18.34 ? 83  ASN A OD1 1 
ATOM   634  N ND2 . ASN A 1 83 ? -2.242  10.378  10.542  1.00 17.89 ? 83  ASN A ND2 1 
ATOM   635  N N   . ILE A 1 84 ? -3.344  6.173   6.719   1.00 14.86 ? 84  ILE A N   1 
ATOM   636  C CA  . ILE A 1 84 ? -3.385  5.626   5.369   1.00 14.98 ? 84  ILE A CA  1 
ATOM   637  C C   . ILE A 1 84 ? -4.551  6.122   4.525   1.00 13.93 ? 84  ILE A C   1 
ATOM   638  O O   . ILE A 1 84 ? -5.696  6.044   4.944   1.00 13.36 ? 84  ILE A O   1 
ATOM   639  C CB  . ILE A 1 84 ? -3.502  4.081   5.433   1.00 15.69 ? 84  ILE A CB  1 
ATOM   640  C CG1 . ILE A 1 84 ? -2.287  3.493   6.155   1.00 16.99 ? 84  ILE A CG1 1 
ATOM   641  C CG2 . ILE A 1 84 ? -3.655  3.497   4.027   1.00 16.18 ? 84  ILE A CG2 1 
ATOM   642  C CD1 . ILE A 1 84 ? -2.468  2.028   6.514   1.00 19.01 ? 84  ILE A CD1 1 
ATOM   643  N N   . ILE A 1 85 ? -4.253  6.630   3.335   1.00 13.14 ? 85  ILE A N   1 
ATOM   644  C CA  . ILE A 1 85 ? -5.301  7.059   2.424   1.00 13.18 ? 85  ILE A CA  1 
ATOM   645  C C   . ILE A 1 85 ? -5.384  5.904   1.439   1.00 12.31 ? 85  ILE A C   1 
ATOM   646  O O   . ILE A 1 85 ? -4.457  5.688   0.658   1.00 12.23 ? 85  ILE A O   1 
ATOM   647  C CB  . ILE A 1 85 ? -4.931  8.347   1.667   1.00 13.47 ? 85  ILE A CB  1 
ATOM   648  C CG1 . ILE A 1 85 ? -4.767  9.505   2.657   1.00 14.52 ? 85  ILE A CG1 1 
ATOM   649  C CG2 . ILE A 1 85 ? -6.007  8.672   0.642   1.00 13.84 ? 85  ILE A CG2 1 
ATOM   650  C CD1 . ILE A 1 85 ? -5.981  9.744   3.535   1.00 16.16 ? 85  ILE A CD1 1 
ATOM   651  N N   . GLY A 1 86 ? -6.485  5.159   1.493   1.00 12.20 ? 86  GLY A N   1 
ATOM   652  C CA  . GLY A 1 86 ? -6.658  4.009   0.624   1.00 12.18 ? 86  GLY A CA  1 
ATOM   653  C C   . GLY A 1 86 ? -7.384  4.267   -0.682  1.00 11.90 ? 86  GLY A C   1 
ATOM   654  O O   . GLY A 1 86 ? -7.774  5.393   -0.991  1.00 12.38 ? 86  GLY A O   1 
ATOM   655  N N   . ARG A 1 87 ? -7.576  3.202   -1.451  1.00 11.87 ? 87  ARG A N   1 
ATOM   656  C CA  . ARG A 1 87 ? -8.226  3.309   -2.751  1.00 12.17 ? 87  ARG A CA  1 
ATOM   657  C C   . ARG A 1 87 ? -9.601  3.958   -2.762  1.00 13.04 ? 87  ARG A C   1 
ATOM   658  O O   . ARG A 1 87 ? -9.945  4.649   -3.722  1.00 12.66 ? 87  ARG A O   1 
ATOM   659  C CB  . ARG A 1 87 ? -8.313  1.929   -3.417  1.00 11.58 ? 87  ARG A CB  1 
ATOM   660  C CG  . ARG A 1 87 ? -6.957  1.371   -3.827  1.00 12.87 ? 87  ARG A CG  1 
ATOM   661  C CD  . ARG A 1 87 ? -7.075  0.105   -4.685  1.00 13.63 ? 87  ARG A CD  1 
ATOM   662  N NE  . ARG A 1 87 ? -7.828  -0.957  -4.021  1.00 14.88 ? 87  ARG A NE  1 
ATOM   663  C CZ  . ARG A 1 87 ? -9.117  -1.214  -4.222  1.00 15.79 ? 87  ARG A CZ  1 
ATOM   664  N NH1 . ARG A 1 87 ? -9.820  -0.489  -5.085  1.00 14.99 ? 87  ARG A NH1 1 
ATOM   665  N NH2 . ARG A 1 87 ? -9.709  -2.196  -3.549  1.00 15.91 ? 87  ARG A NH2 1 
ATOM   666  N N   . ASN A 1 88 ? -10.385 3.751   -1.707  1.00 13.16 ? 88  ASN A N   1 
ATOM   667  C CA  . ASN A 1 88 ? -11.733 4.318   -1.673  1.00 14.09 ? 88  ASN A CA  1 
ATOM   668  C C   . ASN A 1 88 ? -11.724 5.836   -1.799  1.00 14.10 ? 88  ASN A C   1 
ATOM   669  O O   . ASN A 1 88 ? -12.684 6.424   -2.291  1.00 14.78 ? 88  ASN A O   1 
ATOM   670  C CB  . ASN A 1 88 ? -12.480 3.884   -0.403  1.00 14.58 ? 88  ASN A CB  1 
ATOM   671  C CG  . ASN A 1 88 ? -11.978 4.576   0.847   1.00 15.95 ? 88  ASN A CG  1 
ATOM   672  O OD1 . ASN A 1 88 ? -10.782 4.565   1.145   1.00 15.40 ? 88  ASN A OD1 1 
ATOM   673  N ND2 . ASN A 1 88 ? -12.901 5.176   1.599   1.00 16.05 ? 88  ASN A ND2 1 
ATOM   674  N N   . LEU A 1 89 ? -10.642 6.473   -1.365  1.00 13.38 ? 89  LEU A N   1 
ATOM   675  C CA  . LEU A 1 89 ? -10.544 7.923   -1.476  1.00 13.88 ? 89  LEU A CA  1 
ATOM   676  C C   . LEU A 1 89 ? -9.591  8.355   -2.587  1.00 13.61 ? 89  LEU A C   1 
ATOM   677  O O   . LEU A 1 89 ? -9.753  9.427   -3.164  1.00 13.67 ? 89  LEU A O   1 
ATOM   678  C CB  . LEU A 1 89 ? -10.114 8.539   -0.140  1.00 14.64 ? 89  LEU A CB  1 
ATOM   679  C CG  . LEU A 1 89 ? -11.147 8.442   0.989   1.00 16.15 ? 89  LEU A CG  1 
ATOM   680  C CD1 . LEU A 1 89 ? -10.598 9.130   2.240   1.00 16.73 ? 89  LEU A CD1 1 
ATOM   681  C CD2 . LEU A 1 89 ? -12.457 9.094   0.560   1.00 16.52 ? 89  LEU A CD2 1 
ATOM   682  N N   . LEU A 1 90 ? -8.597  7.527   -2.893  1.00 13.43 ? 90  LEU A N   1 
ATOM   683  C CA  . LEU A 1 90 ? -7.655  7.866   -3.958  1.00 13.05 ? 90  LEU A CA  1 
ATOM   684  C C   . LEU A 1 90 ? -8.397  7.995   -5.289  1.00 13.17 ? 90  LEU A C   1 
ATOM   685  O O   . LEU A 1 90 ? -8.060  8.841   -6.120  1.00 13.55 ? 90  LEU A O   1 
ATOM   686  C CB  . LEU A 1 90 ? -6.570  6.791   -4.074  1.00 13.53 ? 90  LEU A CB  1 
ATOM   687  C CG  . LEU A 1 90 ? -5.570  6.708   -2.918  1.00 13.37 ? 90  LEU A CG  1 
ATOM   688  C CD1 . LEU A 1 90 ? -4.616  5.535   -3.136  1.00 14.36 ? 90  LEU A CD1 1 
ATOM   689  C CD2 . LEU A 1 90 ? -4.798  8.024   -2.829  1.00 14.86 ? 90  LEU A CD2 1 
ATOM   690  N N   . THR A 1 91 ? -9.416  7.165   -5.485  1.00 13.21 ? 91  THR A N   1 
ATOM   691  C CA  . THR A 1 91 ? -10.183 7.211   -6.729  1.00 13.98 ? 91  THR A CA  1 
ATOM   692  C C   . THR A 1 91 ? -10.910 8.540   -6.875  1.00 14.36 ? 91  THR A C   1 
ATOM   693  O O   . THR A 1 91 ? -11.024 9.073   -7.979  1.00 14.55 ? 91  THR A O   1 
ATOM   694  C CB  . THR A 1 91 ? -11.254 6.104   -6.795  1.00 13.57 ? 91  THR A CB  1 
ATOM   695  O OG1 . THR A 1 91 ? -12.101 6.194   -5.643  1.00 13.75 ? 91  THR A OG1 1 
ATOM   696  C CG2 . THR A 1 91 ? -10.609 4.721   -6.869  1.00 13.24 ? 91  THR A CG2 1 
ATOM   697  N N   . GLN A 1 92 ? -11.398 9.067   -5.757  1.00 14.31 ? 92  GLN A N   1 
ATOM   698  C CA  . GLN A 1 92 ? -12.152 10.314  -5.760  1.00 14.60 ? 92  GLN A CA  1 
ATOM   699  C C   . GLN A 1 92 ? -11.347 11.548  -6.149  1.00 15.89 ? 92  GLN A C   1 
ATOM   700  O O   . GLN A 1 92 ? -11.912 12.523  -6.640  1.00 15.55 ? 92  GLN A O   1 
ATOM   701  C CB  . GLN A 1 92 ? -12.814 10.518  -4.393  1.00 14.20 ? 92  GLN A CB  1 
ATOM   702  C CG  . GLN A 1 92 ? -13.718 9.357   -3.993  1.00 13.26 ? 92  GLN A CG  1 
ATOM   703  C CD  . GLN A 1 92 ? -14.890 9.172   -4.945  1.00 14.23 ? 92  GLN A CD  1 
ATOM   704  O OE1 . GLN A 1 92 ? -15.822 9.976   -4.962  1.00 14.99 ? 92  GLN A OE1 1 
ATOM   705  N NE2 . GLN A 1 92 ? -14.843 8.114   -5.748  1.00 14.58 ? 92  GLN A NE2 1 
ATOM   706  N N   . ILE A 1 93 ? -10.034 11.520  -5.936  1.00 16.55 ? 93  ILE A N   1 
ATOM   707  C CA  . ILE A 1 93 ? -9.216  12.665  -6.309  1.00 17.38 ? 93  ILE A CA  1 
ATOM   708  C C   . ILE A 1 93 ? -8.560  12.423  -7.662  1.00 17.51 ? 93  ILE A C   1 
ATOM   709  O O   . ILE A 1 93 ? -7.746  13.221  -8.122  1.00 17.72 ? 93  ILE A O   1 
ATOM   710  C CB  . ILE A 1 93 ? -8.140  12.980  -5.249  1.00 17.83 ? 93  ILE A CB  1 
ATOM   711  C CG1 . ILE A 1 93 ? -7.135  11.834  -5.150  1.00 18.11 ? 93  ILE A CG1 1 
ATOM   712  C CG2 . ILE A 1 93 ? -8.812  13.224  -3.895  1.00 18.21 ? 93  ILE A CG2 1 
ATOM   713  C CD1 . ILE A 1 93 ? -5.969  12.131  -4.214  1.00 19.04 ? 93  ILE A CD1 1 
ATOM   714  N N   . GLY A 1 94 ? -8.931  11.311  -8.292  1.00 17.79 ? 94  GLY A N   1 
ATOM   715  C CA  . GLY A 1 94 ? -8.414  10.982  -9.609  1.00 18.53 ? 94  GLY A CA  1 
ATOM   716  C C   . GLY A 1 94 ? -6.984  10.496  -9.635  1.00 18.79 ? 94  GLY A C   1 
ATOM   717  O O   . GLY A 1 94 ? -6.273  10.680  -10.625 1.00 19.34 ? 94  GLY A O   1 
ATOM   718  N N   . CYS A 1 95 ? -6.562  9.854   -8.555  1.00 18.16 ? 95  CYS A N   1 
ATOM   719  C CA  . CYS A 1 95 ? -5.201  9.351   -8.465  1.00 18.70 ? 95  CYS A CA  1 
ATOM   720  C C   . CYS A 1 95 ? -5.022  8.061   -9.260  1.00 17.76 ? 95  CYS A C   1 
ATOM   721  O O   . CYS A 1 95 ? -5.845  7.147   -9.174  1.00 17.77 ? 95  CYS A O   1 
ATOM   722  C CB  . CYS A 1 95 ? -4.839  9.116   -6.995  1.00 19.67 ? 95  CYS A CB  1 
ATOM   723  S SG  . CYS A 1 95 ? -3.134  8.615   -6.722  1.00 22.55 ? 95  CYS A SG  1 
ATOM   724  N N   . THR A 1 96 ? -3.949  7.993   -10.043 1.00 17.15 ? 96  THR A N   1 
ATOM   725  C CA  . THR A 1 96 ? -3.658  6.799   -10.826 1.00 16.96 ? 96  THR A CA  1 
ATOM   726  C C   . THR A 1 96 ? -2.179  6.465   -10.696 1.00 17.17 ? 96  THR A C   1 
ATOM   727  O O   . THR A 1 96 ? -1.379  7.311   -10.292 1.00 16.71 ? 96  THR A O   1 
ATOM   728  C CB  . THR A 1 96 ? -3.936  7.007   -12.328 1.00 17.48 ? 96  THR A CB  1 
ATOM   729  O OG1 . THR A 1 96 ? -3.098  8.062   -12.819 1.00 17.42 ? 96  THR A OG1 1 
ATOM   730  C CG2 . THR A 1 96 ? -5.406  7.349   -12.570 1.00 17.38 ? 96  THR A CG2 1 
ATOM   731  N N   . LEU A 1 97 ? -1.833  5.229   -11.043 1.00 16.83 ? 97  LEU A N   1 
ATOM   732  C CA  . LEU A 1 97 ? -0.449  4.767   -11.035 1.00 17.64 ? 97  LEU A CA  1 
ATOM   733  C C   . LEU A 1 97 ? -0.018  4.802   -12.488 1.00 18.14 ? 97  LEU A C   1 
ATOM   734  O O   . LEU A 1 97 ? -0.760  4.352   -13.362 1.00 18.13 ? 97  LEU A O   1 
ATOM   735  C CB  . LEU A 1 97 ? -0.355  3.329   -10.524 1.00 17.84 ? 97  LEU A CB  1 
ATOM   736  C CG  . LEU A 1 97 ? -0.449  3.136   -9.016  1.00 18.13 ? 97  LEU A CG  1 
ATOM   737  C CD1 . LEU A 1 97 ? -0.549  1.652   -8.695  1.00 19.17 ? 97  LEU A CD1 1 
ATOM   738  C CD2 . LEU A 1 97 ? 0.778   3.756   -8.357  1.00 18.91 ? 97  LEU A CD2 1 
ATOM   739  N N   . ASN A 1 98 ? 1.171   5.330   -12.751 1.00 19.04 ? 98  ASN A N   1 
ATOM   740  C CA  . ASN A 1 98 ? 1.660   5.415   -14.119 1.00 20.59 ? 98  ASN A CA  1 
ATOM   741  C C   . ASN A 1 98 ? 3.115   4.995   -14.279 1.00 21.28 ? 98  ASN A C   1 
ATOM   742  O O   . ASN A 1 98 ? 3.959   5.327   -13.449 1.00 21.07 ? 98  ASN A O   1 
ATOM   743  C CB  . ASN A 1 98 ? 1.512   6.846   -14.643 1.00 21.14 ? 98  ASN A CB  1 
ATOM   744  C CG  . ASN A 1 98 ? 0.080   7.336   -14.611 1.00 21.85 ? 98  ASN A CG  1 
ATOM   745  O OD1 . ASN A 1 98 ? -0.440  7.718   -13.560 1.00 23.01 ? 98  ASN A OD1 1 
ATOM   746  N ND2 . ASN A 1 98 ? -0.571  7.322   -15.766 1.00 22.00 ? 98  ASN A ND2 1 
ATOM   747  N N   . PHE A 1 99 ? 3.388   4.263   -15.357 1.00 22.57 ? 99  PHE A N   1 
ATOM   748  C CA  . PHE A 1 99 ? 4.733   3.819   -15.701 1.00 23.89 ? 99  PHE A CA  1 
ATOM   749  C C   . PHE A 1 99 ? 4.753   3.366   -17.159 1.00 24.39 ? 99  PHE A C   1 
ATOM   750  O O   . PHE A 1 99 ? 5.670   2.618   -17.549 1.00 25.12 ? 99  PHE A O   1 
ATOM   751  C CB  . PHE A 1 99 ? 5.201   2.675   -14.787 1.00 24.79 ? 99  PHE A CB  1 
ATOM   752  C CG  . PHE A 1 99 ? 4.370   1.424   -14.879 1.00 26.06 ? 99  PHE A CG  1 
ATOM   753  C CD1 . PHE A 1 99 ? 3.152   1.329   -14.213 1.00 26.46 ? 99  PHE A CD1 1 
ATOM   754  C CD2 . PHE A 1 99 ? 4.819   0.330   -15.613 1.00 26.50 ? 99  PHE A CD2 1 
ATOM   755  C CE1 . PHE A 1 99 ? 2.396   0.163   -14.273 1.00 26.58 ? 99  PHE A CE1 1 
ATOM   756  C CE2 . PHE A 1 99 ? 4.069   -0.842  -15.680 1.00 26.92 ? 99  PHE A CE2 1 
ATOM   757  C CZ  . PHE A 1 99 ? 2.853   -0.925  -15.006 1.00 27.36 ? 99  PHE A CZ  1 
ATOM   758  O OXT . PHE A 1 99 ? 3.848   3.787   -17.906 1.00 25.42 ? 99  PHE A OXT 1 
ATOM   759  N N   . PRO B 1 1  ? 1.714   2.449   -18.970 1.00 30.12 ? 101 PRO B N   1 
ATOM   760  C CA  . PRO B 1 1  ? 0.288   2.152   -18.706 1.00 29.67 ? 101 PRO B CA  1 
ATOM   761  C C   . PRO B 1 1  ? -0.222  3.001   -17.551 1.00 29.03 ? 101 PRO B C   1 
ATOM   762  O O   . PRO B 1 1  ? 0.537   3.343   -16.647 1.00 28.83 ? 101 PRO B O   1 
ATOM   763  C CB  . PRO B 1 1  ? 0.199   0.676   -18.342 1.00 30.17 ? 101 PRO B CB  1 
ATOM   764  C CG  . PRO B 1 1  ? 1.491   0.123   -18.937 1.00 30.78 ? 101 PRO B CG  1 
ATOM   765  C CD  . PRO B 1 1  ? 2.521   1.238   -18.748 1.00 30.79 ? 101 PRO B CD  1 
ATOM   766  N N   . GLN B 1 2  ? -1.503  3.351   -17.593 1.00 28.34 ? 102 GLN B N   1 
ATOM   767  C CA  . GLN B 1 2  ? -2.116  4.131   -16.525 1.00 27.36 ? 102 GLN B CA  1 
ATOM   768  C C   . GLN B 1 2  ? -3.106  3.212   -15.833 1.00 26.17 ? 102 GLN B C   1 
ATOM   769  O O   . GLN B 1 2  ? -4.015  2.672   -16.464 1.00 26.17 ? 102 GLN B O   1 
ATOM   770  C CB  . GLN B 1 2  ? -2.837  5.364   -17.077 1.00 28.77 ? 102 GLN B CB  1 
ATOM   771  C CG  . GLN B 1 2  ? -3.601  6.150   -16.013 1.00 30.60 ? 102 GLN B CG  1 
ATOM   772  C CD  . GLN B 1 2  ? -4.021  7.531   -16.481 1.00 32.03 ? 102 GLN B CD  1 
ATOM   773  O OE1 . GLN B 1 2  ? -3.181  8.404   -16.712 1.00 32.87 ? 102 GLN B OE1 1 
ATOM   774  N NE2 . GLN B 1 2  ? -5.325  7.736   -16.625 1.00 32.85 ? 102 GLN B NE2 1 
ATOM   775  N N   . ILE B 1 3  ? -2.918  3.026   -14.534 1.00 24.08 ? 103 ILE B N   1 
ATOM   776  C CA  . ILE B 1 3  ? -3.783  2.153   -13.762 1.00 22.51 ? 103 ILE B CA  1 
ATOM   777  C C   . ILE B 1 3  ? -4.637  2.943   -12.781 1.00 21.13 ? 103 ILE B C   1 
ATOM   778  O O   . ILE B 1 3  ? -4.115  3.691   -11.954 1.00 20.31 ? 103 ILE B O   1 
ATOM   779  C CB  . ILE B 1 3  ? -2.943  1.111   -12.985 1.00 22.82 ? 103 ILE B CB  1 
ATOM   780  C CG1 . ILE B 1 3  ? -2.073  0.320   -13.968 1.00 23.19 ? 103 ILE B CG1 1 
ATOM   781  C CG2 . ILE B 1 3  ? -3.854  0.176   -12.195 1.00 23.25 ? 103 ILE B CG2 1 
ATOM   782  C CD1 . ILE B 1 3  ? -1.147  -0.682  -13.315 1.00 23.96 ? 103 ILE B CD1 1 
ATOM   783  N N   . THR B 1 4  ? -5.953  2.789   -12.892 1.00 19.36 ? 104 THR B N   1 
ATOM   784  C CA  . THR B 1 4  ? -6.870  3.466   -11.985 1.00 17.95 ? 104 THR B CA  1 
ATOM   785  C C   . THR B 1 4  ? -6.990  2.587   -10.743 1.00 16.74 ? 104 THR B C   1 
ATOM   786  O O   . THR B 1 4  ? -6.531  1.444   -10.738 1.00 16.81 ? 104 THR B O   1 
ATOM   787  C CB  . THR B 1 4  ? -8.261  3.681   -12.620 1.00 18.11 ? 104 THR B CB  1 
ATOM   788  O OG1 . THR B 1 4  ? -8.759  2.442   -13.129 1.00 19.16 ? 104 THR B OG1 1 
ATOM   789  C CG2 . THR B 1 4  ? -8.175  4.703   -13.756 1.00 19.13 ? 104 THR B CG2 1 
ATOM   790  N N   . LEU B 1 5  ? -7.625  3.108   -9.701  1.00 15.13 ? 105 LEU B N   1 
ATOM   791  C CA  . LEU B 1 5  ? -7.723  2.377   -8.453  1.00 14.16 ? 105 LEU B CA  1 
ATOM   792  C C   . LEU B 1 5  ? -9.119  1.947   -8.006  1.00 14.42 ? 105 LEU B C   1 
ATOM   793  O O   . LEU B 1 5  ? -9.341  1.707   -6.818  1.00 13.71 ? 105 LEU B O   1 
ATOM   794  C CB  . LEU B 1 5  ? -7.047  3.208   -7.360  1.00 14.14 ? 105 LEU B CB  1 
ATOM   795  C CG  . LEU B 1 5  ? -5.603  3.578   -7.725  1.00 14.13 ? 105 LEU B CG  1 
ATOM   796  C CD1 . LEU B 1 5  ? -5.063  4.623   -6.754  1.00 14.92 ? 105 LEU B CD1 1 
ATOM   797  C CD2 . LEU B 1 5  ? -4.735  2.319   -7.712  1.00 15.54 ? 105 LEU B CD2 1 
ATOM   798  N N   . TRP B 1 6  ? -10.055 1.835   -8.945  1.00 14.02 ? 106 TRP B N   1 
ATOM   799  C CA  . TRP B 1 6  ? -11.405 1.410   -8.593  1.00 14.50 ? 106 TRP B CA  1 
ATOM   800  C C   . TRP B 1 6  ? -11.355 -0.042  -8.130  1.00 15.38 ? 106 TRP B C   1 
ATOM   801  O O   . TRP B 1 6  ? -12.210 -0.495  -7.371  1.00 15.51 ? 106 TRP B O   1 
ATOM   802  C CB  . TRP B 1 6  ? -12.345 1.594   -9.786  1.00 14.43 ? 106 TRP B CB  1 
ATOM   803  C CG  . TRP B 1 6  ? -12.347 3.005   -10.248 1.00 13.82 ? 106 TRP B CG  1 
ATOM   804  C CD1 . TRP B 1 6  ? -11.621 3.533   -11.275 1.00 14.28 ? 106 TRP B CD1 1 
ATOM   805  C CD2 . TRP B 1 6  ? -13.042 4.102   -9.641  1.00 14.59 ? 106 TRP B CD2 1 
ATOM   806  N NE1 . TRP B 1 6  ? -11.816 4.893   -11.346 1.00 14.15 ? 106 TRP B NE1 1 
ATOM   807  C CE2 . TRP B 1 6  ? -12.684 5.269   -10.354 1.00 14.28 ? 106 TRP B CE2 1 
ATOM   808  C CE3 . TRP B 1 6  ? -13.930 4.213   -8.561  1.00 14.18 ? 106 TRP B CE3 1 
ATOM   809  C CZ2 . TRP B 1 6  ? -13.183 6.534   -10.024 1.00 14.21 ? 106 TRP B CZ2 1 
ATOM   810  C CZ3 . TRP B 1 6  ? -14.426 5.473   -8.229  1.00 13.79 ? 106 TRP B CZ3 1 
ATOM   811  C CH2 . TRP B 1 6  ? -14.049 6.617   -8.961  1.00 14.26 ? 106 TRP B CH2 1 
ATOM   812  N N   . GLN B 1 7  ? -10.342 -0.768  -8.592  1.00 15.65 ? 107 GLN B N   1 
ATOM   813  C CA  . GLN B 1 7  ? -10.128 -2.147  -8.169  1.00 16.15 ? 107 GLN B CA  1 
ATOM   814  C C   . GLN B 1 7  ? -8.664  -2.248  -7.753  1.00 15.21 ? 107 GLN B C   1 
ATOM   815  O O   . GLN B 1 7  ? -7.880  -1.343  -8.023  1.00 14.77 ? 107 GLN B O   1 
ATOM   816  C CB  . GLN B 1 7  ? -10.427 -3.137  -9.300  1.00 19.14 ? 107 GLN B CB  1 
ATOM   817  C CG  . GLN B 1 7  ? -9.723  -2.871  -10.614 1.00 23.30 ? 107 GLN B CG  1 
ATOM   818  C CD  . GLN B 1 7  ? -10.159 -3.853  -11.689 1.00 25.71 ? 107 GLN B CD  1 
ATOM   819  O OE1 . GLN B 1 7  ? -11.347 -4.148  -11.820 1.00 28.07 ? 107 GLN B OE1 1 
ATOM   820  N NE2 . GLN B 1 7  ? -9.204  -4.358  -12.465 1.00 27.09 ? 107 GLN B NE2 1 
ATOM   821  N N   . ARG B 1 8  ? -8.299  -3.333  -7.082  1.00 14.36 ? 108 ARG B N   1 
ATOM   822  C CA  . ARG B 1 8  ? -6.913  -3.502  -6.652  1.00 14.66 ? 108 ARG B CA  1 
ATOM   823  C C   . ARG B 1 8  ? -5.983  -3.472  -7.852  1.00 14.30 ? 108 ARG B C   1 
ATOM   824  O O   . ARG B 1 8  ? -6.264  -4.085  -8.882  1.00 14.61 ? 108 ARG B O   1 
ATOM   825  C CB  . ARG B 1 8  ? -6.746  -4.822  -5.904  1.00 15.18 ? 108 ARG B CB  1 
ATOM   826  C CG  . ARG B 1 8  ? -7.333  -4.801  -4.507  1.00 16.86 ? 108 ARG B CG  1 
ATOM   827  C CD  . ARG B 1 8  ? -7.049  -6.104  -3.786  1.00 19.15 ? 108 ARG B CD  1 
ATOM   828  N NE  . ARG B 1 8  ? -7.406  -6.029  -2.374  1.00 20.88 ? 108 ARG B NE  1 
ATOM   829  C CZ  . ARG B 1 8  ? -7.278  -7.038  -1.518  1.00 22.17 ? 108 ARG B CZ  1 
ATOM   830  N NH1 . ARG B 1 8  ? -6.800  -8.208  -1.932  1.00 22.47 ? 108 ARG B NH1 1 
ATOM   831  N NH2 . ARG B 1 8  ? -7.618  -6.874  -0.247  1.00 22.31 ? 108 ARG B NH2 1 
ATOM   832  N N   . PRO B 1 9  ? -4.867  -2.739  -7.741  1.00 14.16 ? 109 PRO B N   1 
ATOM   833  C CA  . PRO B 1 9  ? -3.916  -2.660  -8.851  1.00 13.81 ? 109 PRO B CA  1 
ATOM   834  C C   . PRO B 1 9  ? -3.079  -3.934  -8.920  1.00 14.78 ? 109 PRO B C   1 
ATOM   835  O O   . PRO B 1 9  ? -1.914  -3.948  -8.533  1.00 13.45 ? 109 PRO B O   1 
ATOM   836  C CB  . PRO B 1 9  ? -3.089  -1.426  -8.501  1.00 13.78 ? 109 PRO B CB  1 
ATOM   837  C CG  . PRO B 1 9  ? -3.057  -1.471  -6.994  1.00 13.06 ? 109 PRO B CG  1 
ATOM   838  C CD  . PRO B 1 9  ? -4.497  -1.807  -6.657  1.00 13.40 ? 109 PRO B CD  1 
ATOM   839  N N   . LEU B 1 10 ? -3.699  -5.005  -9.401  1.00 15.00 ? 110 LEU B N   1 
ATOM   840  C CA  . LEU B 1 10 ? -3.031  -6.285  -9.524  1.00 16.15 ? 110 LEU B CA  1 
ATOM   841  C C   . LEU B 1 10 ? -2.436  -6.425  -10.912 1.00 16.26 ? 110 LEU B C   1 
ATOM   842  O O   . LEU B 1 10 ? -3.062  -6.066  -11.910 1.00 17.10 ? 110 LEU B O   1 
ATOM   843  C CB  . LEU B 1 10 ? -4.025  -7.422  -9.274  1.00 18.14 ? 110 LEU B CB  1 
ATOM   844  C CG  . LEU B 1 10 ? -4.660  -7.484  -7.887  1.00 19.16 ? 110 LEU B CG  1 
ATOM   845  C CD1 . LEU B 1 10 ? -5.723  -8.574  -7.861  1.00 20.90 ? 110 LEU B CD1 1 
ATOM   846  C CD2 . LEU B 1 10 ? -3.584  -7.754  -6.845  1.00 20.59 ? 110 LEU B CD2 1 
ATOM   847  N N   . VAL B 1 11 ? -1.214  -6.931  -10.970 1.00 16.00 ? 111 VAL B N   1 
ATOM   848  C CA  . VAL B 1 11 ? -0.542  -7.132  -12.241 1.00 16.22 ? 111 VAL B CA  1 
ATOM   849  C C   . VAL B 1 11 ? 0.108   -8.500  -12.228 1.00 15.96 ? 111 VAL B C   1 
ATOM   850  O O   . VAL B 1 11 ? 0.199   -9.151  -11.187 1.00 15.83 ? 111 VAL B O   1 
ATOM   851  C CB  . VAL B 1 11 ? 0.556   -6.077  -12.487 1.00 16.71 ? 111 VAL B CB  1 
ATOM   852  C CG1 . VAL B 1 11 ? -0.065  -4.687  -12.572 1.00 17.85 ? 111 VAL B CG1 1 
ATOM   853  C CG2 . VAL B 1 11 ? 1.597   -6.141  -11.378 1.00 17.78 ? 111 VAL B CG2 1 
ATOM   854  N N   . THR B 1 12 ? 0.555   -8.942  -13.391 1.00 16.20 ? 112 THR B N   1 
ATOM   855  C CA  . THR B 1 12 ? 1.218   -10.226 -13.476 1.00 16.32 ? 112 THR B CA  1 
ATOM   856  C C   . THR B 1 12 ? 2.715   -9.985  -13.406 1.00 16.17 ? 112 THR B C   1 
ATOM   857  O O   . THR B 1 12 ? 3.239   -9.075  -14.052 1.00 16.47 ? 112 THR B O   1 
ATOM   858  C CB  . THR B 1 12 ? 0.883   -10.942 -14.797 1.00 17.04 ? 112 THR B CB  1 
ATOM   859  O OG1 . THR B 1 12 ? -0.517  -11.242 -14.830 1.00 18.17 ? 112 THR B OG1 1 
ATOM   860  C CG2 . THR B 1 12 ? 1.682   -12.235 -14.924 1.00 17.95 ? 112 THR B CG2 1 
ATOM   861  N N   . ILE B 1 13 ? 3.397   -10.778 -12.592 1.00 15.56 ? 113 ILE B N   1 
ATOM   862  C CA  . ILE B 1 13 ? 4.841   -10.666 -12.483 1.00 15.58 ? 113 ILE B CA  1 
ATOM   863  C C   . ILE B 1 13 ? 5.395   -12.028 -12.852 1.00 15.94 ? 113 ILE B C   1 
ATOM   864  O O   . ILE B 1 13 ? 4.697   -13.036 -12.765 1.00 16.12 ? 113 ILE B O   1 
ATOM   865  C CB  . ILE B 1 13 ? 5.305   -10.301 -11.048 1.00 15.66 ? 113 ILE B CB  1 
ATOM   866  C CG1 . ILE B 1 13 ? 4.825   -11.357 -10.047 1.00 15.26 ? 113 ILE B CG1 1 
ATOM   867  C CG2 . ILE B 1 13 ? 4.785   -8.915  -10.680 1.00 14.80 ? 113 ILE B CG2 1 
ATOM   868  C CD1 . ILE B 1 13 ? 5.499   -11.267 -8.670  1.00 16.88 ? 113 ILE B CD1 1 
ATOM   869  N N   . LYS B 1 14 ? 6.641   -12.052 -13.295 1.00 16.03 ? 114 LYS B N   1 
ATOM   870  C CA  . LYS B 1 14 ? 7.278   -13.302 -13.644 1.00 16.54 ? 114 LYS B CA  1 
ATOM   871  C C   . LYS B 1 14 ? 8.547   -13.396 -12.812 1.00 16.36 ? 114 LYS B C   1 
ATOM   872  O O   . LYS B 1 14 ? 9.386   -12.497 -12.830 1.00 15.95 ? 114 LYS B O   1 
ATOM   873  C CB  . LYS B 1 14 ? 7.604   -13.331 -15.135 1.00 16.85 ? 114 LYS B CB  1 
ATOM   874  C CG  . LYS B 1 14 ? 8.242   -14.625 -15.609 1.00 18.93 ? 114 LYS B CG  1 
ATOM   875  C CD  . LYS B 1 14 ? 8.453   -14.566 -17.109 1.00 19.61 ? 114 LYS B CD  1 
ATOM   876  C CE  . LYS B 1 14 ? 9.224   -15.759 -17.620 1.00 21.43 ? 114 LYS B CE  1 
ATOM   877  N NZ  . LYS B 1 14 ? 9.402   -15.642 -19.102 1.00 22.34 ? 114 LYS B NZ  1 
ATOM   878  N N   . ILE B 1 15 ? 8.665   -14.474 -12.056 1.00 17.03 ? 115 ILE B N   1 
ATOM   879  C CA  . ILE B 1 15 ? 9.832   -14.672 -11.219 1.00 18.41 ? 115 ILE B CA  1 
ATOM   880  C C   . ILE B 1 15 ? 10.108  -16.166 -11.158 1.00 19.60 ? 115 ILE B C   1 
ATOM   881  O O   . ILE B 1 15 ? 9.195   -16.973 -10.956 1.00 19.50 ? 115 ILE B O   1 
ATOM   882  C CB  . ILE B 1 15 ? 9.599   -14.083 -9.799  1.00 18.64 ? 115 ILE B CB  1 
ATOM   883  C CG1 . ILE B 1 15 ? 10.840  -14.298 -8.929  1.00 19.19 ? 115 ILE B CG1 1 
ATOM   884  C CG2 . ILE B 1 15 ? 8.359   -14.689 -9.173  1.00 18.40 ? 115 ILE B CG2 1 
ATOM   885  C CD1 . ILE B 1 15 ? 10.807  -13.524 -7.622  1.00 20.28 ? 115 ILE B CD1 1 
ATOM   886  N N   . GLY B 1 16 ? 11.368  -16.531 -11.361 1.00 20.80 ? 116 GLY B N   1 
ATOM   887  C CA  . GLY B 1 16 ? 11.734  -17.932 -11.346 1.00 21.99 ? 116 GLY B CA  1 
ATOM   888  C C   . GLY B 1 16 ? 11.017  -18.686 -12.450 1.00 22.93 ? 116 GLY B C   1 
ATOM   889  O O   . GLY B 1 16 ? 10.690  -19.860 -12.293 1.00 24.08 ? 116 GLY B O   1 
ATOM   890  N N   . GLY B 1 17 ? 10.767  -18.007 -13.566 1.00 23.33 ? 117 GLY B N   1 
ATOM   891  C CA  . GLY B 1 17 ? 10.086  -18.632 -14.687 1.00 23.80 ? 117 GLY B CA  1 
ATOM   892  C C   . GLY B 1 17 ? 8.608   -18.913 -14.463 1.00 24.00 ? 117 GLY B C   1 
ATOM   893  O O   . GLY B 1 17 ? 7.976   -19.595 -15.270 1.00 24.25 ? 117 GLY B O   1 
ATOM   894  N N   . GLN B 1 18 ? 8.048   -18.393 -13.376 1.00 23.71 ? 118 GLN B N   1 
ATOM   895  C CA  . GLN B 1 18 ? 6.635   -18.613 -13.075 1.00 23.75 ? 118 GLN B CA  1 
ATOM   896  C C   . GLN B 1 18 ? 5.850   -17.312 -13.050 1.00 22.66 ? 118 GLN B C   1 
ATOM   897  O O   . GLN B 1 18 ? 6.367   -16.274 -12.644 1.00 22.04 ? 118 GLN B O   1 
ATOM   898  C CB  . GLN B 1 18 ? 6.467   -19.284 -11.711 1.00 25.82 ? 118 GLN B CB  1 
ATOM   899  C CG  . GLN B 1 18 ? 7.206   -20.590 -11.533 1.00 29.24 ? 118 GLN B CG  1 
ATOM   900  C CD  . GLN B 1 18 ? 6.975   -21.175 -10.154 1.00 31.12 ? 118 GLN B CD  1 
ATOM   901  O OE1 . GLN B 1 18 ? 7.257   -20.532 -9.138  1.00 32.72 ? 118 GLN B OE1 1 
ATOM   902  N NE2 . GLN B 1 18 ? 6.454   -22.396 -10.108 1.00 32.37 ? 118 GLN B NE2 1 
ATOM   903  N N   . LEU B 1 19 ? 4.593   -17.377 -13.476 1.00 21.16 ? 119 LEU B N   1 
ATOM   904  C CA  . LEU B 1 19 ? 3.737   -16.200 -13.468 1.00 20.05 ? 119 LEU B CA  1 
ATOM   905  C C   . LEU B 1 19 ? 2.966   -16.174 -12.153 1.00 19.61 ? 119 LEU B C   1 
ATOM   906  O O   . LEU B 1 19 ? 2.455   -17.196 -11.697 1.00 19.26 ? 119 LEU B O   1 
ATOM   907  C CB  . LEU B 1 19 ? 2.749   -16.235 -14.632 1.00 20.46 ? 119 LEU B CB  1 
ATOM   908  C CG  . LEU B 1 19 ? 3.349   -16.224 -16.040 1.00 21.34 ? 119 LEU B CG  1 
ATOM   909  C CD1 . LEU B 1 19 ? 2.224   -16.186 -17.062 1.00 22.43 ? 119 LEU B CD1 1 
ATOM   910  C CD2 . LEU B 1 19 ? 4.258   -15.020 -16.206 1.00 21.24 ? 119 LEU B CD2 1 
ATOM   911  N N   . LYS B 1 20 ? 2.892   -15.000 -11.543 1.00 18.85 ? 120 LYS B N   1 
ATOM   912  C CA  . LYS B 1 20 ? 2.177   -14.830 -10.290 1.00 18.29 ? 120 LYS B CA  1 
ATOM   913  C C   . LYS B 1 20 ? 1.478   -13.484 -10.359 1.00 17.92 ? 120 LYS B C   1 
ATOM   914  O O   . LYS B 1 20 ? 1.837   -12.640 -11.175 1.00 17.87 ? 120 LYS B O   1 
ATOM   915  C CB  . LYS B 1 20 ? 3.155   -14.838 -9.110  1.00 19.28 ? 120 LYS B CB  1 
ATOM   916  C CG  . LYS B 1 20 ? 3.905   -16.141 -8.926  1.00 21.07 ? 120 LYS B CG  1 
ATOM   917  C CD  . LYS B 1 20 ? 4.920   -16.030 -7.802  1.00 22.84 ? 120 LYS B CD  1 
ATOM   918  C CE  . LYS B 1 20 ? 5.704   -17.322 -7.644  1.00 24.01 ? 120 LYS B CE  1 
ATOM   919  N NZ  . LYS B 1 20 ? 4.811   -18.453 -7.280  1.00 26.56 ? 120 LYS B NZ  1 
ATOM   920  N N   . GLU B 1 21 ? 0.468   -13.292 -9.519  1.00 17.19 ? 121 GLU B N   1 
ATOM   921  C CA  . GLU B 1 21 ? -0.249  -12.024 -9.486  1.00 17.09 ? 121 GLU B CA  1 
ATOM   922  C C   . GLU B 1 21 ? 0.265   -11.265 -8.278  1.00 15.31 ? 121 GLU B C   1 
ATOM   923  O O   . GLU B 1 21 ? 0.466   -11.853 -7.216  1.00 14.76 ? 121 GLU B O   1 
ATOM   924  C CB  . GLU B 1 21 ? -1.757  -12.242 -9.328  1.00 20.05 ? 121 GLU B CB  1 
ATOM   925  C CG  . GLU B 1 21 ? -2.426  -12.949 -10.494 1.00 25.59 ? 121 GLU B CG  1 
ATOM   926  C CD  . GLU B 1 21 ? -3.936  -13.013 -10.334 1.00 28.18 ? 121 GLU B CD  1 
ATOM   927  O OE1 . GLU B 1 21 ? -4.573  -11.940 -10.253 1.00 30.25 ? 121 GLU B OE1 1 
ATOM   928  O OE2 . GLU B 1 21 ? -4.485  -14.136 -10.278 1.00 31.33 ? 121 GLU B OE2 1 
ATOM   929  N N   . ALA B 1 22 ? 0.483   -9.967  -8.434  1.00 13.71 ? 122 ALA B N   1 
ATOM   930  C CA  . ALA B 1 22 ? 0.968   -9.173  -7.312  1.00 12.50 ? 122 ALA B CA  1 
ATOM   931  C C   . ALA B 1 22 ? 0.319   -7.801  -7.308  1.00 12.36 ? 122 ALA B C   1 
ATOM   932  O O   . ALA B 1 22 ? -0.165  -7.316  -8.331  1.00 12.72 ? 122 ALA B O   1 
ATOM   933  C CB  . ALA B 1 22 ? 2.493   -9.052  -7.365  1.00 12.41 ? 122 ALA B CB  1 
ATOM   934  N N   . LEU B 1 23 ? 0.322   -7.178  -6.140  1.00 11.83 ? 123 LEU B N   1 
ATOM   935  C CA  . LEU B 1 23 ? -0.291  -5.875  -5.954  1.00 13.32 ? 123 LEU B CA  1 
ATOM   936  C C   . LEU B 1 23 ? 0.748   -4.760  -6.032  1.00 13.05 ? 123 LEU B C   1 
ATOM   937  O O   . LEU B 1 23 ? 1.785   -4.839  -5.380  1.00 13.09 ? 123 LEU B O   1 
ATOM   938  C CB  . LEU B 1 23 ? -0.964  -5.865  -4.579  1.00 14.52 ? 123 LEU B CB  1 
ATOM   939  C CG  . LEU B 1 23 ? -1.753  -4.655  -4.090  1.00 16.60 ? 123 LEU B CG  1 
ATOM   940  C CD1 . LEU B 1 23 ? -2.984  -4.454  -4.947  1.00 17.28 ? 123 LEU B CD1 1 
ATOM   941  C CD2 . LEU B 1 23 ? -2.149  -4.891  -2.635  1.00 17.41 ? 123 LEU B CD2 1 
ATOM   942  N N   . LEU B 1 24 ? 0.485   -3.732  -6.838  1.00 13.03 ? 124 LEU B N   1 
ATOM   943  C CA  . LEU B 1 24 ? 1.406   -2.600  -6.923  1.00 13.07 ? 124 LEU B CA  1 
ATOM   944  C C   . LEU B 1 24 ? 1.018   -1.790  -5.692  1.00 13.14 ? 124 LEU B C   1 
ATOM   945  O O   . LEU B 1 24 ? -0.066  -1.217  -5.632  1.00 13.62 ? 124 LEU B O   1 
ATOM   946  C CB  . LEU B 1 24 ? 1.165   -1.801  -8.203  1.00 13.34 ? 124 LEU B CB  1 
ATOM   947  C CG  . LEU B 1 24 ? 1.378   -2.584  -9.500  1.00 14.93 ? 124 LEU B CG  1 
ATOM   948  C CD1 . LEU B 1 24 ? 1.159   -1.652  -10.683 1.00 16.19 ? 124 LEU B CD1 1 
ATOM   949  C CD2 . LEU B 1 24 ? 2.787   -3.180  -9.541  1.00 15.79 ? 124 LEU B CD2 1 
ATOM   950  N N   . ASP B 1 25 ? 1.919   -1.741  -4.718  1.00 12.54 ? 125 ASP B N   1 
ATOM   951  C CA  . ASP B 1 25 ? 1.627   -1.100  -3.444  1.00 11.93 ? 125 ASP B CA  1 
ATOM   952  C C   . ASP B 1 25 ? 2.560   0.043   -3.054  1.00 11.91 ? 125 ASP B C   1 
ATOM   953  O O   . ASP B 1 25 ? 3.688   -0.191  -2.620  1.00 10.84 ? 125 ASP B O   1 
ATOM   954  C CB  . ASP B 1 25 ? 1.663   -2.189  -2.375  1.00 13.42 ? 125 ASP B CB  1 
ATOM   955  C CG  . ASP B 1 25 ? 1.143   -1.721  -1.043  1.00 14.62 ? 125 ASP B CG  1 
ATOM   956  O OD1 . ASP B 1 25 ? 0.868   -0.515  -0.889  1.00 15.14 ? 125 ASP B OD1 1 
ATOM   957  O OD2 . ASP B 1 25 ? 1.014   -2.578  -0.153  1.00 16.67 ? 125 ASP B OD2 1 
ATOM   958  N N   . THR B 1 26 ? 2.076   1.275   -3.196  1.00 11.10 ? 126 THR B N   1 
ATOM   959  C CA  . THR B 1 26 ? 2.871   2.446   -2.854  1.00 11.16 ? 126 THR B CA  1 
ATOM   960  C C   . THR B 1 26 ? 3.080   2.579   -1.340  1.00 11.38 ? 126 THR B C   1 
ATOM   961  O O   . THR B 1 26 ? 3.970   3.303   -0.893  1.00 11.64 ? 126 THR B O   1 
ATOM   962  C CB  . THR B 1 26 ? 2.211   3.732   -3.387  1.00 11.55 ? 126 THR B CB  1 
ATOM   963  O OG1 . THR B 1 26 ? 0.891   3.858   -2.845  1.00 11.27 ? 126 THR B OG1 1 
ATOM   964  C CG2 . THR B 1 26 ? 2.119   3.687   -4.905  1.00 11.83 ? 126 THR B CG2 1 
ATOM   965  N N   . GLY B 1 27 ? 2.265   1.877   -0.558  1.00 10.97 ? 127 GLY B N   1 
ATOM   966  C CA  . GLY B 1 27 ? 2.396   1.941   0.892   1.00 11.38 ? 127 GLY B CA  1 
ATOM   967  C C   . GLY B 1 27 ? 3.414   0.957   1.451   1.00 11.59 ? 127 GLY B C   1 
ATOM   968  O O   . GLY B 1 27 ? 3.686   0.938   2.656   1.00 11.80 ? 127 GLY B O   1 
ATOM   969  N N   . ALA B 1 28 ? 3.985   0.137   0.574   1.00 11.64 ? 128 ALA B N   1 
ATOM   970  C CA  . ALA B 1 28 ? 4.976   -0.853  0.981   1.00 11.53 ? 128 ALA B CA  1 
ATOM   971  C C   . ALA B 1 28 ? 6.375   -0.386  0.599   1.00 11.77 ? 128 ALA B C   1 
ATOM   972  O O   . ALA B 1 28 ? 6.644   -0.085  -0.565  1.00 11.30 ? 128 ALA B O   1 
ATOM   973  C CB  . ALA B 1 28 ? 4.675   -2.200  0.316   1.00 12.52 ? 128 ALA B CB  1 
ATOM   974  N N   . ASP B 1 29 ? 7.270   -0.314  1.579   1.00 12.12 ? 129 ASP B N   1 
ATOM   975  C CA  . ASP B 1 29 ? 8.630   0.129   1.298   1.00 13.36 ? 129 ASP B CA  1 
ATOM   976  C C   . ASP B 1 29 ? 9.377   -0.908  0.485   1.00 13.31 ? 129 ASP B C   1 
ATOM   977  O O   . ASP B 1 29 ? 10.189  -0.573  -0.379  1.00 12.99 ? 129 ASP B O   1 
ATOM   978  C CB  . ASP B 1 29 ? 9.421   0.352   2.586   1.00 14.72 ? 129 ASP B CB  1 
ATOM   979  C CG  . ASP B 1 29 ? 8.798   1.384   3.492   1.00 16.98 ? 129 ASP B CG  1 
ATOM   980  O OD1 . ASP B 1 29 ? 8.301   2.409   2.990   1.00 17.11 ? 129 ASP B OD1 1 
ATOM   981  O OD2 . ASP B 1 29 ? 8.827   1.172   4.721   1.00 20.08 ? 129 ASP B OD2 1 
ATOM   982  N N   . ASP B 1 30 ? 9.105   -2.171  0.794   1.00 12.95 ? 130 ASP B N   1 
ATOM   983  C CA  . ASP B 1 30 ? 9.771   -3.287  0.146   1.00 13.89 ? 130 ASP B CA  1 
ATOM   984  C C   . ASP B 1 30 ? 8.797   -4.202  -0.580  1.00 13.44 ? 130 ASP B C   1 
ATOM   985  O O   . ASP B 1 30 ? 7.579   -4.062  -0.470  1.00 13.52 ? 130 ASP B O   1 
ATOM   986  C CB  . ASP B 1 30 ? 10.536  -4.109  1.192   1.00 15.47 ? 130 ASP B CB  1 
ATOM   987  C CG  . ASP B 1 30 ? 11.423  -3.250  2.086   1.00 18.20 ? 130 ASP B CG  1 
ATOM   988  O OD1 . ASP B 1 30 ? 12.295  -2.541  1.553   1.00 19.20 ? 130 ASP B OD1 1 
ATOM   989  O OD2 . ASP B 1 30 ? 11.248  -3.287  3.326   1.00 20.32 ? 130 ASP B OD2 1 
ATOM   990  N N   . THR B 1 31 ? 9.363   -5.157  -1.307  1.00 13.17 ? 131 THR B N   1 
ATOM   991  C CA  . THR B 1 31 ? 8.599   -6.127  -2.067  1.00 12.10 ? 131 THR B CA  1 
ATOM   992  C C   . THR B 1 31 ? 8.600   -7.440  -1.293  1.00 12.69 ? 131 THR B C   1 
ATOM   993  O O   . THR B 1 31 ? 9.653   -7.946  -0.911  1.00 13.02 ? 131 THR B O   1 
ATOM   994  C CB  . THR B 1 31 ? 9.244   -6.325  -3.450  1.00 11.73 ? 131 THR B CB  1 
ATOM   995  O OG1 . THR B 1 31 ? 9.127   -5.105  -4.192  1.00 11.83 ? 131 THR B OG1 1 
ATOM   996  C CG2 . THR B 1 31 ? 8.571   -7.459  -4.218  1.00 11.84 ? 131 THR B CG2 1 
ATOM   997  N N   . VAL B 1 32 ? 7.416   -7.985  -1.046  1.00 12.46 ? 132 VAL B N   1 
ATOM   998  C CA  . VAL B 1 32 ? 7.328   -9.230  -0.303  1.00 13.05 ? 132 VAL B CA  1 
ATOM   999  C C   . VAL B 1 32 ? 6.417   -10.205 -1.019  1.00 12.78 ? 132 VAL B C   1 
ATOM   1000 O O   . VAL B 1 32 ? 5.293   -9.872  -1.397  1.00 12.68 ? 132 VAL B O   1 
ATOM   1001 C CB  . VAL B 1 32 ? 6.829   -8.982  1.145   1.00 13.67 ? 132 VAL B CB  1 
ATOM   1002 C CG1 . VAL B 1 32 ? 5.433   -8.426  1.127   1.00 15.62 ? 132 VAL B CG1 1 
ATOM   1003 C CG2 . VAL B 1 32 ? 6.893   -10.277 1.952   1.00 14.09 ? 132 VAL B CG2 1 
ATOM   1004 N N   . LEU B 1 33 ? 6.915   -11.417 -1.212  1.00 12.96 ? 133 LEU B N   1 
ATOM   1005 C CA  . LEU B 1 33 ? 6.157   -12.434 -1.913  1.00 13.71 ? 133 LEU B CA  1 
ATOM   1006 C C   . LEU B 1 33 ? 5.841   -13.613 -1.018  1.00 14.56 ? 133 LEU B C   1 
ATOM   1007 O O   . LEU B 1 33 ? 6.542   -13.874 -0.042  1.00 13.93 ? 133 LEU B O   1 
ATOM   1008 C CB  . LEU B 1 33 ? 6.949   -12.925 -3.125  1.00 14.01 ? 133 LEU B CB  1 
ATOM   1009 C CG  . LEU B 1 33 ? 7.384   -11.866 -4.140  1.00 13.99 ? 133 LEU B CG  1 
ATOM   1010 C CD1 . LEU B 1 33 ? 8.195   -12.533 -5.245  1.00 14.59 ? 133 LEU B CD1 1 
ATOM   1011 C CD2 . LEU B 1 33 ? 6.169   -11.174 -4.722  1.00 13.77 ? 133 LEU B CD2 1 
ATOM   1012 N N   . GLU B 1 34 ? 4.775   -14.320 -1.366  1.00 15.78 ? 134 GLU B N   1 
ATOM   1013 C CA  . GLU B 1 34 ? 4.352   -15.498 -0.626  1.00 17.88 ? 134 GLU B CA  1 
ATOM   1014 C C   . GLU B 1 34 ? 5.439   -16.567 -0.707  1.00 18.89 ? 134 GLU B C   1 
ATOM   1015 O O   . GLU B 1 34 ? 6.269   -16.556 -1.621  1.00 18.66 ? 134 GLU B O   1 
ATOM   1016 C CB  . GLU B 1 34 ? 3.047   -16.031 -1.225  1.00 18.88 ? 134 GLU B CB  1 
ATOM   1017 C CG  . GLU B 1 34 ? 1.860   -15.104 -1.023  1.00 22.14 ? 134 GLU B CG  1 
ATOM   1018 C CD  . GLU B 1 34 ? 0.708   -15.399 -1.966  1.00 23.98 ? 134 GLU B CD  1 
ATOM   1019 O OE1 . GLU B 1 34 ? 0.534   -16.573 -2.345  1.00 25.68 ? 134 GLU B OE1 1 
ATOM   1020 O OE2 . GLU B 1 34 ? -0.032  -14.457 -2.320  1.00 25.53 ? 134 GLU B OE2 1 
ATOM   1021 N N   . GLU B 1 35 ? 5.429   -17.487 0.252   1.00 20.84 ? 135 GLU B N   1 
ATOM   1022 C CA  . GLU B 1 35 ? 6.402   -18.570 0.296   1.00 22.67 ? 135 GLU B CA  1 
ATOM   1023 C C   . GLU B 1 35 ? 6.723   -19.140 -1.075  1.00 23.38 ? 135 GLU B C   1 
ATOM   1024 O O   . GLU B 1 35 ? 5.828   -19.476 -1.854  1.00 23.19 ? 135 GLU B O   1 
ATOM   1025 C CB  . GLU B 1 35 ? 5.901   -19.707 1.189   1.00 24.49 ? 135 GLU B CB  1 
ATOM   1026 C CG  . GLU B 1 35 ? 6.221   -19.547 2.659   1.00 27.20 ? 135 GLU B CG  1 
ATOM   1027 C CD  . GLU B 1 35 ? 7.706   -19.364 2.914   1.00 28.36 ? 135 GLU B CD  1 
ATOM   1028 O OE1 . GLU B 1 35 ? 8.518   -20.026 2.233   1.00 28.74 ? 135 GLU B OE1 1 
ATOM   1029 O OE2 . GLU B 1 35 ? 8.056   -18.562 3.805   1.00 30.38 ? 135 GLU B OE2 1 
ATOM   1030 N N   . MET B 1 36 ? 8.013   -19.244 -1.361  1.00 24.02 ? 136 MET B N   1 
ATOM   1031 C CA  . MET B 1 36 ? 8.479   -19.785 -2.625  1.00 25.30 ? 136 MET B CA  1 
ATOM   1032 C C   . MET B 1 36 ? 9.975   -20.002 -2.504  1.00 26.09 ? 136 MET B C   1 
ATOM   1033 O O   . MET B 1 36 ? 10.614  -19.482 -1.591  1.00 26.26 ? 136 MET B O   1 
ATOM   1034 C CB  . MET B 1 36 ? 8.193   -18.819 -3.777  1.00 25.57 ? 136 MET B CB  1 
ATOM   1035 C CG  . MET B 1 36 ? 9.058   -17.569 -3.783  1.00 25.49 ? 136 MET B CG  1 
ATOM   1036 S SD  . MET B 1 36 ? 8.741   -16.570 -5.248  1.00 26.52 ? 136 MET B SD  1 
ATOM   1037 C CE  . MET B 1 36 ? 9.441   -17.598 -6.527  1.00 26.81 ? 136 MET B CE  1 
ATOM   1038 N N   . SER B 1 37 ? 10.531  -20.771 -3.427  1.00 27.02 ? 137 SER B N   1 
ATOM   1039 C CA  . SER B 1 37 ? 11.953  -21.044 -3.404  1.00 28.03 ? 137 SER B CA  1 
ATOM   1040 C C   . SER B 1 37 ? 12.694  -20.067 -4.306  1.00 27.88 ? 137 SER B C   1 
ATOM   1041 O O   . SER B 1 37 ? 12.289  -19.824 -5.443  1.00 28.11 ? 137 SER B O   1 
ATOM   1042 C CB  . SER B 1 37 ? 12.217  -22.478 -3.861  1.00 28.91 ? 137 SER B CB  1 
ATOM   1043 O OG  . SER B 1 37 ? 13.563  -22.837 -3.606  1.00 31.57 ? 137 SER B OG  1 
ATOM   1044 N N   . LEU B 1 38 ? 13.771  -19.493 -3.783  1.00 27.46 ? 138 LEU B N   1 
ATOM   1045 C CA  . LEU B 1 38 ? 14.593  -18.558 -4.538  1.00 27.31 ? 138 LEU B CA  1 
ATOM   1046 C C   . LEU B 1 38 ? 16.051  -18.966 -4.379  1.00 27.29 ? 138 LEU B C   1 
ATOM   1047 O O   . LEU B 1 38 ? 16.431  -19.555 -3.370  1.00 27.21 ? 138 LEU B O   1 
ATOM   1048 C CB  . LEU B 1 38 ? 14.387  -17.126 -4.036  1.00 27.16 ? 138 LEU B CB  1 
ATOM   1049 C CG  . LEU B 1 38 ? 13.024  -16.484 -4.321  1.00 27.05 ? 138 LEU B CG  1 
ATOM   1050 C CD1 . LEU B 1 38 ? 12.975  -15.098 -3.707  1.00 27.08 ? 138 LEU B CD1 1 
ATOM   1051 C CD2 . LEU B 1 38 ? 12.797  -16.404 -5.826  1.00 27.37 ? 138 LEU B CD2 1 
ATOM   1052 N N   . PRO B 1 39 ? 16.887  -18.671 -5.386  1.00 27.36 ? 139 PRO B N   1 
ATOM   1053 C CA  . PRO B 1 39 ? 18.313  -19.016 -5.354  1.00 26.74 ? 139 PRO B CA  1 
ATOM   1054 C C   . PRO B 1 39 ? 19.166  -18.171 -4.410  1.00 25.91 ? 139 PRO B C   1 
ATOM   1055 O O   . PRO B 1 39 ? 18.834  -17.022 -4.106  1.00 26.14 ? 139 PRO B O   1 
ATOM   1056 C CB  . PRO B 1 39 ? 18.745  -18.834 -6.810  1.00 27.23 ? 139 PRO B CB  1 
ATOM   1057 C CG  . PRO B 1 39 ? 17.477  -19.052 -7.583  1.00 28.24 ? 139 PRO B CG  1 
ATOM   1058 C CD  . PRO B 1 39 ? 16.478  -18.295 -6.750  1.00 27.52 ? 139 PRO B CD  1 
ATOM   1059 N N   . GLY B 1 40 ? 20.266  -18.757 -3.948  1.00 24.67 ? 140 GLY B N   1 
ATOM   1060 C CA  . GLY B 1 40 ? 21.187  -18.043 -3.082  1.00 22.97 ? 140 GLY B CA  1 
ATOM   1061 C C   . GLY B 1 40 ? 20.927  -18.072 -1.590  1.00 21.85 ? 140 GLY B C   1 
ATOM   1062 O O   . GLY B 1 40 ? 20.072  -18.807 -1.090  1.00 21.69 ? 140 GLY B O   1 
ATOM   1063 N N   . ARG B 1 41 ? 21.702  -17.270 -0.871  1.00 20.52 ? 141 ARG B N   1 
ATOM   1064 C CA  . ARG B 1 41 ? 21.559  -17.177 0.571   1.00 19.48 ? 141 ARG B CA  1 
ATOM   1065 C C   . ARG B 1 41 ? 20.593  -16.046 0.878   1.00 18.90 ? 141 ARG B C   1 
ATOM   1066 O O   . ARG B 1 41 ? 20.375  -15.157 0.053   1.00 18.91 ? 141 ARG B O   1 
ATOM   1067 C CB  . ARG B 1 41 ? 22.908  -16.879 1.230   1.00 20.03 ? 141 ARG B CB  1 
ATOM   1068 C CG  . ARG B 1 41 ? 23.909  -18.031 1.185   1.00 20.64 ? 141 ARG B CG  1 
ATOM   1069 C CD  . ARG B 1 41 ? 25.248  -17.608 1.777   1.00 20.85 ? 141 ARG B CD  1 
ATOM   1070 N NE  . ARG B 1 41 ? 25.135  -17.177 3.171   1.00 20.16 ? 141 ARG B NE  1 
ATOM   1071 C CZ  . ARG B 1 41 ? 25.009  -18.001 4.210   1.00 19.29 ? 141 ARG B CZ  1 
ATOM   1072 N NH1 . ARG B 1 41 ? 24.980  -19.315 4.030   1.00 17.91 ? 141 ARG B NH1 1 
ATOM   1073 N NH2 . ARG B 1 41 ? 24.916  -17.508 5.437   1.00 18.45 ? 141 ARG B NH2 1 
ATOM   1074 N N   . TRP B 1 42 ? 20.001  -16.088 2.062   1.00 17.44 ? 142 TRP B N   1 
ATOM   1075 C CA  . TRP B 1 42 ? 19.085  -15.045 2.470   1.00 16.93 ? 142 TRP B CA  1 
ATOM   1076 C C   . TRP B 1 42 ? 19.523  -14.488 3.813   1.00 17.12 ? 142 TRP B C   1 
ATOM   1077 O O   . TRP B 1 42 ? 20.304  -15.116 4.535   1.00 16.62 ? 142 TRP B O   1 
ATOM   1078 C CB  . TRP B 1 42 ? 17.649  -15.581 2.548   1.00 15.96 ? 142 TRP B CB  1 
ATOM   1079 C CG  . TRP B 1 42 ? 17.460  -16.753 3.462   1.00 15.52 ? 142 TRP B CG  1 
ATOM   1080 C CD1 . TRP B 1 42 ? 17.657  -18.075 3.164   1.00 15.05 ? 142 TRP B CD1 1 
ATOM   1081 C CD2 . TRP B 1 42 ? 17.021  -16.709 4.819   1.00 14.90 ? 142 TRP B CD2 1 
ATOM   1082 N NE1 . TRP B 1 42 ? 17.361  -18.854 4.258   1.00 14.95 ? 142 TRP B NE1 1 
ATOM   1083 C CE2 . TRP B 1 42 ? 16.970  -18.040 5.287   1.00 14.80 ? 142 TRP B CE2 1 
ATOM   1084 C CE3 . TRP B 1 42 ? 16.662  -15.672 5.688   1.00 14.56 ? 142 TRP B CE3 1 
ATOM   1085 C CZ2 . TRP B 1 42 ? 16.573  -18.359 6.585   1.00 14.74 ? 142 TRP B CZ2 1 
ATOM   1086 C CZ3 . TRP B 1 42 ? 16.267  -15.990 6.979   1.00 14.84 ? 142 TRP B CZ3 1 
ATOM   1087 C CH2 . TRP B 1 42 ? 16.226  -17.325 7.414   1.00 14.90 ? 142 TRP B CH2 1 
ATOM   1088 N N   . LYS B 1 43 ? 19.046  -13.289 4.123   1.00 17.36 ? 143 LYS B N   1 
ATOM   1089 C CA  . LYS B 1 43 ? 19.359  -12.629 5.378   1.00 18.69 ? 143 LYS B CA  1 
ATOM   1090 C C   . LYS B 1 43 ? 18.020  -12.392 6.053   1.00 18.06 ? 143 LYS B C   1 
ATOM   1091 O O   . LYS B 1 43 ? 16.992  -12.293 5.387   1.00 17.87 ? 143 LYS B O   1 
ATOM   1092 C CB  . LYS B 1 43 ? 20.068  -11.297 5.125   1.00 20.39 ? 143 LYS B CB  1 
ATOM   1093 C CG  . LYS B 1 43 ? 21.298  -11.421 4.231   1.00 24.13 ? 143 LYS B CG  1 
ATOM   1094 C CD  . LYS B 1 43 ? 21.922  -10.066 3.929   1.00 25.73 ? 143 LYS B CD  1 
ATOM   1095 C CE  . LYS B 1 43 ? 22.690  -9.529  5.124   1.00 27.91 ? 143 LYS B CE  1 
ATOM   1096 N NZ  . LYS B 1 43 ? 23.838  -10.421 5.481   1.00 29.18 ? 143 LYS B NZ  1 
ATOM   1097 N N   . PRO B 1 44 ? 18.011  -12.292 7.384   1.00 18.13 ? 144 PRO B N   1 
ATOM   1098 C CA  . PRO B 1 44 ? 16.748  -12.070 8.083   1.00 18.15 ? 144 PRO B CA  1 
ATOM   1099 C C   . PRO B 1 44 ? 16.318  -10.612 8.081   1.00 18.52 ? 144 PRO B C   1 
ATOM   1100 O O   . PRO B 1 44 ? 17.147  -9.702  8.029   1.00 18.39 ? 144 PRO B O   1 
ATOM   1101 C CB  . PRO B 1 44 ? 17.053  -12.573 9.483   1.00 18.47 ? 144 PRO B CB  1 
ATOM   1102 C CG  . PRO B 1 44 ? 18.462  -12.087 9.673   1.00 17.70 ? 144 PRO B CG  1 
ATOM   1103 C CD  . PRO B 1 44 ? 19.123  -12.441 8.343   1.00 18.44 ? 144 PRO B CD  1 
ATOM   1104 N N   . LYS B 1 45 ? 15.010  -10.400 8.125   1.00 18.76 ? 145 LYS B N   1 
ATOM   1105 C CA  . LYS B 1 45 ? 14.464  -9.059  8.166   1.00 19.25 ? 145 LYS B CA  1 
ATOM   1106 C C   . LYS B 1 45 ? 13.094  -9.125  8.815   1.00 19.31 ? 145 LYS B C   1 
ATOM   1107 O O   . LYS B 1 45 ? 12.395  -10.131 8.715   1.00 18.63 ? 145 LYS B O   1 
ATOM   1108 C CB  . LYS B 1 45 ? 14.354  -8.461  6.758   1.00 20.14 ? 145 LYS B CB  1 
ATOM   1109 C CG  . LYS B 1 45 ? 13.950  -6.987  6.755   1.00 21.37 ? 145 LYS B CG  1 
ATOM   1110 C CD  . LYS B 1 45 ? 13.987  -6.395  5.356   1.00 23.12 ? 145 LYS B CD  1 
ATOM   1111 C CE  . LYS B 1 45 ? 13.541  -4.939  5.349   1.00 24.64 ? 145 LYS B CE  1 
ATOM   1112 N NZ  . LYS B 1 45 ? 14.453  -4.066  6.133   1.00 26.11 ? 145 LYS B NZ  1 
ATOM   1113 N N   . MET B 1 46 ? 12.740  -8.053  9.507   1.00 19.72 ? 146 MET B N   1 
ATOM   1114 C CA  . MET B 1 46 ? 11.453  -7.950  10.172  1.00 20.92 ? 146 MET B CA  1 
ATOM   1115 C C   . MET B 1 46 ? 10.764  -6.763  9.538   1.00 19.91 ? 146 MET B C   1 
ATOM   1116 O O   . MET B 1 46 ? 11.357  -5.694  9.436   1.00 19.91 ? 146 MET B O   1 
ATOM   1117 C CB  . MET B 1 46 ? 11.640  -7.674  11.664  1.00 24.14 ? 146 MET B CB  1 
ATOM   1118 C CG  . MET B 1 46 ? 12.243  -8.817  12.445  1.00 28.37 ? 146 MET B CG  1 
ATOM   1119 S SD  . MET B 1 46 ? 11.098  -10.184 12.577  1.00 34.19 ? 146 MET B SD  1 
ATOM   1120 C CE  . MET B 1 46 ? 9.975   -9.547  13.836  1.00 32.26 ? 146 MET B CE  1 
ATOM   1121 N N   . ILE B 1 47 ? 9.530   -6.952  9.086   1.00 19.46 ? 147 ILE B N   1 
ATOM   1122 C CA  . ILE B 1 47 ? 8.789   -5.853  8.489   1.00 19.12 ? 147 ILE B CA  1 
ATOM   1123 C C   . ILE B 1 47 ? 7.496   -5.657  9.263   1.00 18.81 ? 147 ILE B C   1 
ATOM   1124 O O   . ILE B 1 47 ? 6.868   -6.622  9.698   1.00 19.22 ? 147 ILE B O   1 
ATOM   1125 C CB  . ILE B 1 47 ? 8.479   -6.106  6.990   1.00 19.37 ? 147 ILE B CB  1 
ATOM   1126 C CG1 . ILE B 1 47 ? 7.691   -7.404  6.808   1.00 20.16 ? 147 ILE B CG1 1 
ATOM   1127 C CG2 . ILE B 1 47 ? 9.783   -6.158  6.206   1.00 19.54 ? 147 ILE B CG2 1 
ATOM   1128 C CD1 . ILE B 1 47 ? 7.250   -7.665  5.363   1.00 19.92 ? 147 ILE B CD1 1 
ATOM   1129 N N   . GLY B 1 48 ? 7.114   -4.400  9.449   1.00 18.69 ? 148 GLY B N   1 
ATOM   1130 C CA  . GLY B 1 48 ? 5.899   -4.110  10.181  1.00 18.16 ? 148 GLY B CA  1 
ATOM   1131 C C   . GLY B 1 48 ? 4.795   -3.598  9.284   1.00 18.22 ? 148 GLY B C   1 
ATOM   1132 O O   . GLY B 1 48 ? 5.026   -2.759  8.420   1.00 17.69 ? 148 GLY B O   1 
ATOM   1133 N N   . GLY B 1 49 ? 3.593   -4.124  9.489   1.00 18.17 ? 149 GLY B N   1 
ATOM   1134 C CA  . GLY B 1 49 ? 2.445   -3.708  8.709   1.00 18.60 ? 149 GLY B CA  1 
ATOM   1135 C C   . GLY B 1 49 ? 1.383   -3.202  9.662   1.00 18.87 ? 149 GLY B C   1 
ATOM   1136 O O   . GLY B 1 49 ? 1.680   -2.906  10.821  1.00 18.75 ? 149 GLY B O   1 
ATOM   1137 N N   . ILE B 1 50 ? 0.142   -3.114  9.199   1.00 19.63 ? 150 ILE B N   1 
ATOM   1138 C CA  . ILE B 1 50 ? -0.934  -2.626  10.053  1.00 21.01 ? 150 ILE B CA  1 
ATOM   1139 C C   . ILE B 1 50 ? -1.275  -3.558  11.211  1.00 21.60 ? 150 ILE B C   1 
ATOM   1140 O O   . ILE B 1 50 ? -1.751  -3.100  12.250  1.00 22.80 ? 150 ILE B O   1 
ATOM   1141 C CB  . ILE B 1 50 ? -2.238  -2.384  9.261   1.00 21.44 ? 150 ILE B CB  1 
ATOM   1142 C CG1 . ILE B 1 50 ? -2.730  -3.698  8.660   1.00 22.16 ? 150 ILE B CG1 1 
ATOM   1143 C CG2 . ILE B 1 50 ? -2.013  -1.336  8.189   1.00 21.73 ? 150 ILE B CG2 1 
ATOM   1144 C CD1 . ILE B 1 50 ? -4.118  -3.607  8.063   1.00 23.78 ? 150 ILE B CD1 1 
ATOM   1145 N N   . GLY B 1 51 ? -1.043  -4.856  11.039  1.00 21.37 ? 151 GLY B N   1 
ATOM   1146 C CA  . GLY B 1 51 ? -1.384  -5.797  12.097  1.00 21.70 ? 151 GLY B CA  1 
ATOM   1147 C C   . GLY B 1 51 ? -0.265  -6.218  13.030  1.00 21.88 ? 151 GLY B C   1 
ATOM   1148 O O   . GLY B 1 51 ? -0.503  -6.922  14.013  1.00 22.24 ? 151 GLY B O   1 
ATOM   1149 N N   . GLY B 1 52 ? 0.952   -5.784  12.736  1.00 21.55 ? 152 GLY B N   1 
ATOM   1150 C CA  . GLY B 1 52 ? 2.086   -6.153  13.561  1.00 21.87 ? 152 GLY B CA  1 
ATOM   1151 C C   . GLY B 1 52 ? 3.278   -6.460  12.681  1.00 21.62 ? 152 GLY B C   1 
ATOM   1152 O O   . GLY B 1 52 ? 3.341   -5.991  11.550  1.00 20.68 ? 152 GLY B O   1 
ATOM   1153 N N   . PHE B 1 53 ? 4.216   -7.255  13.187  1.00 21.93 ? 153 PHE B N   1 
ATOM   1154 C CA  . PHE B 1 53 ? 5.412   -7.595  12.419  1.00 22.10 ? 153 PHE B CA  1 
ATOM   1155 C C   . PHE B 1 53 ? 5.479   -9.062  12.016  1.00 21.65 ? 153 PHE B C   1 
ATOM   1156 O O   . PHE B 1 53 ? 4.890   -9.930  12.663  1.00 21.54 ? 153 PHE B O   1 
ATOM   1157 C CB  . PHE B 1 53 ? 6.682   -7.265  13.222  1.00 24.02 ? 153 PHE B CB  1 
ATOM   1158 C CG  . PHE B 1 53 ? 6.881   -5.800  13.483  1.00 25.67 ? 153 PHE B CG  1 
ATOM   1159 C CD1 . PHE B 1 53 ? 6.030   -5.106  14.335  1.00 27.13 ? 153 PHE B CD1 1 
ATOM   1160 C CD2 . PHE B 1 53 ? 7.927   -5.112  12.878  1.00 26.81 ? 153 PHE B CD2 1 
ATOM   1161 C CE1 . PHE B 1 53 ? 6.217   -3.747  14.584  1.00 27.81 ? 153 PHE B CE1 1 
ATOM   1162 C CE2 . PHE B 1 53 ? 8.126   -3.751  13.119  1.00 27.74 ? 153 PHE B CE2 1 
ATOM   1163 C CZ  . PHE B 1 53 ? 7.270   -3.069  13.973  1.00 28.00 ? 153 PHE B CZ  1 
ATOM   1164 N N   . ILE B 1 54 ? 6.195   -9.331  10.932  1.00 20.34 ? 154 ILE B N   1 
ATOM   1165 C CA  . ILE B 1 54 ? 6.384   -10.698 10.477  1.00 20.15 ? 154 ILE B CA  1 
ATOM   1166 C C   . ILE B 1 54 ? 7.844   -10.834 10.079  1.00 19.60 ? 154 ILE B C   1 
ATOM   1167 O O   . ILE B 1 54 ? 8.479   -9.864  9.666   1.00 19.33 ? 154 ILE B O   1 
ATOM   1168 C CB  . ILE B 1 54 ? 5.490   -11.070 9.258   1.00 20.64 ? 154 ILE B CB  1 
ATOM   1169 C CG1 . ILE B 1 54 ? 5.838   -10.199 8.049   1.00 20.98 ? 154 ILE B CG1 1 
ATOM   1170 C CG2 . ILE B 1 54 ? 4.017   -10.932 9.632   1.00 21.19 ? 154 ILE B CG2 1 
ATOM   1171 C CD1 . ILE B 1 54 ? 5.102   -10.606 6.781   1.00 20.53 ? 154 ILE B CD1 1 
ATOM   1172 N N   . LYS B 1 55 ? 8.385   -12.033 10.233  1.00 19.29 ? 155 LYS B N   1 
ATOM   1173 C CA  . LYS B 1 55 ? 9.766   -12.279 9.863   1.00 19.12 ? 155 LYS B CA  1 
ATOM   1174 C C   . LYS B 1 55 ? 9.776   -12.790 8.431   1.00 18.24 ? 155 LYS B C   1 
ATOM   1175 O O   . LYS B 1 55 ? 8.973   -13.647 8.057   1.00 17.79 ? 155 LYS B O   1 
ATOM   1176 C CB  . LYS B 1 55 ? 10.396  -13.299 10.819  1.00 20.80 ? 155 LYS B CB  1 
ATOM   1177 C CG  . LYS B 1 55 ? 9.430   -14.353 11.321  1.00 24.13 ? 155 LYS B CG  1 
ATOM   1178 C CD  . LYS B 1 55 ? 10.052  -15.201 12.426  1.00 26.22 ? 155 LYS B CD  1 
ATOM   1179 C CE  . LYS B 1 55 ? 9.036   -16.183 13.007  1.00 27.69 ? 155 LYS B CE  1 
ATOM   1180 N NZ  . LYS B 1 55 ? 9.630   -17.032 14.080  1.00 28.71 ? 155 LYS B NZ  1 
ATOM   1181 N N   . VAL B 1 56 ? 10.665  -12.234 7.621   1.00 16.53 ? 156 VAL B N   1 
ATOM   1182 C CA  . VAL B 1 56 ? 10.766  -12.640 6.233   1.00 16.11 ? 156 VAL B CA  1 
ATOM   1183 C C   . VAL B 1 56 ? 12.207  -12.955 5.886   1.00 15.69 ? 156 VAL B C   1 
ATOM   1184 O O   . VAL B 1 56 ? 13.125  -12.618 6.636   1.00 15.85 ? 156 VAL B O   1 
ATOM   1185 C CB  . VAL B 1 56 ? 10.259  -11.532 5.279   1.00 15.39 ? 156 VAL B CB  1 
ATOM   1186 C CG1 . VAL B 1 56 ? 8.771   -11.300 5.494   1.00 15.44 ? 156 VAL B CG1 1 
ATOM   1187 C CG2 . VAL B 1 56 ? 11.040  -10.249 5.515   1.00 15.18 ? 156 VAL B CG2 1 
ATOM   1188 N N   . ARG B 1 57 ? 12.388  -13.614 4.747   1.00 14.92 ? 157 ARG B N   1 
ATOM   1189 C CA  . ARG B 1 57 ? 13.708  -13.974 4.257   1.00 15.00 ? 157 ARG B CA  1 
ATOM   1190 C C   . ARG B 1 57 ? 14.043  -12.974 3.160   1.00 14.91 ? 157 ARG B C   1 
ATOM   1191 O O   . ARG B 1 57 ? 13.239  -12.752 2.262   1.00 13.73 ? 157 ARG B O   1 
ATOM   1192 C CB  . ARG B 1 57 ? 13.687  -15.394 3.691   1.00 15.57 ? 157 ARG B CB  1 
ATOM   1193 C CG  . ARG B 1 57 ? 13.135  -16.430 4.666   1.00 17.27 ? 157 ARG B CG  1 
ATOM   1194 C CD  . ARG B 1 57 ? 13.595  -17.838 4.305   1.00 18.60 ? 157 ARG B CD  1 
ATOM   1195 N NE  . ARG B 1 57 ? 13.288  -18.210 2.926   1.00 20.81 ? 157 ARG B NE  1 
ATOM   1196 C CZ  . ARG B 1 57 ? 12.088  -18.585 2.493   1.00 21.52 ? 157 ARG B CZ  1 
ATOM   1197 N NH1 . ARG B 1 57 ? 11.063  -18.641 3.332   1.00 22.72 ? 157 ARG B NH1 1 
ATOM   1198 N NH2 . ARG B 1 57 ? 11.911  -18.905 1.217   1.00 22.06 ? 157 ARG B NH2 1 
ATOM   1199 N N   . GLN B 1 58 ? 15.222  -12.365 3.241   1.00 14.82 ? 158 GLN B N   1 
ATOM   1200 C CA  . GLN B 1 58 ? 15.628  -11.379 2.244   1.00 15.69 ? 158 GLN B CA  1 
ATOM   1201 C C   . GLN B 1 58 ? 16.616  -11.906 1.218   1.00 15.99 ? 158 GLN B C   1 
ATOM   1202 O O   . GLN B 1 58 ? 17.709  -12.356 1.570   1.00 16.16 ? 158 GLN B O   1 
ATOM   1203 C CB  . GLN B 1 58 ? 16.250  -10.161 2.931   1.00 16.12 ? 158 GLN B CB  1 
ATOM   1204 C CG  . GLN B 1 58 ? 16.696  -9.072  1.957   1.00 18.42 ? 158 GLN B CG  1 
ATOM   1205 C CD  . GLN B 1 58 ? 17.378  -7.918  2.658   1.00 20.17 ? 158 GLN B CD  1 
ATOM   1206 O OE1 . GLN B 1 58 ? 16.883  -7.417  3.665   1.00 21.57 ? 158 GLN B OE1 1 
ATOM   1207 N NE2 . GLN B 1 58 ? 18.514  -7.483  2.125   1.00 21.19 ? 158 GLN B NE2 1 
ATOM   1208 N N   . TYR B 1 59 ? 16.228  -11.847 -0.053  1.00 16.12 ? 159 TYR B N   1 
ATOM   1209 C CA  . TYR B 1 59 ? 17.095  -12.277 -1.142  1.00 16.76 ? 159 TYR B CA  1 
ATOM   1210 C C   . TYR B 1 59 ? 17.461  -11.047 -1.951  1.00 17.61 ? 159 TYR B C   1 
ATOM   1211 O O   . TYR B 1 59 ? 16.603  -10.217 -2.255  1.00 17.64 ? 159 TYR B O   1 
ATOM   1212 C CB  . TYR B 1 59 ? 16.391  -13.283 -2.053  1.00 15.98 ? 159 TYR B CB  1 
ATOM   1213 C CG  . TYR B 1 59 ? 16.035  -14.578 -1.367  1.00 15.56 ? 159 TYR B CG  1 
ATOM   1214 C CD1 . TYR B 1 59 ? 14.873  -14.690 -0.605  1.00 16.03 ? 159 TYR B CD1 1 
ATOM   1215 C CD2 . TYR B 1 59 ? 16.866  -15.695 -1.477  1.00 15.15 ? 159 TYR B CD2 1 
ATOM   1216 C CE1 . TYR B 1 59 ? 14.540  -15.885 0.032   1.00 16.00 ? 159 TYR B CE1 1 
ATOM   1217 C CE2 . TYR B 1 59 ? 16.546  -16.889 -0.844  1.00 15.90 ? 159 TYR B CE2 1 
ATOM   1218 C CZ  . TYR B 1 59 ? 15.381  -16.979 -0.093  1.00 16.53 ? 159 TYR B CZ  1 
ATOM   1219 O OH  . TYR B 1 59 ? 15.061  -18.164 0.533   1.00 17.73 ? 159 TYR B OH  1 
ATOM   1220 N N   . ASP B 1 60 ? 18.733  -10.934 -2.310  1.00 18.42 ? 160 ASP B N   1 
ATOM   1221 C CA  . ASP B 1 60 ? 19.187  -9.782  -3.074  1.00 19.09 ? 160 ASP B CA  1 
ATOM   1222 C C   . ASP B 1 60 ? 19.474  -10.102 -4.535  1.00 19.12 ? 160 ASP B C   1 
ATOM   1223 O O   . ASP B 1 60 ? 19.739  -11.253 -4.894  1.00 18.00 ? 160 ASP B O   1 
ATOM   1224 C CB  . ASP B 1 60 ? 20.435  -9.184  -2.421  1.00 21.06 ? 160 ASP B CB  1 
ATOM   1225 C CG  . ASP B 1 60 ? 20.169  -8.671  -1.017  1.00 23.13 ? 160 ASP B CG  1 
ATOM   1226 O OD1 . ASP B 1 60 ? 19.216  -7.888  -0.840  1.00 24.81 ? 160 ASP B OD1 1 
ATOM   1227 O OD2 . ASP B 1 60 ? 20.917  -9.044  -0.089  1.00 25.25 ? 160 ASP B OD2 1 
ATOM   1228 N N   . GLN B 1 61 ? 19.408  -9.066  -5.367  1.00 18.59 ? 161 GLN B N   1 
ATOM   1229 C CA  . GLN B 1 61 ? 19.672  -9.176  -6.798  1.00 19.35 ? 161 GLN B CA  1 
ATOM   1230 C C   . GLN B 1 61 ? 18.864  -10.267 -7.481  1.00 18.83 ? 161 GLN B C   1 
ATOM   1231 O O   . GLN B 1 61 ? 19.411  -11.114 -8.186  1.00 18.68 ? 161 GLN B O   1 
ATOM   1232 C CB  . GLN B 1 61 ? 21.166  -9.409  -7.036  1.00 21.09 ? 161 GLN B CB  1 
ATOM   1233 C CG  . GLN B 1 61 ? 21.847  -8.267  -7.763  1.00 24.12 ? 161 GLN B CG  1 
ATOM   1234 C CD  . GLN B 1 61 ? 23.354  -8.423  -7.795  1.00 25.28 ? 161 GLN B CD  1 
ATOM   1235 O OE1 . GLN B 1 61 ? 23.994  -8.566  -6.752  1.00 27.00 ? 161 GLN B OE1 1 
ATOM   1236 N NE2 . GLN B 1 61 ? 23.929  -8.400  -8.991  1.00 26.04 ? 161 GLN B NE2 1 
ATOM   1237 N N   . ILE B 1 62 ? 17.554  -10.224 -7.274  1.00 17.69 ? 162 ILE B N   1 
ATOM   1238 C CA  . ILE B 1 62 ? 16.638  -11.194 -7.859  1.00 17.44 ? 162 ILE B CA  1 
ATOM   1239 C C   . ILE B 1 62 ? 15.992  -10.597 -9.105  1.00 17.29 ? 162 ILE B C   1 
ATOM   1240 O O   . ILE B 1 62 ? 15.537  -9.454  -9.091  1.00 16.19 ? 162 ILE B O   1 
ATOM   1241 C CB  . ILE B 1 62 ? 15.522  -11.575 -6.853  1.00 17.34 ? 162 ILE B CB  1 
ATOM   1242 C CG1 . ILE B 1 62 ? 16.131  -12.264 -5.627  1.00 17.24 ? 162 ILE B CG1 1 
ATOM   1243 C CG2 . ILE B 1 62 ? 14.477  -12.458 -7.529  1.00 17.54 ? 162 ILE B CG2 1 
ATOM   1244 C CD1 . ILE B 1 62 ? 16.904  -13.532 -5.931  1.00 17.91 ? 162 ILE B CD1 1 
ATOM   1245 N N   . LEU B 1 63 ? 15.961  -11.366 -10.186 1.00 17.93 ? 163 LEU B N   1 
ATOM   1246 C CA  . LEU B 1 63 ? 15.343  -10.893 -11.417 1.00 19.30 ? 163 LEU B CA  1 
ATOM   1247 C C   . LEU B 1 63 ? 13.835  -11.092 -11.326 1.00 19.52 ? 163 LEU B C   1 
ATOM   1248 O O   . LEU B 1 63 ? 13.356  -12.176 -11.006 1.00 19.28 ? 163 LEU B O   1 
ATOM   1249 C CB  . LEU B 1 63 ? 15.891  -11.660 -12.625 1.00 20.72 ? 163 LEU B CB  1 
ATOM   1250 C CG  . LEU B 1 63 ? 15.290  -11.334 -13.999 1.00 22.82 ? 163 LEU B CG  1 
ATOM   1251 C CD1 . LEU B 1 63 ? 15.365  -9.837  -14.279 1.00 23.77 ? 163 LEU B CD1 1 
ATOM   1252 C CD2 . LEU B 1 63 ? 16.044  -12.111 -15.069 1.00 23.85 ? 163 LEU B CD2 1 
ATOM   1253 N N   . ILE B 1 64 ? 13.090  -10.033 -11.603 1.00 19.63 ? 164 ILE B N   1 
ATOM   1254 C CA  . ILE B 1 64 ? 11.642  -10.105 -11.559 1.00 20.58 ? 164 ILE B CA  1 
ATOM   1255 C C   . ILE B 1 64 ? 11.076  -9.219  -12.654 1.00 20.79 ? 164 ILE B C   1 
ATOM   1256 O O   . ILE B 1 64 ? 11.488  -8.071  -12.814 1.00 20.81 ? 164 ILE B O   1 
ATOM   1257 C CB  . ILE B 1 64 ? 11.112  -9.657  -10.176 1.00 21.51 ? 164 ILE B CB  1 
ATOM   1258 C CG1 . ILE B 1 64 ? 9.583   -9.658  -10.171 1.00 21.77 ? 164 ILE B CG1 1 
ATOM   1259 C CG2 . ILE B 1 64 ? 11.673  -8.283  -9.823  1.00 21.98 ? 164 ILE B CG2 1 
ATOM   1260 C CD1 . ILE B 1 64 ? 8.991   -9.454  -8.787  1.00 23.05 ? 164 ILE B CD1 1 
ATOM   1261 N N   . GLU B 1 65 ? 10.149  -9.763  -13.432 1.00 20.96 ? 165 GLU B N   1 
ATOM   1262 C CA  . GLU B 1 65 ? 9.532   -9.002  -14.505 1.00 22.17 ? 165 GLU B CA  1 
ATOM   1263 C C   . GLU B 1 65 ? 8.149   -8.564  -14.044 1.00 22.14 ? 165 GLU B C   1 
ATOM   1264 O O   . GLU B 1 65 ? 7.340   -9.384  -13.619 1.00 21.88 ? 165 GLU B O   1 
ATOM   1265 C CB  . GLU B 1 65 ? 9.444   -9.863  -15.768 1.00 23.47 ? 165 GLU B CB  1 
ATOM   1266 C CG  . GLU B 1 65 ? 8.742   -9.200  -16.930 1.00 26.24 ? 165 GLU B CG  1 
ATOM   1267 C CD  . GLU B 1 65 ? 8.932   -9.961  -18.229 1.00 27.94 ? 165 GLU B CD  1 
ATOM   1268 O OE1 . GLU B 1 65 ? 8.133   -9.747  -19.164 1.00 30.05 ? 165 GLU B OE1 1 
ATOM   1269 O OE2 . GLU B 1 65 ? 9.885   -10.764 -18.319 1.00 28.67 ? 165 GLU B OE2 1 
ATOM   1270 N N   . ILE B 1 66 ? 7.895   -7.264  -14.112 1.00 22.84 ? 166 ILE B N   1 
ATOM   1271 C CA  . ILE B 1 66 ? 6.616   -6.701  -13.686 1.00 24.18 ? 166 ILE B CA  1 
ATOM   1272 C C   . ILE B 1 66 ? 5.950   -6.045  -14.891 1.00 25.59 ? 166 ILE B C   1 
ATOM   1273 O O   . ILE B 1 66 ? 6.446   -5.048  -15.408 1.00 25.44 ? 166 ILE B O   1 
ATOM   1274 C CB  . ILE B 1 66 ? 6.836   -5.638  -12.589 1.00 23.78 ? 166 ILE B CB  1 
ATOM   1275 C CG1 . ILE B 1 66 ? 7.703   -6.226  -11.472 1.00 23.67 ? 166 ILE B CG1 1 
ATOM   1276 C CG2 . ILE B 1 66 ? 5.493   -5.160  -12.035 1.00 24.44 ? 166 ILE B CG2 1 
ATOM   1277 C CD1 . ILE B 1 66 ? 8.226   -5.195  -10.492 1.00 25.21 ? 166 ILE B CD1 1 
ATOM   1278 N N   . CYS B 1 67 ? 4.831   -6.604  -15.337 1.00 27.37 ? 167 CYS B N   1 
ATOM   1279 C CA  . CYS B 1 67 ? 4.126   -6.067  -16.495 1.00 29.40 ? 167 CYS B CA  1 
ATOM   1280 C C   . CYS B 1 67 ? 5.056   -5.951  -17.690 1.00 29.28 ? 167 CYS B C   1 
ATOM   1281 O O   . CYS B 1 67 ? 4.944   -5.017  -18.482 1.00 29.94 ? 167 CYS B O   1 
ATOM   1282 C CB  . CYS B 1 67 ? 3.546   -4.691  -16.179 1.00 30.78 ? 167 CYS B CB  1 
ATOM   1283 S SG  . CYS B 1 67 ? 2.221   -4.734  -14.984 1.00 36.06 ? 167 CYS B SG  1 
ATOM   1284 N N   . GLY B 1 68 ? 5.979   -6.895  -17.813 1.00 28.99 ? 168 GLY B N   1 
ATOM   1285 C CA  . GLY B 1 68 ? 6.905   -6.858  -18.929 1.00 28.78 ? 168 GLY B CA  1 
ATOM   1286 C C   . GLY B 1 68 ? 8.160   -6.043  -18.679 1.00 28.12 ? 168 GLY B C   1 
ATOM   1287 O O   . GLY B 1 68 ? 9.096   -6.092  -19.475 1.00 28.37 ? 168 GLY B O   1 
ATOM   1288 N N   . HIS B 1 69 ? 8.187   -5.286  -17.585 1.00 27.19 ? 169 HIS B N   1 
ATOM   1289 C CA  . HIS B 1 69 ? 9.359   -4.476  -17.257 1.00 26.81 ? 169 HIS B CA  1 
ATOM   1290 C C   . HIS B 1 69 ? 10.308  -5.272  -16.373 1.00 25.90 ? 169 HIS B C   1 
ATOM   1291 O O   . HIS B 1 69 ? 9.929   -5.714  -15.290 1.00 24.99 ? 169 HIS B O   1 
ATOM   1292 C CB  . HIS B 1 69 ? 8.946   -3.194  -16.529 1.00 27.41 ? 169 HIS B CB  1 
ATOM   1293 C CG  . HIS B 1 69 ? 8.117   -2.270  -17.363 1.00 28.63 ? 169 HIS B CG  1 
ATOM   1294 N ND1 . HIS B 1 69 ? 6.900   -2.637  -17.893 1.00 29.23 ? 169 HIS B ND1 1 
ATOM   1295 C CD2 . HIS B 1 69 ? 8.337   -0.997  -17.769 1.00 28.53 ? 169 HIS B CD2 1 
ATOM   1296 C CE1 . HIS B 1 69 ? 6.404   -1.631  -18.592 1.00 29.46 ? 169 HIS B CE1 1 
ATOM   1297 N NE2 . HIS B 1 69 ? 7.258   -0.624  -18.532 1.00 29.56 ? 169 HIS B NE2 1 
ATOM   1298 N N   . LYS B 1 70 ? 11.542  -5.449  -16.835 1.00 25.30 ? 170 LYS B N   1 
ATOM   1299 C CA  . LYS B 1 70 ? 12.525  -6.202  -16.069 1.00 25.00 ? 170 LYS B CA  1 
ATOM   1300 C C   . LYS B 1 70 ? 13.147  -5.375  -14.959 1.00 23.41 ? 170 LYS B C   1 
ATOM   1301 O O   . LYS B 1 70 ? 13.558  -4.229  -15.161 1.00 23.56 ? 170 LYS B O   1 
ATOM   1302 C CB  . LYS B 1 70 ? 13.631  -6.736  -16.985 1.00 26.56 ? 170 LYS B CB  1 
ATOM   1303 C CG  . LYS B 1 70 ? 13.137  -7.736  -18.014 1.00 28.86 ? 170 LYS B CG  1 
ATOM   1304 C CD  . LYS B 1 70 ? 14.282  -8.306  -18.830 1.00 30.38 ? 170 LYS B CD  1 
ATOM   1305 C CE  . LYS B 1 70 ? 13.759  -9.132  -19.998 1.00 31.62 ? 170 LYS B CE  1 
ATOM   1306 N NZ  . LYS B 1 70 ? 12.828  -10.210 -19.555 1.00 32.74 ? 170 LYS B NZ  1 
ATOM   1307 N N   . ALA B 1 71 ? 13.198  -5.971  -13.774 1.00 20.82 ? 171 ALA B N   1 
ATOM   1308 C CA  . ALA B 1 71 ? 13.775  -5.329  -12.613 1.00 19.16 ? 171 ALA B CA  1 
ATOM   1309 C C   . ALA B 1 71 ? 14.675  -6.340  -11.919 1.00 18.36 ? 171 ALA B C   1 
ATOM   1310 O O   . ALA B 1 71 ? 14.466  -7.552  -12.020 1.00 18.21 ? 171 ALA B O   1 
ATOM   1311 C CB  . ALA B 1 71 ? 12.673  -4.869  -11.661 1.00 18.70 ? 171 ALA B CB  1 
ATOM   1312 N N   . ILE B 1 72 ? 15.692  -5.839  -11.235 1.00 17.15 ? 172 ILE B N   1 
ATOM   1313 C CA  . ILE B 1 72 ? 16.601  -6.694  -10.496 1.00 16.28 ? 172 ILE B CA  1 
ATOM   1314 C C   . ILE B 1 72 ? 16.780  -6.042  -9.141  1.00 15.71 ? 172 ILE B C   1 
ATOM   1315 O O   . ILE B 1 72 ? 17.346  -4.960  -9.035  1.00 15.38 ? 172 ILE B O   1 
ATOM   1316 C CB  . ILE B 1 72 ? 17.971  -6.816  -11.175 1.00 15.78 ? 172 ILE B CB  1 
ATOM   1317 C CG1 . ILE B 1 72 ? 17.804  -7.388  -12.585 1.00 16.26 ? 172 ILE B CG1 1 
ATOM   1318 C CG2 . ILE B 1 72 ? 18.868  -7.723  -10.338 1.00 16.30 ? 172 ILE B CG2 1 
ATOM   1319 C CD1 . ILE B 1 72 ? 19.114  -7.610  -13.320 1.00 15.62 ? 172 ILE B CD1 1 
ATOM   1320 N N   . GLY B 1 73 ? 16.283  -6.690  -8.099  1.00 15.13 ? 173 GLY B N   1 
ATOM   1321 C CA  . GLY B 1 73 ? 16.414  -6.091  -6.792  1.00 14.41 ? 173 GLY B CA  1 
ATOM   1322 C C   . GLY B 1 73 ? 16.149  -7.029  -5.645  1.00 14.30 ? 173 GLY B C   1 
ATOM   1323 O O   . GLY B 1 73 ? 16.098  -8.246  -5.809  1.00 14.68 ? 173 GLY B O   1 
ATOM   1324 N N   . THR B 1 74 ? 15.987  -6.440  -4.470  1.00 13.96 ? 174 THR B N   1 
ATOM   1325 C CA  . THR B 1 74 ? 15.739  -7.201  -3.264  1.00 13.72 ? 174 THR B CA  1 
ATOM   1326 C C   . THR B 1 74 ? 14.293  -7.649  -3.171  1.00 13.16 ? 174 THR B C   1 
ATOM   1327 O O   . THR B 1 74 ? 13.371  -6.868  -3.381  1.00 12.42 ? 174 THR B O   1 
ATOM   1328 C CB  . THR B 1 74 ? 16.096  -6.369  -2.031  1.00 14.62 ? 174 THR B CB  1 
ATOM   1329 O OG1 . THR B 1 74 ? 17.495  -6.052  -2.073  1.00 16.62 ? 174 THR B OG1 1 
ATOM   1330 C CG2 . THR B 1 74 ? 15.783  -7.141  -0.747  1.00 15.22 ? 174 THR B CG2 1 
ATOM   1331 N N   . VAL B 1 75 ? 14.107  -8.926  -2.864  1.00 12.63 ? 175 VAL B N   1 
ATOM   1332 C CA  . VAL B 1 75 ? 12.780  -9.486  -2.729  1.00 13.23 ? 175 VAL B CA  1 
ATOM   1333 C C   . VAL B 1 75 ? 12.701  -10.179 -1.378  1.00 13.15 ? 175 VAL B C   1 
ATOM   1334 O O   . VAL B 1 75 ? 13.610  -10.928 -1.004  1.00 13.49 ? 175 VAL B O   1 
ATOM   1335 C CB  . VAL B 1 75 ? 12.502  -10.515 -3.836  1.00 14.28 ? 175 VAL B CB  1 
ATOM   1336 C CG1 . VAL B 1 75 ? 11.131  -11.142 -3.636  1.00 15.85 ? 175 VAL B CG1 1 
ATOM   1337 C CG2 . VAL B 1 75 ? 12.582  -9.839  -5.198  1.00 15.08 ? 175 VAL B CG2 1 
ATOM   1338 N N   . LEU B 1 76 ? 11.635  -9.906  -0.639  1.00 12.71 ? 176 LEU B N   1 
ATOM   1339 C CA  . LEU B 1 76 ? 11.432  -10.530 0.660   1.00 12.97 ? 176 LEU B CA  1 
ATOM   1340 C C   . LEU B 1 76 ? 10.430  -11.657 0.477   1.00 14.06 ? 176 LEU B C   1 
ATOM   1341 O O   . LEU B 1 76 ? 9.506   -11.541 -0.322  1.00 13.45 ? 176 LEU B O   1 
ATOM   1342 C CB  . LEU B 1 76 ? 10.880  -9.514  1.657   1.00 13.33 ? 176 LEU B CB  1 
ATOM   1343 C CG  . LEU B 1 76 ? 11.702  -8.232  1.785   1.00 13.69 ? 176 LEU B CG  1 
ATOM   1344 C CD1 . LEU B 1 76 ? 11.045  -7.302  2.798   1.00 14.47 ? 176 LEU B CD1 1 
ATOM   1345 C CD2 . LEU B 1 76 ? 13.123  -8.579  2.210   1.00 15.02 ? 176 LEU B CD2 1 
ATOM   1346 N N   . VAL B 1 77 ? 10.617  -12.751 1.210   1.00 13.99 ? 177 VAL B N   1 
ATOM   1347 C CA  . VAL B 1 77 ? 9.706   -13.883 1.114   1.00 14.99 ? 177 VAL B CA  1 
ATOM   1348 C C   . VAL B 1 77 ? 9.220   -14.206 2.513   1.00 15.36 ? 177 VAL B C   1 
ATOM   1349 O O   . VAL B 1 77 ? 10.017  -14.360 3.436   1.00 15.30 ? 177 VAL B O   1 
ATOM   1350 C CB  . VAL B 1 77 ? 10.401  -15.133 0.531   1.00 15.55 ? 177 VAL B CB  1 
ATOM   1351 C CG1 . VAL B 1 77 ? 9.400   -16.278 0.423   1.00 15.76 ? 177 VAL B CG1 1 
ATOM   1352 C CG2 . VAL B 1 77 ? 10.981  -14.810 -0.842  1.00 16.41 ? 177 VAL B CG2 1 
ATOM   1353 N N   . GLY B 1 78 ? 7.907   -14.309 2.671   1.00 15.55 ? 178 GLY B N   1 
ATOM   1354 C CA  . GLY B 1 78 ? 7.371   -14.601 3.985   1.00 16.27 ? 178 GLY B CA  1 
ATOM   1355 C C   . GLY B 1 78 ? 5.873   -14.789 3.994   1.00 16.71 ? 178 GLY B C   1 
ATOM   1356 O O   . GLY B 1 78 ? 5.234   -14.819 2.935   1.00 16.36 ? 178 GLY B O   1 
ATOM   1357 N N   . PRO B 1 79 ? 5.276   -14.902 5.190   1.00 16.78 ? 179 PRO B N   1 
ATOM   1358 C CA  . PRO B 1 79 ? 3.834   -15.094 5.343   1.00 17.12 ? 179 PRO B CA  1 
ATOM   1359 C C   . PRO B 1 79 ? 2.989   -13.861 5.060   1.00 17.02 ? 179 PRO B C   1 
ATOM   1360 O O   . PRO B 1 79 ? 2.198   -13.437 5.900   1.00 17.72 ? 179 PRO B O   1 
ATOM   1361 C CB  . PRO B 1 79 ? 3.708   -15.568 6.789   1.00 17.39 ? 179 PRO B CB  1 
ATOM   1362 C CG  . PRO B 1 79 ? 4.792   -14.806 7.471   1.00 17.08 ? 179 PRO B CG  1 
ATOM   1363 C CD  . PRO B 1 79 ? 5.952   -14.939 6.500   1.00 17.30 ? 179 PRO B CD  1 
ATOM   1364 N N   . THR B 1 80 ? 3.160   -13.282 3.878   1.00 16.41 ? 180 THR B N   1 
ATOM   1365 C CA  . THR B 1 80 ? 2.378   -12.115 3.500   1.00 16.07 ? 180 THR B CA  1 
ATOM   1366 C C   . THR B 1 80 ? 1.048   -12.618 2.944   1.00 16.06 ? 180 THR B C   1 
ATOM   1367 O O   . THR B 1 80 ? 0.994   -13.677 2.332   1.00 16.19 ? 180 THR B O   1 
ATOM   1368 C CB  . THR B 1 80 ? 3.094   -11.285 2.419   1.00 15.54 ? 180 THR B CB  1 
ATOM   1369 O OG1 . THR B 1 80 ? 2.257   -10.191 2.028   1.00 15.39 ? 180 THR B OG1 1 
ATOM   1370 C CG2 . THR B 1 80 ? 3.403   -12.145 1.204   1.00 14.74 ? 180 THR B CG2 1 
ATOM   1371 N N   . PRO B 1 81 ? -0.042  -11.868 3.163   1.00 16.23 ? 181 PRO B N   1 
ATOM   1372 C CA  . PRO B 1 81 ? -1.370  -12.263 2.675   1.00 16.23 ? 181 PRO B CA  1 
ATOM   1373 C C   . PRO B 1 81 ? -1.501  -12.253 1.157   1.00 16.66 ? 181 PRO B C   1 
ATOM   1374 O O   . PRO B 1 81 ? -2.333  -12.962 0.593   1.00 16.75 ? 181 PRO B O   1 
ATOM   1375 C CB  . PRO B 1 81 ? -2.296  -11.239 3.329   1.00 16.08 ? 181 PRO B CB  1 
ATOM   1376 C CG  . PRO B 1 81 ? -1.567  -10.850 4.566   1.00 16.24 ? 181 PRO B CG  1 
ATOM   1377 C CD  . PRO B 1 81 ? -0.150  -10.718 4.077   1.00 16.25 ? 181 PRO B CD  1 
ATOM   1378 N N   . VAL B 1 82 ? -0.678  -11.439 0.502   1.00 16.15 ? 182 VAL B N   1 
ATOM   1379 C CA  . VAL B 1 82 ? -0.694  -11.321 -0.953  1.00 15.68 ? 182 VAL B CA  1 
ATOM   1380 C C   . VAL B 1 82 ? 0.689   -10.890 -1.423  1.00 15.00 ? 182 VAL B C   1 
ATOM   1381 O O   . VAL B 1 82 ? 1.469   -10.338 -0.645  1.00 13.77 ? 182 VAL B O   1 
ATOM   1382 C CB  . VAL B 1 82 ? -1.704  -10.246 -1.435  1.00 16.87 ? 182 VAL B CB  1 
ATOM   1383 C CG1 . VAL B 1 82 ? -3.117  -10.607 -1.004  1.00 18.44 ? 182 VAL B CG1 1 
ATOM   1384 C CG2 . VAL B 1 82 ? -1.312  -8.884  -0.887  1.00 17.62 ? 182 VAL B CG2 1 
ATOM   1385 N N   . ASN B 1 83 ? 0.992   -11.142 -2.693  1.00 13.76 ? 183 ASN B N   1 
ATOM   1386 C CA  . ASN B 1 83 ? 2.277   -10.733 -3.243  1.00 13.19 ? 183 ASN B CA  1 
ATOM   1387 C C   . ASN B 1 83 ? 2.241   -9.223  -3.382  1.00 12.69 ? 183 ASN B C   1 
ATOM   1388 O O   . ASN B 1 83 ? 1.308   -8.673  -3.957  1.00 12.18 ? 183 ASN B O   1 
ATOM   1389 C CB  . ASN B 1 83 ? 2.516   -11.381 -4.607  1.00 13.46 ? 183 ASN B CB  1 
ATOM   1390 C CG  . ASN B 1 83 ? 2.683   -12.878 -4.510  1.00 14.30 ? 183 ASN B CG  1 
ATOM   1391 O OD1 . ASN B 1 83 ? 3.385   -13.370 -3.632  1.00 14.95 ? 183 ASN B OD1 1 
ATOM   1392 N ND2 . ASN B 1 83 ? 2.049   -13.615 -5.421  1.00 14.35 ? 183 ASN B ND2 1 
ATOM   1393 N N   . ILE B 1 84 ? 3.262   -8.562  -2.850  1.00 11.83 ? 184 ILE B N   1 
ATOM   1394 C CA  . ILE B 1 84 ? 3.334   -7.108  -2.865  1.00 12.49 ? 184 ILE B CA  1 
ATOM   1395 C C   . ILE B 1 84 ? 4.576   -6.569  -3.560  1.00 12.23 ? 184 ILE B C   1 
ATOM   1396 O O   . ILE B 1 84 ? 5.694   -6.948  -3.223  1.00 11.74 ? 184 ILE B O   1 
ATOM   1397 C CB  . ILE B 1 84 ? 3.353   -6.560  -1.417  1.00 13.32 ? 184 ILE B CB  1 
ATOM   1398 C CG1 . ILE B 1 84 ? 2.041   -6.905  -0.712  1.00 14.82 ? 184 ILE B CG1 1 
ATOM   1399 C CG2 . ILE B 1 84 ? 3.595   -5.055  -1.416  1.00 14.34 ? 184 ILE B CG2 1 
ATOM   1400 C CD1 . ILE B 1 84 ? 2.090   -6.656  0.778   1.00 16.08 ? 184 ILE B CD1 1 
ATOM   1401 N N   . ILE B 1 85 ? 4.369   -5.675  -4.522  1.00 11.60 ? 185 ILE B N   1 
ATOM   1402 C CA  . ILE B 1 85 ? 5.482   -5.042  -5.208  1.00 11.13 ? 185 ILE B CA  1 
ATOM   1403 C C   . ILE B 1 85 ? 5.593   -3.685  -4.529  1.00 11.33 ? 185 ILE B C   1 
ATOM   1404 O O   . ILE B 1 85 ? 4.703   -2.843  -4.667  1.00 10.93 ? 185 ILE B O   1 
ATOM   1405 C CB  . ILE B 1 85 ? 5.199   -4.839  -6.703  1.00 11.42 ? 185 ILE B CB  1 
ATOM   1406 C CG1 . ILE B 1 85 ? 4.895   -6.194  -7.360  1.00 11.70 ? 185 ILE B CG1 1 
ATOM   1407 C CG2 . ILE B 1 85 ? 6.401   -4.166  -7.366  1.00 11.70 ? 185 ILE B CG2 1 
ATOM   1408 C CD1 . ILE B 1 85 ? 5.990   -7.243  -7.159  1.00 12.70 ? 185 ILE B CD1 1 
ATOM   1409 N N   . GLY B 1 86 ? 6.675   -3.494  -3.778  1.00 10.89 ? 186 GLY B N   1 
ATOM   1410 C CA  . GLY B 1 86 ? 6.875   -2.249  -3.056  1.00 11.12 ? 186 GLY B CA  1 
ATOM   1411 C C   . GLY B 1 86 ? 7.668   -1.180  -3.782  1.00 10.96 ? 186 GLY B C   1 
ATOM   1412 O O   . GLY B 1 86 ? 8.088   -1.347  -4.929  1.00 10.52 ? 186 GLY B O   1 
ATOM   1413 N N   . ARG B 1 87 ? 7.882   -0.064  -3.099  1.00 10.75 ? 187 ARG B N   1 
ATOM   1414 C CA  . ARG B 1 87 ? 8.591   1.054   -3.694  1.00 11.51 ? 187 ARG B CA  1 
ATOM   1415 C C   . ARG B 1 87 ? 9.975   0.731   -4.239  1.00 11.47 ? 187 ARG B C   1 
ATOM   1416 O O   . ARG B 1 87 ? 10.394  1.329   -5.224  1.00 11.77 ? 187 ARG B O   1 
ATOM   1417 C CB  . ARG B 1 87 ? 8.676   2.214   -2.692  1.00 11.44 ? 187 ARG B CB  1 
ATOM   1418 C CG  . ARG B 1 87 ? 7.321   2.858   -2.397  1.00 12.47 ? 187 ARG B CG  1 
ATOM   1419 C CD  . ARG B 1 87 ? 7.447   4.159   -1.583  1.00 12.27 ? 187 ARG B CD  1 
ATOM   1420 N NE  . ARG B 1 87 ? 8.074   3.938   -0.277  1.00 13.46 ? 187 ARG B NE  1 
ATOM   1421 C CZ  . ARG B 1 87 ? 9.360   4.160   -0.016  1.00 14.35 ? 187 ARG B CZ  1 
ATOM   1422 N NH1 . ARG B 1 87 ? 10.169  4.624   -0.962  1.00 13.97 ? 187 ARG B NH1 1 
ATOM   1423 N NH2 . ARG B 1 87 ? 9.847   3.893   1.187   1.00 14.46 ? 187 ARG B NH2 1 
ATOM   1424 N N   . ASN B 1 88 ? 10.682  -0.220  -3.634  1.00 11.65 ? 188 ASN B N   1 
ATOM   1425 C CA  . ASN B 1 88 ? 12.024  -0.525  -4.123  1.00 12.77 ? 188 ASN B CA  1 
ATOM   1426 C C   . ASN B 1 88 ? 12.006  -0.951  -5.591  1.00 13.17 ? 188 ASN B C   1 
ATOM   1427 O O   . ASN B 1 88 ? 12.938  -0.647  -6.338  1.00 14.47 ? 188 ASN B O   1 
ATOM   1428 C CB  . ASN B 1 88 ? 12.707  -1.590  -3.246  1.00 12.96 ? 188 ASN B CB  1 
ATOM   1429 C CG  . ASN B 1 88 ? 12.134  -2.975  -3.445  1.00 13.12 ? 188 ASN B CG  1 
ATOM   1430 O OD1 . ASN B 1 88 ? 10.928  -3.188  -3.311  1.00 13.47 ? 188 ASN B OD1 1 
ATOM   1431 N ND2 . ASN B 1 88 ? 13.002  -3.933  -3.768  1.00 13.54 ? 188 ASN B ND2 1 
ATOM   1432 N N   . LEU B 1 89 ? 10.944  -1.632  -6.020  1.00 12.82 ? 189 LEU B N   1 
ATOM   1433 C CA  . LEU B 1 89 ? 10.858  -2.052  -7.417  1.00 13.47 ? 189 LEU B CA  1 
ATOM   1434 C C   . LEU B 1 89 ? 9.962   -1.124  -8.238  1.00 13.80 ? 189 LEU B C   1 
ATOM   1435 O O   . LEU B 1 89 ? 10.123  -1.014  -9.450  1.00 14.19 ? 189 LEU B O   1 
ATOM   1436 C CB  . LEU B 1 89 ? 10.351  -3.498  -7.522  1.00 13.65 ? 189 LEU B CB  1 
ATOM   1437 C CG  . LEU B 1 89 ? 11.230  -4.559  -6.850  1.00 14.74 ? 189 LEU B CG  1 
ATOM   1438 C CD1 . LEU B 1 89 ? 10.678  -5.943  -7.170  1.00 15.39 ? 189 LEU B CD1 1 
ATOM   1439 C CD2 . LEU B 1 89 ? 12.673  -4.445  -7.332  1.00 15.84 ? 189 LEU B CD2 1 
ATOM   1440 N N   . LEU B 1 90 ? 9.009   -0.461  -7.591  1.00 13.97 ? 190 LEU B N   1 
ATOM   1441 C CA  . LEU B 1 90 ? 8.149   0.460   -8.322  1.00 14.28 ? 190 LEU B CA  1 
ATOM   1442 C C   . LEU B 1 90 ? 9.028   1.562   -8.916  1.00 14.63 ? 190 LEU B C   1 
ATOM   1443 O O   . LEU B 1 90 ? 8.776   2.049   -10.016 1.00 14.56 ? 190 LEU B O   1 
ATOM   1444 C CB  . LEU B 1 90 ? 7.087   1.066   -7.397  1.00 14.32 ? 190 LEU B CB  1 
ATOM   1445 C CG  . LEU B 1 90 ? 6.029   0.091   -6.870  1.00 14.18 ? 190 LEU B CG  1 
ATOM   1446 C CD1 . LEU B 1 90 ? 5.077   0.822   -5.939  1.00 14.04 ? 190 LEU B CD1 1 
ATOM   1447 C CD2 . LEU B 1 90 ? 5.267   -0.523  -8.038  1.00 14.89 ? 190 LEU B CD2 1 
ATOM   1448 N N   . THR B 1 91 ? 10.073  1.946   -8.191  1.00 15.51 ? 191 THR B N   1 
ATOM   1449 C CA  . THR B 1 91 ? 10.972  2.983   -8.684  1.00 15.73 ? 191 THR B CA  1 
ATOM   1450 C C   . THR B 1 91 ? 11.790  2.493   -9.876  1.00 15.91 ? 191 THR B C   1 
ATOM   1451 O O   . THR B 1 91 ? 12.133  3.273   -10.767 1.00 15.22 ? 191 THR B O   1 
ATOM   1452 C CB  . THR B 1 91 ? 11.936  3.473   -7.577  1.00 16.23 ? 191 THR B CB  1 
ATOM   1453 O OG1 . THR B 1 91 ? 12.602  2.352   -6.983  1.00 16.26 ? 191 THR B OG1 1 
ATOM   1454 C CG2 . THR B 1 91 ? 11.172  4.226   -6.504  1.00 15.96 ? 191 THR B CG2 1 
ATOM   1455 N N   . GLN B 1 92 ? 12.095  1.200   -9.899  1.00 15.71 ? 192 GLN B N   1 
ATOM   1456 C CA  . GLN B 1 92 ? 12.875  0.641   -10.999 1.00 16.46 ? 192 GLN B CA  1 
ATOM   1457 C C   . GLN B 1 92 ? 12.115  0.631   -12.316 1.00 17.36 ? 192 GLN B C   1 
ATOM   1458 O O   . GLN B 1 92 ? 12.723  0.714   -13.390 1.00 17.93 ? 192 GLN B O   1 
ATOM   1459 C CB  . GLN B 1 92 ? 13.339  -0.779  -10.667 1.00 16.68 ? 192 GLN B CB  1 
ATOM   1460 C CG  . GLN B 1 92 ? 14.518  -0.822  -9.716  1.00 16.93 ? 192 GLN B CG  1 
ATOM   1461 C CD  . GLN B 1 92 ? 15.225  -2.159  -9.734  1.00 16.41 ? 192 GLN B CD  1 
ATOM   1462 O OE1 . GLN B 1 92 ? 15.271  -2.836  -10.762 1.00 17.25 ? 192 GLN B OE1 1 
ATOM   1463 N NE2 . GLN B 1 92 ? 15.800  -2.538  -8.602  1.00 17.49 ? 192 GLN B NE2 1 
ATOM   1464 N N   . ILE B 1 93 ? 10.792  0.524   -12.248 1.00 17.33 ? 193 ILE B N   1 
ATOM   1465 C CA  . ILE B 1 93 ? 10.003  0.512   -13.471 1.00 17.70 ? 193 ILE B CA  1 
ATOM   1466 C C   . ILE B 1 93 ? 9.475   1.903   -13.819 1.00 17.64 ? 193 ILE B C   1 
ATOM   1467 O O   . ILE B 1 93 ? 8.724   2.069   -14.780 1.00 18.31 ? 193 ILE B O   1 
ATOM   1468 C CB  . ILE B 1 93 ? 8.841   -0.501  -13.385 1.00 17.94 ? 193 ILE B CB  1 
ATOM   1469 C CG1 . ILE B 1 93 ? 7.898   -0.142  -12.236 1.00 18.94 ? 193 ILE B CG1 1 
ATOM   1470 C CG2 . ILE B 1 93 ? 9.404   -1.907  -13.184 1.00 18.47 ? 193 ILE B CG2 1 
ATOM   1471 C CD1 . ILE B 1 93 ? 6.705   -1.075  -12.131 1.00 19.98 ? 193 ILE B CD1 1 
ATOM   1472 N N   . GLY B 1 94 ? 9.886   2.898   -13.037 1.00 17.45 ? 194 GLY B N   1 
ATOM   1473 C CA  . GLY B 1 94 ? 9.483   4.277   -13.281 1.00 17.82 ? 194 GLY B CA  1 
ATOM   1474 C C   . GLY B 1 94 ? 8.038   4.587   -12.943 1.00 17.69 ? 194 GLY B C   1 
ATOM   1475 O O   . GLY B 1 94 ? 7.405   5.430   -13.579 1.00 17.99 ? 194 GLY B O   1 
ATOM   1476 N N   . CYS B 1 95 ? 7.520   3.919   -11.924 1.00 17.25 ? 195 CYS B N   1 
ATOM   1477 C CA  . CYS B 1 95 ? 6.135   4.113   -11.523 1.00 17.14 ? 195 CYS B CA  1 
ATOM   1478 C C   . CYS B 1 95 ? 5.944   5.348   -10.647 1.00 17.05 ? 195 CYS B C   1 
ATOM   1479 O O   . CYS B 1 95 ? 6.695   5.572   -9.698  1.00 17.57 ? 195 CYS B O   1 
ATOM   1480 C CB  . CYS B 1 95 ? 5.646   2.862   -10.786 1.00 17.78 ? 195 CYS B CB  1 
ATOM   1481 S SG  . CYS B 1 95 ? 3.901   2.884   -10.368 1.00 20.52 ? 195 CYS B SG  1 
ATOM   1482 N N   . THR B 1 96 ? 4.942   6.158   -10.976 1.00 16.39 ? 196 THR B N   1 
ATOM   1483 C CA  . THR B 1 96 ? 4.650   7.353   -10.195 1.00 16.44 ? 196 THR B CA  1 
ATOM   1484 C C   . THR B 1 96 ? 3.160   7.421   -9.888  1.00 16.30 ? 196 THR B C   1 
ATOM   1485 O O   . THR B 1 96 ? 2.362   6.727   -10.509 1.00 16.41 ? 196 THR B O   1 
ATOM   1486 C CB  . THR B 1 96 ? 5.030   8.657   -10.953 1.00 16.31 ? 196 THR B CB  1 
ATOM   1487 O OG1 . THR B 1 96 ? 4.280   8.738   -12.172 1.00 15.74 ? 196 THR B OG1 1 
ATOM   1488 C CG2 . THR B 1 96 ? 6.521   8.691   -11.261 1.00 16.94 ? 196 THR B CG2 1 
ATOM   1489 N N   . LEU B 1 97 ? 2.805   8.243   -8.906  1.00 16.59 ? 197 LEU B N   1 
ATOM   1490 C CA  . LEU B 1 97 ? 1.412   8.462   -8.524  1.00 17.42 ? 197 LEU B CA  1 
ATOM   1491 C C   . LEU B 1 97 ? 1.035   9.807   -9.131  1.00 17.29 ? 197 LEU B C   1 
ATOM   1492 O O   . LEU B 1 97 ? 1.783   10.770  -8.992  1.00 18.01 ? 197 LEU B O   1 
ATOM   1493 C CB  . LEU B 1 97 ? 1.266   8.552   -7.005  1.00 17.23 ? 197 LEU B CB  1 
ATOM   1494 C CG  . LEU B 1 97 ? 1.115   7.254   -6.222  1.00 17.07 ? 197 LEU B CG  1 
ATOM   1495 C CD1 . LEU B 1 97 ? 1.042   7.562   -4.737  1.00 18.03 ? 197 LEU B CD1 1 
ATOM   1496 C CD2 . LEU B 1 97 ? -0.151  6.549   -6.679  1.00 17.14 ? 197 LEU B CD2 1 
ATOM   1497 N N   . ASN B 1 98 ? -0.119  9.879   -9.785  1.00 17.82 ? 198 ASN B N   1 
ATOM   1498 C CA  . ASN B 1 98 ? -0.552  11.121  -10.424 1.00 19.23 ? 198 ASN B CA  1 
ATOM   1499 C C   . ASN B 1 98 ? -2.009  11.469  -10.176 1.00 19.90 ? 198 ASN B C   1 
ATOM   1500 O O   . ASN B 1 98 ? -2.859  10.590  -10.092 1.00 19.61 ? 198 ASN B O   1 
ATOM   1501 C CB  . ASN B 1 98 ? -0.343  11.022  -11.934 1.00 19.84 ? 198 ASN B CB  1 
ATOM   1502 C CG  . ASN B 1 98 ? 1.105   10.848  -12.306 1.00 21.67 ? 198 ASN B CG  1 
ATOM   1503 O OD1 . ASN B 1 98 ? 1.827   11.825  -12.494 1.00 24.12 ? 198 ASN B OD1 1 
ATOM   1504 N ND2 . ASN B 1 98 ? 1.545   9.602   -12.398 1.00 21.84 ? 198 ASN B ND2 1 
ATOM   1505 N N   . PHE B 1 99 ? -2.285  12.765  -10.069 1.00 21.67 ? 199 PHE B N   1 
ATOM   1506 C CA  . PHE B 1 99 ? -3.646  13.252  -9.883  1.00 22.84 ? 199 PHE B CA  1 
ATOM   1507 C C   . PHE B 1 99 ? -3.695  14.767  -10.064 1.00 23.72 ? 199 PHE B C   1 
ATOM   1508 O O   . PHE B 1 99 ? -2.610  15.378  -10.157 1.00 23.98 ? 199 PHE B O   1 
ATOM   1509 C CB  . PHE B 1 99 ? -4.187  12.840  -8.506  1.00 23.70 ? 199 PHE B CB  1 
ATOM   1510 C CG  . PHE B 1 99 ? -3.435  13.423  -7.344  1.00 24.64 ? 199 PHE B CG  1 
ATOM   1511 C CD1 . PHE B 1 99 ? -3.711  14.709  -6.893  1.00 25.46 ? 199 PHE B CD1 1 
ATOM   1512 C CD2 . PHE B 1 99 ? -2.473  12.673  -6.679  1.00 25.07 ? 199 PHE B CD2 1 
ATOM   1513 C CE1 . PHE B 1 99 ? -3.042  15.242  -5.792  1.00 25.77 ? 199 PHE B CE1 1 
ATOM   1514 C CE2 . PHE B 1 99 ? -1.795  13.195  -5.576  1.00 25.60 ? 199 PHE B CE2 1 
ATOM   1515 C CZ  . PHE B 1 99 ? -2.082  14.481  -5.132  1.00 25.94 ? 199 PHE B CZ  1 
ATOM   1516 O OXT . PHE B 1 99 ? -4.813  15.320  -10.124 1.00 24.17 ? 199 PHE B OXT 1 
HETATM 1517 C C01 . BEH C 2 .  ? 0.664   -2.290  3.426   1.00 19.87 ? 501 BEH B C01 1 
HETATM 1518 O O02 . BEH C 2 .  ? 1.596   -2.818  2.430   1.00 20.12 ? 501 BEH B O02 1 
HETATM 1519 C C03 . BEH C 2 .  ? 1.282   -1.129  4.165   1.00 19.52 ? 501 BEH B C03 1 
HETATM 1520 O O04 . BEH C 2 .  ? 0.359   -0.560  5.134   1.00 20.56 ? 501 BEH B O04 1 
HETATM 1521 C C05 . BEH C 2 .  ? 0.633   0.838   5.410   1.00 20.76 ? 501 BEH B C05 1 
HETATM 1522 C C06 . BEH C 2 .  ? 1.749   1.057   6.422   1.00 20.80 ? 501 BEH B C06 1 
HETATM 1523 C C07 . BEH C 2 .  ? 1.677   0.428   7.733   1.00 21.86 ? 501 BEH B C07 1 
HETATM 1524 C C08 . BEH C 2 .  ? 2.788   0.532   8.642   1.00 21.63 ? 501 BEH B C08 1 
HETATM 1525 C C09 . BEH C 2 .  ? 3.961   1.269   8.258   1.00 21.67 ? 501 BEH B C09 1 
HETATM 1526 C C10 . BEH C 2 .  ? 4.033   1.907   6.967   1.00 21.32 ? 501 BEH B C10 1 
HETATM 1527 C C11 . BEH C 2 .  ? 2.933   1.806   6.050   1.00 20.94 ? 501 BEH B C11 1 
HETATM 1528 C C12 . BEH C 2 .  ? 2.433   -1.774  4.867   1.00 18.94 ? 501 BEH B C12 1 
HETATM 1529 O O13 . BEH C 2 .  ? 2.233   -2.662  5.701   1.00 19.08 ? 501 BEH B O13 1 
HETATM 1530 N N14 . BEH C 2 .  ? 3.709   -1.345  4.560   1.00 17.68 ? 501 BEH B N14 1 
HETATM 1531 C C15 . BEH C 2 .  ? 4.876   -1.926  5.186   1.00 18.43 ? 501 BEH B C15 1 
HETATM 1532 C C16 . BEH C 2 .  ? 5.545   -2.967  4.321   1.00 18.43 ? 501 BEH B C16 1 
HETATM 1533 C C17 . BEH C 2 .  ? 4.964   -3.918  3.411   1.00 18.84 ? 501 BEH B C17 1 
HETATM 1534 C C18 . BEH C 2 .  ? 5.821   -4.821  2.678   1.00 19.42 ? 501 BEH B C18 1 
HETATM 1535 C C19 . BEH C 2 .  ? 7.250   -4.761  2.858   1.00 19.92 ? 501 BEH B C19 1 
HETATM 1536 C C20 . BEH C 2 .  ? 7.841   -3.809  3.759   1.00 18.43 ? 501 BEH B C20 1 
HETATM 1537 C C21 . BEH C 2 .  ? 6.975   -2.918  4.482   1.00 19.22 ? 501 BEH B C21 1 
HETATM 1538 C C22 . BEH C 2 .  ? 7.348   -1.849  5.451   1.00 19.37 ? 501 BEH B C22 1 
HETATM 1539 C C23 . BEH C 2 .  ? 6.061   -0.986  5.467   1.00 19.13 ? 501 BEH B C23 1 
HETATM 1540 O O24 . BEH C 2 .  ? 6.110   0.001   4.436   1.00 20.05 ? 501 BEH B O24 1 
HETATM 1541 C C31 . BEH C 2 .  ? -0.644  -1.961  2.754   1.00 20.14 ? 501 BEH B C31 1 
HETATM 1542 O O32 . BEH C 2 .  ? -0.320  -1.145  1.595   1.00 19.50 ? 501 BEH B O32 1 
HETATM 1543 C C33 . BEH C 2 .  ? -1.459  -3.189  2.342   1.00 19.55 ? 501 BEH B C33 1 
HETATM 1544 O O34 . BEH C 2 .  ? -0.632  -4.374  2.159   1.00 21.72 ? 501 BEH B O34 1 
HETATM 1545 C C35 . BEH C 2 .  ? -1.077  -5.201  1.055   1.00 21.37 ? 501 BEH B C35 1 
HETATM 1546 C C36 . BEH C 2 .  ? -2.213  -6.159  1.391   1.00 21.31 ? 501 BEH B C36 1 
HETATM 1547 C C37 . BEH C 2 .  ? -3.377  -6.230  0.537   1.00 21.35 ? 501 BEH B C37 1 
HETATM 1548 C C38 . BEH C 2 .  ? -4.483  -7.087  0.886   1.00 22.16 ? 501 BEH B C38 1 
HETATM 1549 C C39 . BEH C 2 .  ? -4.427  -7.878  2.085   1.00 22.04 ? 501 BEH B C39 1 
HETATM 1550 C C40 . BEH C 2 .  ? -3.268  -7.821  2.940   1.00 21.90 ? 501 BEH B C40 1 
HETATM 1551 C C41 . BEH C 2 .  ? -2.160  -6.967  2.599   1.00 22.04 ? 501 BEH B C41 1 
HETATM 1552 C C42 . BEH C 2 .  ? -2.484  -3.450  3.430   1.00 19.30 ? 501 BEH B C42 1 
HETATM 1553 O O43 . BEH C 2 .  ? -2.143  -3.678  4.601   1.00 19.02 ? 501 BEH B O43 1 
HETATM 1554 N N44 . BEH C 2 .  ? -3.815  -3.492  3.079   1.00 18.01 ? 501 BEH B N44 1 
HETATM 1555 C C45 . BEH C 2 .  ? -4.838  -3.751  4.073   1.00 19.26 ? 501 BEH B C45 1 
HETATM 1556 C C46 . BEH C 2 .  ? -5.800  -2.735  4.393   1.00 19.21 ? 501 BEH B C46 1 
HETATM 1557 C C47 . BEH C 2 .  ? -7.217  -3.048  4.374   1.00 20.31 ? 501 BEH B C47 1 
HETATM 1558 C C48 . BEH C 2 .  ? -8.178  -2.027  4.702   1.00 20.66 ? 501 BEH B C48 1 
HETATM 1559 C C49 . BEH C 2 .  ? -7.734  -0.703  5.048   1.00 20.93 ? 501 BEH B C49 1 
HETATM 1560 C C50 . BEH C 2 .  ? -6.328  -0.387  5.068   1.00 20.58 ? 501 BEH B C50 1 
HETATM 1561 C C51 . BEH C 2 .  ? -5.361  -1.400  4.741   1.00 20.12 ? 501 BEH B C51 1 
HETATM 1562 O O   . HOH D 3 .  ? -8.135  5.801   -9.753  1.00 17.00 ? 303 HOH A O   1 
HETATM 1563 O O   . HOH D 3 .  ? -15.851 12.309  -3.386  1.00 18.14 ? 306 HOH A O   1 
HETATM 1564 O O   . HOH D 3 .  ? -5.461  -2.283  -2.944  1.00 17.64 ? 307 HOH A O   1 
HETATM 1565 O O   . HOH D 3 .  ? -9.845  7.820   -10.292 1.00 21.58 ? 314 HOH A O   1 
HETATM 1566 O O   . HOH D 3 .  ? -4.405  10.788  -12.848 1.00 25.44 ? 317 HOH A O   1 
HETATM 1567 O O   . HOH D 3 .  ? -13.400 3.876   -4.831  1.00 25.89 ? 321 HOH A O   1 
HETATM 1568 O O   . HOH D 3 .  ? -5.510  -4.200  -1.249  1.00 23.78 ? 324 HOH A O   1 
HETATM 1569 O O   . HOH D 3 .  ? 7.085   10.210  -2.414  1.00 28.20 ? 325 HOH A O   1 
HETATM 1570 O O   . HOH D 3 .  ? -11.883 0.335   -2.175  1.00 28.21 ? 326 HOH A O   1 
HETATM 1571 O O   . HOH D 3 .  ? -14.339 14.030  -4.947  1.00 28.19 ? 329 HOH A O   1 
HETATM 1572 O O   . HOH D 3 .  ? -4.088  5.208   17.352  1.00 31.12 ? 330 HOH A O   1 
HETATM 1573 O O   . HOH D 3 .  ? 8.415   4.846   11.264  1.00 52.30 ? 341 HOH A O   1 
HETATM 1574 O O   . HOH D 3 .  ? -12.353 3.408   4.600   1.00 26.64 ? 342 HOH A O   1 
HETATM 1575 O O   . HOH D 3 .  ? -6.852  -4.265  17.344  1.00 27.98 ? 343 HOH A O   1 
HETATM 1576 O O   . HOH D 3 .  ? -9.424  -6.818  5.653   1.00 26.71 ? 344 HOH A O   1 
HETATM 1577 O O   . HOH D 3 .  ? 10.534  7.695   2.918   1.00 30.76 ? 348 HOH A O   1 
HETATM 1578 O O   . HOH D 3 .  ? -17.628 8.583   20.104  1.00 55.79 ? 349 HOH A O   1 
HETATM 1579 O O   . HOH D 3 .  ? -0.411  0.184   16.311  1.00 46.29 ? 350 HOH A O   1 
HETATM 1580 O O   . HOH D 3 .  ? 0.973   9.279   9.401   1.00 31.49 ? 352 HOH A O   1 
HETATM 1581 O O   . HOH D 3 .  ? -15.393 2.154   1.446   1.00 36.03 ? 353 HOH A O   1 
HETATM 1582 O O   . HOH D 3 .  ? -18.536 21.584  0.793   1.00 56.18 ? 355 HOH A O   1 
HETATM 1583 O O   . HOH D 3 .  ? 10.000  10.588  -3.921  1.00 25.54 ? 357 HOH A O   1 
HETATM 1584 O O   . HOH D 3 .  ? -11.928 1.796   -4.504  1.00 32.27 ? 359 HOH A O   1 
HETATM 1585 O O   . HOH D 3 .  ? -16.215 3.361   -5.535  1.00 38.33 ? 364 HOH A O   1 
HETATM 1586 O O   . HOH D 3 .  ? -17.218 14.784  7.598   1.00 31.33 ? 365 HOH A O   1 
HETATM 1587 O O   . HOH D 3 .  ? -11.235 14.381  -9.213  1.00 35.01 ? 369 HOH A O   1 
HETATM 1588 O O   . HOH D 3 .  ? -7.534  -6.876  17.890  1.00 51.67 ? 370 HOH A O   1 
HETATM 1589 O O   . HOH D 3 .  ? -20.372 3.090   9.985   1.00 41.32 ? 373 HOH A O   1 
HETATM 1590 O O   . HOH D 3 .  ? 8.296   10.612  2.840   1.00 48.69 ? 378 HOH A O   1 
HETATM 1591 O O   . HOH D 3 .  ? 7.768   14.528  -9.172  1.00 38.91 ? 380 HOH A O   1 
HETATM 1592 O O   . HOH D 3 .  ? -7.317  10.829  -13.570 1.00 44.37 ? 383 HOH A O   1 
HETATM 1593 O O   . HOH D 3 .  ? -9.651  13.569  18.147  1.00 35.88 ? 384 HOH A O   1 
HETATM 1594 O O   . HOH D 3 .  ? -10.948 13.258  -11.607 1.00 43.40 ? 385 HOH A O   1 
HETATM 1595 O O   . HOH D 3 .  ? 4.252   17.431  -9.888  1.00 39.83 ? 388 HOH A O   1 
HETATM 1596 O O   . HOH D 3 .  ? -6.270  -3.722  1.411   1.00 23.66 ? 389 HOH A O   1 
HETATM 1597 O O   . HOH D 3 .  ? 7.285   2.220   9.333   1.00 45.16 ? 393 HOH A O   1 
HETATM 1598 O O   . HOH D 3 .  ? -20.851 6.593   10.032  1.00 35.75 ? 395 HOH A O   1 
HETATM 1599 O O   . HOH D 3 .  ? -18.535 8.671   17.113  1.00 48.66 ? 398 HOH A O   1 
HETATM 1600 O O   . HOH D 3 .  ? 2.854   7.479   12.226  1.00 41.12 ? 399 HOH A O   1 
HETATM 1601 O O   . HOH D 3 .  ? -5.337  19.192  2.257   1.00 44.78 ? 402 HOH A O   1 
HETATM 1602 O O   . HOH D 3 .  ? -13.941 15.493  -8.001  1.00 42.65 ? 404 HOH A O   1 
HETATM 1603 O O   . HOH D 3 .  ? -15.941 4.904   0.630   1.00 13.67 ? 408 HOH A O   1 
HETATM 1604 O O   . HOH D 3 .  ? -19.218 6.475   3.121   1.00 32.23 ? 409 HOH A O   1 
HETATM 1605 O O   . HOH D 3 .  ? -7.245  -7.746  4.351   1.00 31.55 ? 411 HOH A O   1 
HETATM 1606 O O   . HOH D 3 .  ? -14.080 15.942  8.034   1.00 36.44 ? 414 HOH A O   1 
HETATM 1607 O O   . HOH D 3 .  ? -4.655  -11.242 13.722  1.00 35.00 ? 419 HOH A O   1 
HETATM 1608 O O   . HOH D 3 .  ? -6.028  10.361  13.062  1.00 39.35 ? 420 HOH A O   1 
HETATM 1609 O O   . HOH D 3 .  ? -13.982 -1.300  16.984  1.00 37.38 ? 422 HOH A O   1 
HETATM 1610 O O   . HOH D 3 .  ? 5.028   12.829  -1.141  1.00 44.85 ? 424 HOH A O   1 
HETATM 1611 O O   . HOH D 3 .  ? -4.342  -3.729  18.043  1.00 39.58 ? 425 HOH A O   1 
HETATM 1612 O O   . HOH D 3 .  ? -1.929  4.544   16.051  1.00 36.67 ? 426 HOH A O   1 
HETATM 1613 O O   . HOH D 3 .  ? -21.449 1.278   17.270  1.00 44.88 ? 429 HOH A O   1 
HETATM 1614 O O   . HOH D 3 .  ? 4.708   11.576  8.724   1.00 42.40 ? 430 HOH A O   1 
HETATM 1615 O O   . HOH D 3 .  ? -0.095  13.171  11.455  1.00 43.56 ? 432 HOH A O   1 
HETATM 1616 O O   . HOH D 3 .  ? 2.104   -10.005 13.633  1.00 37.98 ? 433 HOH A O   1 
HETATM 1617 O O   . HOH E 3 .  ? 28.325  -16.875 2.269   1.00 58.54 ? 301 HOH B O   1 
HETATM 1618 O O   . HOH E 3 .  ? 15.983  -3.278  -4.297  1.00 14.59 ? 302 HOH B O   1 
HETATM 1619 O O   . HOH E 3 .  ? -11.430 7.434   -13.300 1.00 18.55 ? 304 HOH B O   1 
HETATM 1620 O O   . HOH E 3 .  ? -0.153  -4.100  6.291   1.00 14.86 ? 305 HOH B O   1 
HETATM 1621 O O   . HOH E 3 .  ? 20.164  -4.940  -8.813  1.00 21.48 ? 308 HOH B O   1 
HETATM 1622 O O   . HOH E 3 .  ? 13.678  -14.695 -11.569 1.00 22.31 ? 309 HOH B O   1 
HETATM 1623 O O   . HOH E 3 .  ? 19.289  -6.452  -4.447  1.00 22.51 ? 310 HOH B O   1 
HETATM 1624 O O   . HOH E 3 .  ? 5.639   3.555   1.179   1.00 18.12 ? 311 HOH B O   1 
HETATM 1625 O O   . HOH E 3 .  ? 12.225  -5.790  -1.050  1.00 17.17 ? 312 HOH B O   1 
HETATM 1626 O O   . HOH E 3 .  ? -9.507  0.088   -11.591 1.00 22.74 ? 315 HOH B O   1 
HETATM 1627 O O   . HOH E 3 .  ? 15.839  -1.030  -5.973  1.00 25.07 ? 316 HOH B O   1 
HETATM 1628 O O   . HOH E 3 .  ? 1.338   -16.213 2.557   1.00 26.18 ? 318 HOH B O   1 
HETATM 1629 O O   . HOH E 3 .  ? -10.444 -5.249  -6.435  1.00 25.20 ? 319 HOH B O   1 
HETATM 1630 O O   . HOH E 3 .  ? -6.199  -11.437 2.988   1.00 57.63 ? 320 HOH B O   1 
HETATM 1631 O O   . HOH E 3 .  ? -0.996  -11.972 -4.844  1.00 26.51 ? 322 HOH B O   1 
HETATM 1632 O O   . HOH E 3 .  ? -0.331  -15.564 -7.917  1.00 26.29 ? 323 HOH B O   1 
HETATM 1633 O O   . HOH E 3 .  ? -6.258  -2.221  -14.578 1.00 52.81 ? 327 HOH B O   1 
HETATM 1634 O O   . HOH E 3 .  ? 17.117  -14.060 -9.979  1.00 26.19 ? 328 HOH B O   1 
HETATM 1635 O O   . HOH E 3 .  ? 14.455  2.720   -5.066  1.00 29.79 ? 331 HOH B O   1 
HETATM 1636 O O   . HOH E 3 .  ? 22.963  -10.576 0.436   1.00 48.23 ? 333 HOH B O   1 
HETATM 1637 O O   . HOH E 3 .  ? 13.881  -13.680 9.159   1.00 29.05 ? 334 HOH B O   1 
HETATM 1638 O O   . HOH E 3 .  ? 8.685   -20.997 -17.559 1.00 27.66 ? 335 HOH B O   1 
HETATM 1639 O O   . HOH E 3 .  ? 5.428   2.709   3.731   1.00 35.06 ? 336 HOH B O   1 
HETATM 1640 O O   . HOH E 3 .  ? 12.088  1.452   -0.666  1.00 28.33 ? 337 HOH B O   1 
HETATM 1641 O O   . HOH E 3 .  ? 3.324   -17.720 2.152   1.00 29.32 ? 338 HOH B O   1 
HETATM 1642 O O   . HOH E 3 .  ? 12.403  -3.445  9.800   1.00 45.21 ? 339 HOH B O   1 
HETATM 1643 O O   . HOH E 3 .  ? 15.090  -6.127  10.343  1.00 32.09 ? 340 HOH B O   1 
HETATM 1644 O O   . HOH E 3 .  ? 3.672   -2.391  12.556  1.00 30.91 ? 345 HOH B O   1 
HETATM 1645 O O   . HOH E 3 .  ? 5.509   -9.671  -16.455 1.00 31.45 ? 346 HOH B O   1 
HETATM 1646 O O   . HOH E 3 .  ? 0.889   -11.542 7.771   1.00 33.31 ? 347 HOH B O   1 
HETATM 1647 O O   . HOH E 3 .  ? 8.179   3.129   -17.032 1.00 34.12 ? 351 HOH B O   1 
HETATM 1648 O O   . HOH E 3 .  ? 20.431  -13.399 -1.841  1.00 30.69 ? 354 HOH B O   1 
HETATM 1649 O O   . HOH E 3 .  ? 8.937   6.700   -8.766  1.00 23.51 ? 356 HOH B O   1 
HETATM 1650 O O   . HOH E 3 .  ? 5.545   7.634   -14.436 1.00 25.49 ? 358 HOH B O   1 
HETATM 1651 O O   . HOH E 3 .  ? 11.841  -15.636 -14.597 1.00 31.61 ? 360 HOH B O   1 
HETATM 1652 O O   . HOH E 3 .  ? -3.593  -11.961 -16.341 1.00 60.60 ? 361 HOH B O   1 
HETATM 1653 O O   . HOH E 3 .  ? 3.651   -19.840 -14.600 1.00 33.46 ? 362 HOH B O   1 
HETATM 1654 O O   . HOH E 3 .  ? 27.042  -14.358 2.512   1.00 50.14 ? 366 HOH B O   1 
HETATM 1655 O O   . HOH E 3 .  ? 11.725  -13.079 -14.275 1.00 41.70 ? 367 HOH B O   1 
HETATM 1656 O O   . HOH E 3 .  ? -3.794  -11.369 -5.094  1.00 34.33 ? 368 HOH B O   1 
HETATM 1657 O O   . HOH E 3 .  ? 2.085   -16.527 -5.266  1.00 27.84 ? 371 HOH B O   1 
HETATM 1658 O O   . HOH E 3 .  ? -8.039  -6.149  -9.588  1.00 28.39 ? 372 HOH B O   1 
HETATM 1659 O O   . HOH E 3 .  ? -6.997  0.912   -14.825 1.00 46.11 ? 375 HOH B O   1 
HETATM 1660 O O   . HOH E 3 .  ? -4.504  18.050  -10.384 1.00 46.26 ? 376 HOH B O   1 
HETATM 1661 O O   . HOH E 3 .  ? -8.063  6.656   -17.033 1.00 42.57 ? 377 HOH B O   1 
HETATM 1662 O O   . HOH E 3 .  ? -12.284 -2.381  -5.144  1.00 35.40 ? 379 HOH B O   1 
HETATM 1663 O O   . HOH E 3 .  ? 12.330  -3.970  -19.248 1.00 42.66 ? 381 HOH B O   1 
HETATM 1664 O O   . HOH E 3 .  ? 15.223  -4.846  2.210   1.00 36.34 ? 382 HOH B O   1 
HETATM 1665 O O   . HOH E 3 .  ? 12.568  3.262   -3.249  1.00 31.06 ? 386 HOH B O   1 
HETATM 1666 O O   . HOH E 3 .  ? 14.924  -16.461 -9.327  1.00 42.80 ? 387 HOH B O   1 
HETATM 1667 O O   . HOH E 3 .  ? 23.041  -14.639 4.447   1.00 25.81 ? 390 HOH B O   1 
HETATM 1668 O O   . HOH E 3 .  ? -6.476  -1.287  -10.517 1.00 29.93 ? 391 HOH B O   1 
HETATM 1669 O O   . HOH E 3 .  ? 5.163   -16.068 -4.209  1.00 27.97 ? 392 HOH B O   1 
HETATM 1670 O O   . HOH E 3 .  ? 3.861   -7.964  15.824  1.00 40.68 ? 394 HOH B O   1 
HETATM 1671 O O   . HOH E 3 .  ? 4.360   -13.210 13.048  1.00 53.10 ? 396 HOH B O   1 
HETATM 1672 O O   . HOH E 3 .  ? -11.771 -0.441  -13.078 1.00 36.22 ? 400 HOH B O   1 
HETATM 1673 O O   . HOH E 3 .  ? 21.632  -11.155 -10.211 1.00 40.13 ? 401 HOH B O   1 
HETATM 1674 O O   . HOH E 3 .  ? 0.371   -7.924  16.722  1.00 53.82 ? 403 HOH B O   1 
HETATM 1675 O O   . HOH E 3 .  ? 0.920   14.182  -13.318 1.00 40.47 ? 405 HOH B O   1 
HETATM 1676 O O   . HOH E 3 .  ? -4.944  -12.961 1.179   1.00 38.48 ? 406 HOH B O   1 
HETATM 1677 O O   . HOH E 3 .  ? 12.275  -16.051 8.479   1.00 50.37 ? 407 HOH B O   1 
HETATM 1678 O O   . HOH E 3 .  ? 20.225  -11.501 1.264   1.00 30.21 ? 410 HOH B O   1 
HETATM 1679 O O   . HOH E 3 .  ? 9.003   -2.487  8.634   1.00 32.73 ? 412 HOH B O   1 
HETATM 1680 O O   . HOH E 3 .  ? 6.948   -0.755  8.863   1.00 35.01 ? 413 HOH B O   1 
HETATM 1681 O O   . HOH E 3 .  ? -0.259  -7.567  -16.038 1.00 35.14 ? 415 HOH B O   1 
HETATM 1682 O O   . HOH E 3 .  ? -7.291  14.764  -10.227 1.00 38.17 ? 416 HOH B O   1 
HETATM 1683 O O   . HOH E 3 .  ? 16.802  -20.342 0.031   1.00 33.62 ? 417 HOH B O   1 
HETATM 1684 O O   . HOH E 3 .  ? 6.471   -14.076 11.248  1.00 41.00 ? 418 HOH B O   1 
HETATM 1685 O O   . HOH E 3 .  ? 10.865  -2.404  5.913   1.00 44.18 ? 421 HOH B O   1 
HETATM 1686 O O   . HOH E 3 .  ? 5.522   -0.283  11.744  1.00 43.09 ? 423 HOH B O   1 
HETATM 1687 O O   . HOH E 3 .  ? 18.204  -7.856  6.245   1.00 44.85 ? 427 HOH B O   1 
HETATM 1688 O O   . HOH E 3 .  ? 2.529   -6.240  17.382  1.00 46.70 ? 428 HOH B O   1 
HETATM 1689 O O   . HOH E 3 .  ? -5.975  -9.381  -4.253  1.00 41.62 ? 431 HOH B O   1 
HETATM 1690 O O   . HOH E 3 .  ? -6.972  -10.768 -0.320  1.00 44.02 ? 434 HOH B O   1 
# 
